data_7MZZ
#
_entry.id   7MZZ
#
_entity_poly.entity_id   1
_entity_poly.type   'polypeptide(L)'
_entity_poly.pdbx_seq_one_letter_code
;SRSAEIFPRDSNLKDKFIKHFTGPVTFSPECSKHFHRLYYNTRECSTPAYYKRCARLLTRLAVSPLCSQT
;
_entity_poly.pdbx_strand_id   A
#
# COMPACT_ATOMS: atom_id res chain seq x y z
N SER A 1 8.81 -18.74 2.56
CA SER A 1 8.25 -18.42 3.89
C SER A 1 8.41 -16.91 4.18
N ARG A 2 7.29 -16.19 4.26
CA ARG A 2 7.28 -14.73 4.56
C ARG A 2 6.29 -14.46 5.70
N SER A 3 6.83 -13.90 6.82
CA SER A 3 6.12 -13.69 8.09
C SER A 3 4.88 -12.79 7.93
N ALA A 4 3.74 -13.23 8.46
CA ALA A 4 2.50 -12.44 8.47
C ALA A 4 2.41 -11.69 9.80
N GLU A 5 2.66 -10.36 9.76
CA GLU A 5 2.62 -9.48 10.97
C GLU A 5 1.21 -9.44 11.60
N ILE A 6 0.22 -9.77 10.77
CA ILE A 6 -1.20 -9.80 11.15
C ILE A 6 -1.64 -11.15 11.72
N PHE A 7 -2.88 -11.18 12.20
CA PHE A 7 -3.50 -12.33 12.88
C PHE A 7 -4.56 -13.00 11.95
N PRO A 8 -5.61 -12.26 11.40
CA PRO A 8 -6.66 -12.90 10.55
C PRO A 8 -6.21 -13.18 9.10
N ARG A 9 -6.91 -14.10 8.44
CA ARG A 9 -6.58 -14.59 7.07
C ARG A 9 -7.61 -14.05 6.04
N ASP A 10 -7.17 -13.08 5.20
CA ASP A 10 -8.03 -12.42 4.19
C ASP A 10 -7.16 -11.68 3.15
N SER A 11 -7.67 -11.55 1.90
CA SER A 11 -6.93 -10.90 0.80
C SER A 11 -6.93 -9.36 0.97
N ASN A 12 -8.12 -8.80 1.25
CA ASN A 12 -8.32 -7.34 1.41
C ASN A 12 -7.78 -6.84 2.76
N LEU A 13 -7.40 -7.80 3.64
CA LEU A 13 -6.78 -7.53 4.94
C LEU A 13 -5.51 -6.67 4.76
N LYS A 14 -4.69 -6.99 3.72
CA LYS A 14 -3.43 -6.26 3.45
C LYS A 14 -3.72 -4.76 3.22
N ASP A 15 -4.67 -4.47 2.30
CA ASP A 15 -5.12 -3.10 1.99
C ASP A 15 -5.73 -2.41 3.22
N LYS A 16 -6.51 -3.18 4.01
CA LYS A 16 -7.19 -2.69 5.21
C LYS A 16 -6.20 -2.20 6.28
N PHE A 17 -5.23 -3.07 6.60
CA PHE A 17 -4.18 -2.81 7.59
C PHE A 17 -3.36 -1.59 7.19
N ILE A 18 -2.87 -1.63 5.94
CA ILE A 18 -2.03 -0.60 5.36
C ILE A 18 -2.75 0.76 5.34
N LYS A 19 -4.02 0.78 4.91
CA LYS A 19 -4.78 2.05 4.76
C LYS A 19 -5.11 2.65 6.15
N HIS A 20 -5.21 1.77 7.18
CA HIS A 20 -5.38 2.19 8.59
C HIS A 20 -4.04 2.72 9.16
N PHE A 21 -2.91 2.21 8.64
CA PHE A 21 -1.56 2.61 9.09
C PHE A 21 -1.09 3.91 8.39
N THR A 22 -1.45 4.08 7.11
CA THR A 22 -1.04 5.23 6.27
C THR A 22 -2.03 6.38 6.45
N GLY A 23 -3.31 6.02 6.61
CA GLY A 23 -4.40 7.00 6.66
C GLY A 23 -5.06 7.16 5.29
N PRO A 24 -5.78 8.30 5.03
CA PRO A 24 -6.38 8.59 3.71
C PRO A 24 -5.28 8.86 2.64
N VAL A 25 -4.87 7.78 1.95
CA VAL A 25 -3.91 7.88 0.82
C VAL A 25 -4.54 8.66 -0.36
N THR A 26 -5.81 8.32 -0.68
CA THR A 26 -6.63 8.93 -1.74
C THR A 26 -5.84 9.12 -3.07
N PHE A 27 -5.51 7.99 -3.70
CA PHE A 27 -4.73 7.95 -4.94
C PHE A 27 -5.55 8.44 -6.14
N SER A 28 -4.96 9.39 -6.90
CA SER A 28 -5.50 9.91 -8.18
C SER A 28 -5.59 8.78 -9.26
N PRO A 29 -6.37 8.96 -10.38
CA PRO A 29 -6.42 8.00 -11.53
C PRO A 29 -5.02 7.55 -12.04
N GLU A 30 -4.04 8.47 -12.01
CA GLU A 30 -2.64 8.20 -12.39
C GLU A 30 -2.00 7.30 -11.32
N CYS A 31 -2.19 7.73 -10.07
CA CYS A 31 -1.69 7.03 -8.88
C CYS A 31 -2.32 5.64 -8.71
N SER A 32 -3.46 5.39 -9.39
CA SER A 32 -4.13 4.08 -9.39
C SER A 32 -3.27 3.07 -10.15
N LYS A 33 -2.72 3.48 -11.32
CA LYS A 33 -1.76 2.67 -12.09
C LYS A 33 -0.48 2.47 -11.27
N HIS A 34 0.07 3.60 -10.78
CA HIS A 34 1.32 3.61 -9.98
C HIS A 34 1.16 2.78 -8.70
N PHE A 35 -0.10 2.73 -8.17
CA PHE A 35 -0.44 1.90 -7.01
C PHE A 35 -0.33 0.43 -7.39
N HIS A 36 -0.98 0.04 -8.49
CA HIS A 36 -0.99 -1.36 -8.97
C HIS A 36 0.45 -1.84 -9.26
N ARG A 37 1.29 -0.92 -9.75
CA ARG A 37 2.70 -1.18 -10.04
C ARG A 37 3.47 -1.50 -8.75
N LEU A 38 3.57 -0.52 -7.85
CA LEU A 38 4.43 -0.63 -6.64
C LEU A 38 3.81 -1.60 -5.59
N TYR A 39 2.50 -1.94 -5.75
CA TYR A 39 1.79 -2.90 -4.86
C TYR A 39 2.06 -4.35 -5.29
N TYR A 40 1.84 -4.63 -6.59
CA TYR A 40 1.92 -6.02 -7.13
C TYR A 40 3.32 -6.38 -7.68
N ASN A 41 4.20 -5.40 -7.89
CA ASN A 41 5.53 -5.64 -8.54
C ASN A 41 6.69 -5.58 -7.53
N THR A 42 6.50 -4.95 -6.36
CA THR A 42 7.57 -4.86 -5.33
C THR A 42 7.46 -6.02 -4.35
N ARG A 43 8.58 -6.30 -3.65
CA ARG A 43 8.64 -7.27 -2.55
C ARG A 43 7.99 -6.67 -1.29
N GLU A 44 7.96 -5.33 -1.22
CA GLU A 44 7.50 -4.58 -0.04
C GLU A 44 6.00 -4.80 0.20
N CYS A 45 5.22 -4.63 -0.87
CA CYS A 45 3.76 -4.77 -0.83
C CYS A 45 3.30 -6.17 -1.24
N SER A 46 4.26 -7.07 -1.53
CA SER A 46 3.99 -8.50 -1.79
C SER A 46 4.12 -9.30 -0.47
N THR A 47 5.14 -8.93 0.31
CA THR A 47 5.47 -9.60 1.58
C THR A 47 4.63 -9.00 2.74
N PRO A 48 3.94 -9.86 3.56
CA PRO A 48 3.17 -9.39 4.73
C PRO A 48 4.08 -8.96 5.90
N ALA A 49 5.36 -9.37 5.86
CA ALA A 49 6.38 -8.93 6.84
C ALA A 49 6.84 -7.50 6.54
N TYR A 50 6.77 -7.12 5.25
CA TYR A 50 7.23 -5.81 4.75
C TYR A 50 6.09 -4.79 4.73
N TYR A 51 5.10 -4.96 5.63
CA TYR A 51 3.98 -4.00 5.82
C TYR A 51 4.48 -2.56 6.06
N LYS A 52 5.58 -2.43 6.83
CA LYS A 52 6.16 -1.11 7.17
C LYS A 52 6.74 -0.46 5.92
N ARG A 53 7.51 -1.26 5.12
CA ARG A 53 8.14 -0.80 3.86
C ARG A 53 7.07 -0.36 2.84
N CYS A 54 6.00 -1.17 2.77
CA CYS A 54 4.85 -0.95 1.89
C CYS A 54 4.10 0.32 2.29
N ALA A 55 4.01 0.56 3.61
CA ALA A 55 3.35 1.74 4.18
C ALA A 55 4.10 3.02 3.79
N ARG A 56 5.45 2.95 3.86
CA ARG A 56 6.34 4.08 3.50
C ARG A 56 6.18 4.44 2.02
N LEU A 57 6.22 3.40 1.17
CA LEU A 57 6.27 3.54 -0.29
C LEU A 57 4.89 3.98 -0.86
N LEU A 58 3.79 3.56 -0.18
CA LEU A 58 2.39 3.94 -0.56
C LEU A 58 2.08 5.36 -0.11
N THR A 59 2.57 5.72 1.08
CA THR A 59 2.49 7.09 1.59
C THR A 59 3.32 8.03 0.69
N ARG A 60 4.50 7.54 0.25
CA ARG A 60 5.42 8.30 -0.61
C ARG A 60 4.78 8.55 -1.97
N LEU A 61 4.02 7.55 -2.46
CA LEU A 61 3.22 7.70 -3.68
C LEU A 61 2.11 8.76 -3.47
N ALA A 62 1.45 8.70 -2.29
CA ALA A 62 0.35 9.62 -1.94
C ALA A 62 0.82 11.09 -1.80
N VAL A 63 2.10 11.29 -1.45
CA VAL A 63 2.71 12.65 -1.32
C VAL A 63 3.42 13.07 -2.63
N SER A 64 3.58 12.13 -3.58
CA SER A 64 4.12 12.43 -4.92
C SER A 64 3.19 13.43 -5.66
N PRO A 65 3.76 14.37 -6.51
CA PRO A 65 2.98 15.42 -7.24
C PRO A 65 1.68 14.92 -7.91
N LEU A 66 1.77 13.76 -8.59
CA LEU A 66 0.64 13.18 -9.37
C LEU A 66 -0.57 12.78 -8.47
N CYS A 67 -0.31 12.52 -7.16
CA CYS A 67 -1.37 12.18 -6.19
C CYS A 67 -1.80 13.43 -5.41
N SER A 68 -0.79 14.23 -5.01
CA SER A 68 -0.97 15.41 -4.18
C SER A 68 -1.55 16.57 -5.02
N GLN A 69 -2.87 16.52 -5.25
CA GLN A 69 -3.62 17.56 -5.96
C GLN A 69 -4.17 18.57 -4.95
N THR A 70 -3.58 19.77 -4.90
CA THR A 70 -4.00 20.83 -3.97
C THR A 70 -5.07 21.74 -4.63
N SER A 1 -2.32 -16.85 -1.91
CA SER A 1 -1.61 -16.08 -0.87
C SER A 1 -1.68 -14.57 -1.17
N ARG A 2 -2.48 -13.85 -0.38
CA ARG A 2 -2.55 -12.36 -0.38
C ARG A 2 -3.06 -11.86 0.98
N SER A 3 -3.86 -12.69 1.67
CA SER A 3 -4.22 -12.45 3.08
C SER A 3 -3.19 -13.16 3.99
N ALA A 4 -2.49 -12.37 4.81
CA ALA A 4 -1.43 -12.85 5.70
C ALA A 4 -1.98 -13.55 6.95
N GLU A 5 -1.07 -14.17 7.72
CA GLU A 5 -1.38 -14.79 9.02
C GLU A 5 -1.57 -13.68 10.09
N ILE A 6 -2.72 -13.00 10.01
CA ILE A 6 -3.11 -11.97 10.98
C ILE A 6 -4.26 -12.55 11.84
N PHE A 7 -4.60 -11.89 12.96
CA PHE A 7 -5.57 -12.42 13.96
C PHE A 7 -6.96 -12.69 13.32
N PRO A 8 -7.58 -11.72 12.54
CA PRO A 8 -8.72 -12.04 11.66
C PRO A 8 -8.24 -12.45 10.24
N ARG A 9 -8.32 -13.75 9.95
CA ARG A 9 -8.02 -14.29 8.62
C ARG A 9 -9.12 -13.82 7.63
N ASP A 10 -8.81 -12.75 6.89
CA ASP A 10 -9.74 -12.10 5.94
C ASP A 10 -8.95 -11.69 4.69
N SER A 11 -9.54 -11.90 3.50
CA SER A 11 -8.87 -11.63 2.20
C SER A 11 -8.50 -10.14 2.06
N ASN A 12 -9.40 -9.27 2.54
CA ASN A 12 -9.27 -7.80 2.38
C ASN A 12 -8.38 -7.20 3.49
N LEU A 13 -8.02 -8.02 4.52
CA LEU A 13 -7.27 -7.57 5.72
C LEU A 13 -5.98 -6.84 5.32
N LYS A 14 -5.26 -7.34 4.29
CA LYS A 14 -3.95 -6.77 3.90
C LYS A 14 -4.07 -5.27 3.52
N ASP A 15 -5.07 -4.97 2.66
CA ASP A 15 -5.34 -3.60 2.19
C ASP A 15 -5.99 -2.75 3.31
N LYS A 16 -6.86 -3.38 4.12
CA LYS A 16 -7.51 -2.77 5.31
C LYS A 16 -6.45 -2.24 6.30
N PHE A 17 -5.47 -3.11 6.58
CA PHE A 17 -4.38 -2.88 7.54
C PHE A 17 -3.54 -1.70 7.06
N ILE A 18 -3.01 -1.87 5.83
CA ILE A 18 -2.11 -0.91 5.17
C ILE A 18 -2.74 0.48 5.08
N LYS A 19 -3.98 0.54 4.59
CA LYS A 19 -4.70 1.81 4.34
C LYS A 19 -5.03 2.52 5.66
N HIS A 20 -5.37 1.73 6.71
CA HIS A 20 -5.65 2.27 8.06
C HIS A 20 -4.34 2.70 8.77
N PHE A 21 -3.21 2.09 8.36
CA PHE A 21 -1.86 2.38 8.92
C PHE A 21 -1.26 3.64 8.24
N THR A 22 -1.51 3.80 6.93
CA THR A 22 -1.04 4.94 6.13
C THR A 22 -1.92 6.18 6.38
N GLY A 23 -3.22 5.90 6.62
CA GLY A 23 -4.22 6.95 6.75
C GLY A 23 -4.82 7.32 5.39
N PRO A 24 -4.99 8.63 5.07
CA PRO A 24 -5.57 9.05 3.78
C PRO A 24 -4.53 9.00 2.64
N VAL A 25 -4.57 7.93 1.84
CA VAL A 25 -3.73 7.77 0.64
C VAL A 25 -4.33 8.56 -0.56
N THR A 26 -5.63 8.27 -0.83
CA THR A 26 -6.42 8.89 -1.92
C THR A 26 -5.64 8.95 -3.26
N PHE A 27 -5.42 7.76 -3.85
CA PHE A 27 -4.66 7.63 -5.11
C PHE A 27 -5.47 8.16 -6.31
N SER A 28 -4.97 9.26 -6.92
CA SER A 28 -5.51 9.85 -8.16
C SER A 28 -5.43 8.85 -9.34
N PRO A 29 -6.23 9.01 -10.48
CA PRO A 29 -6.22 8.09 -11.66
C PRO A 29 -4.81 7.63 -12.11
N GLU A 30 -3.84 8.58 -12.14
CA GLU A 30 -2.44 8.27 -12.49
C GLU A 30 -1.74 7.51 -11.34
N CYS A 31 -1.97 8.00 -10.11
CA CYS A 31 -1.36 7.43 -8.89
C CYS A 31 -1.83 6.00 -8.57
N SER A 32 -3.04 5.65 -9.05
CA SER A 32 -3.63 4.32 -8.82
C SER A 32 -3.02 3.29 -9.78
N LYS A 33 -2.56 3.79 -10.96
CA LYS A 33 -1.72 3.02 -11.88
C LYS A 33 -0.37 2.73 -11.22
N HIS A 34 0.25 3.82 -10.75
CA HIS A 34 1.50 3.78 -10.00
C HIS A 34 1.37 2.92 -8.73
N PHE A 35 0.14 2.84 -8.19
CA PHE A 35 -0.20 2.01 -7.03
C PHE A 35 -0.09 0.53 -7.37
N HIS A 36 -0.72 0.11 -8.49
CA HIS A 36 -0.65 -1.31 -8.95
C HIS A 36 0.81 -1.70 -9.25
N ARG A 37 1.58 -0.73 -9.77
CA ARG A 37 2.99 -0.92 -10.10
C ARG A 37 3.84 -1.16 -8.85
N LEU A 38 3.90 -0.18 -7.95
CA LEU A 38 4.81 -0.24 -6.77
C LEU A 38 4.28 -1.21 -5.68
N TYR A 39 2.99 -1.62 -5.78
CA TYR A 39 2.40 -2.62 -4.86
C TYR A 39 2.72 -4.05 -5.35
N TYR A 40 2.31 -4.36 -6.59
CA TYR A 40 2.31 -5.74 -7.12
C TYR A 40 3.61 -6.12 -7.83
N ASN A 41 4.42 -5.14 -8.26
CA ASN A 41 5.71 -5.40 -8.94
C ASN A 41 6.87 -5.43 -7.94
N THR A 42 6.70 -4.78 -6.76
CA THR A 42 7.73 -4.82 -5.70
C THR A 42 7.43 -5.98 -4.75
N ARG A 43 8.48 -6.68 -4.28
CA ARG A 43 8.34 -7.72 -3.26
C ARG A 43 7.98 -7.09 -1.89
N GLU A 44 8.34 -5.81 -1.73
CA GLU A 44 8.17 -5.05 -0.48
C GLU A 44 6.69 -4.86 -0.10
N CYS A 45 5.87 -4.50 -1.09
CA CYS A 45 4.42 -4.26 -0.87
C CYS A 45 3.60 -5.54 -1.18
N SER A 46 4.29 -6.62 -1.60
CA SER A 46 3.70 -7.96 -1.76
C SER A 46 3.83 -8.74 -0.44
N THR A 47 4.94 -8.51 0.27
CA THR A 47 5.29 -9.23 1.51
C THR A 47 4.57 -8.59 2.74
N PRO A 48 3.86 -9.41 3.56
CA PRO A 48 3.24 -8.95 4.84
C PRO A 48 4.27 -8.58 5.94
N ALA A 49 5.45 -9.23 5.90
CA ALA A 49 6.55 -8.89 6.83
C ALA A 49 7.05 -7.47 6.57
N TYR A 50 6.98 -7.05 5.29
CA TYR A 50 7.41 -5.71 4.86
C TYR A 50 6.20 -4.75 4.77
N TYR A 51 5.21 -4.89 5.70
CA TYR A 51 4.13 -3.88 5.88
C TYR A 51 4.71 -2.48 6.17
N LYS A 52 5.94 -2.45 6.71
CA LYS A 52 6.70 -1.22 6.95
C LYS A 52 7.00 -0.51 5.61
N ARG A 53 7.69 -1.26 4.72
CA ARG A 53 8.14 -0.76 3.41
C ARG A 53 6.92 -0.41 2.53
N CYS A 54 5.88 -1.25 2.66
CA CYS A 54 4.62 -1.13 1.89
C CYS A 54 3.89 0.17 2.30
N ALA A 55 3.80 0.40 3.62
CA ALA A 55 3.12 1.57 4.18
C ALA A 55 3.84 2.87 3.77
N ARG A 56 5.16 2.86 3.91
CA ARG A 56 6.03 4.02 3.63
C ARG A 56 6.00 4.38 2.14
N LEU A 57 6.08 3.36 1.27
CA LEU A 57 6.24 3.58 -0.19
C LEU A 57 4.89 4.02 -0.83
N LEU A 58 3.76 3.55 -0.24
CA LEU A 58 2.39 3.98 -0.64
C LEU A 58 2.08 5.39 -0.14
N THR A 59 2.60 5.72 1.06
CA THR A 59 2.51 7.06 1.62
C THR A 59 3.33 8.06 0.77
N ARG A 60 4.54 7.65 0.36
CA ARG A 60 5.43 8.49 -0.46
C ARG A 60 4.82 8.71 -1.84
N LEU A 61 4.16 7.66 -2.38
CA LEU A 61 3.40 7.77 -3.64
C LEU A 61 2.27 8.78 -3.48
N ALA A 62 1.54 8.67 -2.36
CA ALA A 62 0.38 9.51 -2.04
C ALA A 62 0.74 11.01 -1.98
N VAL A 63 1.91 11.33 -1.39
CA VAL A 63 2.35 12.73 -1.20
C VAL A 63 2.98 13.33 -2.49
N SER A 64 3.26 12.47 -3.49
CA SER A 64 3.80 12.88 -4.80
C SER A 64 2.75 13.68 -5.62
N PRO A 65 3.15 14.59 -6.58
CA PRO A 65 2.20 15.46 -7.35
C PRO A 65 1.18 14.67 -8.18
N LEU A 66 1.56 13.45 -8.63
CA LEU A 66 0.69 12.56 -9.42
C LEU A 66 -0.50 12.01 -8.59
N CYS A 67 -0.45 12.20 -7.26
CA CYS A 67 -1.40 11.61 -6.30
C CYS A 67 -2.05 12.67 -5.42
N SER A 68 -1.38 13.82 -5.29
CA SER A 68 -1.82 14.95 -4.45
C SER A 68 -2.65 15.96 -5.28
N GLN A 69 -3.42 15.42 -6.25
CA GLN A 69 -4.25 16.22 -7.16
C GLN A 69 -5.45 16.81 -6.41
N THR A 70 -5.54 18.15 -6.37
CA THR A 70 -6.62 18.87 -5.68
C THR A 70 -7.80 19.13 -6.65
N SER A 1 5.54 -16.62 13.84
CA SER A 1 6.42 -17.65 13.27
C SER A 1 7.51 -17.00 12.39
N ARG A 2 7.14 -16.62 11.15
CA ARG A 2 8.06 -15.98 10.18
C ARG A 2 7.63 -14.51 10.01
N SER A 3 6.39 -14.34 9.56
CA SER A 3 5.82 -13.04 9.19
C SER A 3 4.36 -12.95 9.69
N ALA A 4 3.65 -11.89 9.25
CA ALA A 4 2.24 -11.64 9.58
C ALA A 4 2.07 -11.21 11.05
N GLU A 5 2.00 -9.89 11.28
CA GLU A 5 1.56 -9.31 12.57
C GLU A 5 0.10 -9.71 12.84
N ILE A 6 -0.69 -9.64 11.76
CA ILE A 6 -2.15 -9.85 11.81
C ILE A 6 -2.52 -11.35 11.93
N PHE A 7 -3.83 -11.59 12.05
CA PHE A 7 -4.41 -12.95 12.12
C PHE A 7 -5.01 -13.35 10.75
N PRO A 8 -5.89 -12.52 10.07
CA PRO A 8 -6.39 -12.83 8.71
C PRO A 8 -5.34 -12.52 7.63
N ARG A 9 -4.80 -13.57 6.99
CA ARG A 9 -3.81 -13.42 5.89
C ARG A 9 -4.55 -13.17 4.55
N ASP A 10 -5.27 -12.05 4.49
CA ASP A 10 -6.17 -11.73 3.37
C ASP A 10 -5.65 -10.50 2.58
N SER A 11 -6.04 -10.42 1.30
CA SER A 11 -5.62 -9.35 0.39
C SER A 11 -6.20 -7.98 0.80
N ASN A 12 -7.53 -7.97 1.05
CA ASN A 12 -8.24 -6.76 1.53
C ASN A 12 -7.75 -6.34 2.93
N LEU A 13 -7.31 -7.35 3.73
CA LEU A 13 -6.74 -7.09 5.08
C LEU A 13 -5.42 -6.32 4.93
N LYS A 14 -4.61 -6.68 3.91
CA LYS A 14 -3.32 -6.01 3.66
C LYS A 14 -3.55 -4.51 3.40
N ASP A 15 -4.52 -4.20 2.51
CA ASP A 15 -4.90 -2.81 2.17
C ASP A 15 -5.54 -2.09 3.37
N LYS A 16 -6.31 -2.84 4.20
CA LYS A 16 -6.93 -2.29 5.43
C LYS A 16 -5.85 -1.81 6.42
N PHE A 17 -4.89 -2.71 6.69
CA PHE A 17 -3.79 -2.53 7.64
C PHE A 17 -2.94 -1.32 7.25
N ILE A 18 -2.52 -1.33 5.98
CA ILE A 18 -1.67 -0.30 5.40
C ILE A 18 -2.38 1.07 5.45
N LYS A 19 -3.61 1.11 4.92
CA LYS A 19 -4.43 2.35 4.88
C LYS A 19 -4.78 2.84 6.31
N HIS A 20 -4.76 1.92 7.28
CA HIS A 20 -4.96 2.26 8.71
C HIS A 20 -3.73 3.02 9.23
N PHE A 21 -2.53 2.53 8.84
CA PHE A 21 -1.23 3.11 9.24
C PHE A 21 -0.92 4.43 8.47
N THR A 22 -1.37 4.51 7.22
CA THR A 22 -1.06 5.63 6.31
C THR A 22 -2.13 6.75 6.41
N GLY A 23 -3.37 6.35 6.69
CA GLY A 23 -4.54 7.22 6.56
C GLY A 23 -5.26 6.97 5.24
N PRO A 24 -6.36 7.70 4.92
CA PRO A 24 -7.11 7.50 3.66
C PRO A 24 -6.27 7.92 2.44
N VAL A 25 -5.56 6.93 1.86
CA VAL A 25 -4.63 7.13 0.72
C VAL A 25 -5.32 7.82 -0.48
N THR A 26 -6.43 7.20 -0.96
CA THR A 26 -7.22 7.64 -2.14
C THR A 26 -6.34 8.21 -3.27
N PHE A 27 -5.69 7.31 -4.00
CA PHE A 27 -4.77 7.68 -5.09
C PHE A 27 -5.56 8.22 -6.30
N SER A 28 -5.02 9.26 -6.94
CA SER A 28 -5.61 9.89 -8.15
C SER A 28 -5.55 8.92 -9.36
N PRO A 29 -6.29 9.18 -10.50
CA PRO A 29 -6.33 8.25 -11.68
C PRO A 29 -4.94 7.71 -12.13
N GLU A 30 -3.98 8.64 -12.33
CA GLU A 30 -2.59 8.29 -12.68
C GLU A 30 -1.91 7.55 -11.52
N CYS A 31 -2.10 8.07 -10.30
CA CYS A 31 -1.49 7.51 -9.07
C CYS A 31 -2.02 6.10 -8.74
N SER A 32 -3.21 5.76 -9.27
CA SER A 32 -3.82 4.44 -9.10
C SER A 32 -3.11 3.41 -9.99
N LYS A 33 -2.68 3.84 -11.19
CA LYS A 33 -1.77 3.08 -12.06
C LYS A 33 -0.45 2.81 -11.33
N HIS A 34 0.13 3.91 -10.78
CA HIS A 34 1.38 3.85 -10.00
C HIS A 34 1.22 2.96 -8.76
N PHE A 35 -0.02 2.90 -8.22
CA PHE A 35 -0.37 2.03 -7.10
C PHE A 35 -0.26 0.56 -7.53
N HIS A 36 -0.84 0.22 -8.68
CA HIS A 36 -0.81 -1.15 -9.20
C HIS A 36 0.63 -1.59 -9.49
N ARG A 37 1.46 -0.62 -9.92
CA ARG A 37 2.88 -0.82 -10.19
C ARG A 37 3.64 -1.22 -8.91
N LEU A 38 3.67 -0.33 -7.91
CA LEU A 38 4.53 -0.51 -6.72
C LEU A 38 3.90 -1.51 -5.71
N TYR A 39 2.59 -1.80 -5.86
CA TYR A 39 1.89 -2.77 -5.00
C TYR A 39 2.11 -4.20 -5.51
N TYR A 40 1.89 -4.42 -6.81
CA TYR A 40 1.94 -5.79 -7.39
C TYR A 40 3.33 -6.20 -7.87
N ASN A 41 4.22 -5.23 -8.18
CA ASN A 41 5.56 -5.54 -8.72
C ASN A 41 6.62 -5.65 -7.62
N THR A 42 6.38 -5.05 -6.43
CA THR A 42 7.36 -5.08 -5.32
C THR A 42 7.08 -6.27 -4.40
N ARG A 43 8.14 -6.88 -3.87
CA ARG A 43 8.05 -7.90 -2.81
C ARG A 43 7.46 -7.28 -1.53
N GLU A 44 7.71 -5.96 -1.35
CA GLU A 44 7.31 -5.18 -0.17
C GLU A 44 5.79 -5.24 0.07
N CYS A 45 5.03 -5.03 -1.01
CA CYS A 45 3.55 -5.01 -0.99
C CYS A 45 2.95 -6.37 -1.39
N SER A 46 3.78 -7.42 -1.37
CA SER A 46 3.37 -8.83 -1.57
C SER A 46 3.75 -9.67 -0.33
N THR A 47 4.49 -9.05 0.61
CA THR A 47 5.03 -9.72 1.81
C THR A 47 4.53 -9.03 3.09
N PRO A 48 3.91 -9.80 4.07
CA PRO A 48 3.48 -9.26 5.37
C PRO A 48 4.66 -8.80 6.26
N ALA A 49 5.87 -9.37 6.05
CA ALA A 49 7.10 -8.93 6.75
C ALA A 49 7.41 -7.47 6.41
N TYR A 50 7.20 -7.11 5.14
CA TYR A 50 7.47 -5.77 4.62
C TYR A 50 6.18 -4.92 4.60
N TYR A 51 5.24 -5.20 5.54
CA TYR A 51 4.07 -4.34 5.83
C TYR A 51 4.49 -2.87 6.07
N LYS A 52 5.65 -2.75 6.72
CA LYS A 52 6.24 -1.47 7.12
C LYS A 52 6.66 -0.71 5.85
N ARG A 53 7.46 -1.41 5.01
CA ARG A 53 8.00 -0.87 3.75
C ARG A 53 6.88 -0.47 2.78
N CYS A 54 5.85 -1.34 2.71
CA CYS A 54 4.72 -1.16 1.81
C CYS A 54 3.88 0.06 2.23
N ALA A 55 3.67 0.20 3.54
CA ALA A 55 2.91 1.33 4.10
C ALA A 55 3.65 2.67 3.85
N ARG A 56 4.99 2.63 3.96
CA ARG A 56 5.85 3.81 3.76
C ARG A 56 5.88 4.23 2.29
N LEU A 57 5.92 3.25 1.37
CA LEU A 57 6.07 3.51 -0.07
C LEU A 57 4.71 3.93 -0.70
N LEU A 58 3.60 3.50 -0.05
CA LEU A 58 2.22 3.90 -0.43
C LEU A 58 1.89 5.30 0.11
N THR A 59 2.42 5.61 1.31
CA THR A 59 2.40 6.97 1.86
C THR A 59 3.17 7.92 0.94
N ARG A 60 4.39 7.47 0.57
CA ARG A 60 5.31 8.23 -0.29
C ARG A 60 4.66 8.50 -1.65
N LEU A 61 3.95 7.49 -2.17
CA LEU A 61 3.20 7.60 -3.42
C LEU A 61 2.05 8.61 -3.30
N ALA A 62 1.30 8.51 -2.19
CA ALA A 62 0.10 9.35 -1.96
C ALA A 62 0.45 10.84 -1.82
N VAL A 63 1.64 11.14 -1.28
CA VAL A 63 2.12 12.53 -1.09
C VAL A 63 2.95 13.03 -2.30
N SER A 64 3.11 12.20 -3.33
CA SER A 64 3.83 12.57 -4.57
C SER A 64 2.98 13.55 -5.44
N PRO A 65 3.64 14.42 -6.29
CA PRO A 65 2.92 15.37 -7.21
C PRO A 65 2.00 14.66 -8.24
N LEU A 66 2.25 13.36 -8.51
CA LEU A 66 1.40 12.57 -9.43
C LEU A 66 0.06 12.17 -8.76
N CYS A 67 0.00 12.29 -7.43
CA CYS A 67 -1.09 11.78 -6.59
C CYS A 67 -1.86 12.94 -5.97
N SER A 68 -1.17 13.68 -5.07
CA SER A 68 -1.70 14.89 -4.44
C SER A 68 -1.41 16.09 -5.38
N GLN A 69 -2.01 16.03 -6.57
CA GLN A 69 -1.87 17.05 -7.62
C GLN A 69 -3.01 18.09 -7.51
N THR A 70 -2.73 19.31 -7.97
CA THR A 70 -3.68 20.43 -7.94
C THR A 70 -4.12 20.78 -9.40
N SER A 1 14.60 -9.92 9.95
CA SER A 1 13.23 -10.44 10.05
C SER A 1 12.40 -9.55 11.00
N ARG A 2 11.27 -9.02 10.50
CA ARG A 2 10.35 -8.16 11.28
C ARG A 2 8.94 -8.77 11.29
N SER A 3 8.09 -8.28 12.20
CA SER A 3 6.80 -8.92 12.52
C SER A 3 5.60 -8.11 12.00
N ALA A 4 4.49 -8.83 11.79
CA ALA A 4 3.14 -8.26 11.57
C ALA A 4 2.16 -9.07 12.42
N GLU A 5 2.32 -10.42 12.32
CA GLU A 5 1.69 -11.42 13.21
C GLU A 5 0.16 -11.35 13.21
N ILE A 6 -0.43 -10.88 12.08
CA ILE A 6 -1.87 -10.64 11.99
C ILE A 6 -2.66 -11.96 12.19
N PHE A 7 -3.55 -11.96 13.19
CA PHE A 7 -4.33 -13.13 13.59
C PHE A 7 -5.43 -13.51 12.55
N PRO A 8 -6.07 -12.55 11.77
CA PRO A 8 -6.90 -12.92 10.62
C PRO A 8 -6.04 -13.09 9.35
N ARG A 9 -5.72 -14.34 9.00
CA ARG A 9 -4.99 -14.66 7.76
C ARG A 9 -5.99 -14.60 6.59
N ASP A 10 -6.14 -13.39 6.04
CA ASP A 10 -7.20 -13.06 5.06
C ASP A 10 -6.64 -12.05 4.02
N SER A 11 -7.17 -12.10 2.78
CA SER A 11 -6.67 -11.27 1.66
C SER A 11 -7.12 -9.80 1.81
N ASN A 12 -8.35 -9.59 2.33
CA ASN A 12 -8.91 -8.24 2.56
C ASN A 12 -8.21 -7.59 3.77
N LEU A 13 -7.76 -8.42 4.73
CA LEU A 13 -6.99 -7.97 5.92
C LEU A 13 -5.74 -7.20 5.47
N LYS A 14 -5.07 -7.72 4.42
CA LYS A 14 -3.83 -7.15 3.90
C LYS A 14 -3.98 -5.65 3.53
N ASP A 15 -4.97 -5.33 2.67
CA ASP A 15 -5.26 -3.96 2.25
C ASP A 15 -5.88 -3.12 3.39
N LYS A 16 -6.69 -3.79 4.22
CA LYS A 16 -7.31 -3.19 5.43
C LYS A 16 -6.23 -2.59 6.34
N PHE A 17 -5.25 -3.44 6.68
CA PHE A 17 -4.16 -3.14 7.59
C PHE A 17 -3.28 -2.03 7.02
N ILE A 18 -2.84 -2.25 5.76
CA ILE A 18 -1.93 -1.35 5.04
C ILE A 18 -2.50 0.07 4.95
N LYS A 19 -3.74 0.21 4.42
CA LYS A 19 -4.36 1.53 4.21
C LYS A 19 -4.79 2.19 5.54
N HIS A 20 -5.06 1.36 6.57
CA HIS A 20 -5.29 1.85 7.96
C HIS A 20 -3.99 2.47 8.51
N PHE A 21 -2.86 1.84 8.19
CA PHE A 21 -1.54 2.22 8.69
C PHE A 21 -0.94 3.39 7.86
N THR A 22 -1.38 3.52 6.59
CA THR A 22 -0.98 4.64 5.71
C THR A 22 -1.92 5.84 5.92
N GLY A 23 -3.14 5.56 6.42
CA GLY A 23 -4.17 6.58 6.57
C GLY A 23 -4.97 6.77 5.29
N PRO A 24 -5.76 7.86 5.13
CA PRO A 24 -6.46 8.17 3.87
C PRO A 24 -5.46 8.54 2.76
N VAL A 25 -4.87 7.50 2.15
CA VAL A 25 -3.95 7.64 1.00
C VAL A 25 -4.67 8.31 -0.16
N THR A 26 -5.80 7.69 -0.58
CA THR A 26 -6.67 8.15 -1.68
C THR A 26 -5.85 8.59 -2.91
N PHE A 27 -5.33 7.60 -3.65
CA PHE A 27 -4.46 7.85 -4.80
C PHE A 27 -5.25 8.43 -5.98
N SER A 28 -4.70 9.51 -6.58
CA SER A 28 -5.27 10.18 -7.76
C SER A 28 -5.36 9.21 -8.98
N PRO A 29 -6.22 9.50 -10.02
CA PRO A 29 -6.44 8.60 -11.20
C PRO A 29 -5.17 7.95 -11.79
N GLU A 30 -4.18 8.77 -12.19
CA GLU A 30 -2.89 8.28 -12.72
C GLU A 30 -2.07 7.63 -11.61
N CYS A 31 -2.13 8.22 -10.41
CA CYS A 31 -1.43 7.71 -9.22
C CYS A 31 -1.92 6.30 -8.82
N SER A 32 -3.13 5.92 -9.29
CA SER A 32 -3.69 4.58 -9.10
C SER A 32 -3.05 3.57 -10.07
N LYS A 33 -2.62 4.05 -11.26
CA LYS A 33 -1.74 3.28 -12.17
C LYS A 33 -0.40 3.02 -11.48
N HIS A 34 0.18 4.12 -10.94
CA HIS A 34 1.46 4.07 -10.21
C HIS A 34 1.35 3.23 -8.92
N PHE A 35 0.12 3.20 -8.35
CA PHE A 35 -0.20 2.37 -7.19
C PHE A 35 -0.15 0.90 -7.59
N HIS A 36 -0.78 0.57 -8.72
CA HIS A 36 -0.83 -0.81 -9.25
C HIS A 36 0.60 -1.32 -9.51
N ARG A 37 1.45 -0.41 -10.03
CA ARG A 37 2.87 -0.67 -10.31
C ARG A 37 3.63 -1.05 -9.03
N LEU A 38 3.70 -0.10 -8.08
CA LEU A 38 4.56 -0.23 -6.88
C LEU A 38 3.95 -1.19 -5.82
N TYR A 39 2.64 -1.50 -5.96
CA TYR A 39 1.97 -2.41 -5.02
C TYR A 39 2.21 -3.87 -5.45
N TYR A 40 1.88 -4.17 -6.72
CA TYR A 40 1.83 -5.57 -7.20
C TYR A 40 3.17 -6.04 -7.76
N ASN A 41 4.06 -5.11 -8.18
CA ASN A 41 5.37 -5.49 -8.78
C ASN A 41 6.48 -5.56 -7.71
N THR A 42 6.28 -4.93 -6.53
CA THR A 42 7.30 -4.94 -5.44
C THR A 42 7.08 -6.13 -4.50
N ARG A 43 8.11 -6.43 -3.70
CA ARG A 43 8.06 -7.50 -2.68
C ARG A 43 7.41 -6.96 -1.39
N GLU A 44 7.58 -5.64 -1.17
CA GLU A 44 7.20 -4.96 0.09
C GLU A 44 5.68 -4.98 0.27
N CYS A 45 4.98 -4.59 -0.80
CA CYS A 45 3.51 -4.56 -0.85
C CYS A 45 2.93 -5.93 -1.23
N SER A 46 3.74 -7.00 -1.04
CA SER A 46 3.30 -8.40 -1.23
C SER A 46 3.73 -9.27 -0.03
N THR A 47 4.23 -8.62 1.05
CA THR A 47 4.76 -9.33 2.25
C THR A 47 4.14 -8.76 3.56
N PRO A 48 3.72 -9.66 4.54
CA PRO A 48 3.24 -9.24 5.88
C PRO A 48 4.32 -8.47 6.68
N ALA A 49 5.55 -8.99 6.67
CA ALA A 49 6.68 -8.34 7.37
C ALA A 49 6.92 -6.93 6.81
N TYR A 50 6.85 -6.80 5.48
CA TYR A 50 7.15 -5.55 4.79
C TYR A 50 5.88 -4.70 4.55
N TYR A 51 4.81 -4.93 5.34
CA TYR A 51 3.63 -4.02 5.40
C TYR A 51 4.08 -2.57 5.70
N LYS A 52 5.15 -2.47 6.49
CA LYS A 52 5.69 -1.21 6.99
C LYS A 52 6.45 -0.47 5.87
N ARG A 53 7.29 -1.23 5.11
CA ARG A 53 8.03 -0.68 3.94
C ARG A 53 7.02 -0.26 2.85
N CYS A 54 5.97 -1.10 2.69
CA CYS A 54 4.85 -0.85 1.78
C CYS A 54 4.13 0.44 2.16
N ALA A 55 3.94 0.64 3.47
CA ALA A 55 3.24 1.81 4.00
C ALA A 55 3.98 3.11 3.67
N ARG A 56 5.31 3.08 3.84
CA ARG A 56 6.19 4.23 3.58
C ARG A 56 6.21 4.57 2.08
N LEU A 57 6.31 3.53 1.23
CA LEU A 57 6.43 3.70 -0.24
C LEU A 57 5.09 4.18 -0.86
N LEU A 58 3.95 3.76 -0.24
CA LEU A 58 2.59 4.22 -0.62
C LEU A 58 2.36 5.65 -0.21
N THR A 59 2.86 6.02 0.98
CA THR A 59 2.79 7.38 1.50
C THR A 59 3.61 8.34 0.62
N ARG A 60 4.83 7.90 0.24
CA ARG A 60 5.73 8.70 -0.59
C ARG A 60 5.14 8.88 -1.99
N LEU A 61 4.41 7.84 -2.48
CA LEU A 61 3.66 7.95 -3.73
C LEU A 61 2.49 8.95 -3.58
N ALA A 62 1.79 8.85 -2.44
CA ALA A 62 0.57 9.65 -2.16
C ALA A 62 0.88 11.15 -1.99
N VAL A 63 2.13 11.48 -1.61
CA VAL A 63 2.58 12.90 -1.48
C VAL A 63 3.24 13.44 -2.78
N SER A 64 3.43 12.55 -3.78
CA SER A 64 4.05 12.92 -5.07
C SER A 64 3.08 13.79 -5.94
N PRO A 65 3.62 14.65 -6.86
CA PRO A 65 2.79 15.49 -7.79
C PRO A 65 1.79 14.69 -8.65
N LEU A 66 2.16 13.44 -9.01
CA LEU A 66 1.28 12.54 -9.81
C LEU A 66 0.02 12.12 -9.00
N CYS A 67 0.15 12.23 -7.67
CA CYS A 67 -0.93 11.90 -6.71
C CYS A 67 -1.56 13.19 -6.15
N SER A 68 -1.26 14.34 -6.80
CA SER A 68 -1.77 15.65 -6.38
C SER A 68 -2.64 16.24 -7.52
N GLN A 69 -3.30 15.35 -8.27
CA GLN A 69 -4.30 15.74 -9.30
C GLN A 69 -5.56 16.28 -8.59
N THR A 70 -5.87 17.56 -8.82
CA THR A 70 -7.00 18.25 -8.15
C THR A 70 -7.61 19.31 -9.12
N SER A 1 5.18 -15.53 -0.94
CA SER A 1 5.20 -16.60 0.08
C SER A 1 6.15 -16.21 1.22
N ARG A 2 5.57 -15.75 2.34
CA ARG A 2 6.34 -15.27 3.50
C ARG A 2 5.44 -15.12 4.75
N SER A 3 6.07 -15.09 5.94
CA SER A 3 5.41 -14.87 7.25
C SER A 3 4.52 -13.62 7.24
N ALA A 4 3.38 -13.70 7.93
CA ALA A 4 2.41 -12.61 8.06
C ALA A 4 2.58 -11.91 9.43
N GLU A 5 2.24 -10.60 9.47
CA GLU A 5 2.30 -9.78 10.71
C GLU A 5 0.98 -9.88 11.51
N ILE A 6 -0.03 -10.49 10.91
CA ILE A 6 -1.41 -10.51 11.44
C ILE A 6 -1.91 -11.96 11.60
N PHE A 7 -3.13 -12.07 12.14
CA PHE A 7 -3.77 -13.36 12.44
C PHE A 7 -4.72 -13.78 11.28
N PRO A 8 -5.67 -12.88 10.78
CA PRO A 8 -6.50 -13.21 9.60
C PRO A 8 -5.69 -13.09 8.29
N ARG A 9 -5.39 -14.25 7.69
CA ARG A 9 -4.71 -14.34 6.38
C ARG A 9 -5.72 -14.02 5.24
N ASP A 10 -5.89 -12.73 4.97
CA ASP A 10 -6.84 -12.22 3.97
C ASP A 10 -6.11 -11.26 3.00
N SER A 11 -6.59 -11.21 1.76
CA SER A 11 -6.02 -10.40 0.67
C SER A 11 -6.13 -8.90 1.00
N ASN A 12 -7.36 -8.43 1.27
CA ASN A 12 -7.65 -7.00 1.52
C ASN A 12 -7.45 -6.63 3.00
N LEU A 13 -6.98 -7.59 3.81
CA LEU A 13 -6.47 -7.30 5.17
C LEU A 13 -5.20 -6.46 5.02
N LYS A 14 -4.36 -6.80 4.02
CA LYS A 14 -3.13 -6.06 3.70
C LYS A 14 -3.46 -4.58 3.41
N ASP A 15 -4.41 -4.35 2.49
CA ASP A 15 -4.87 -2.99 2.09
C ASP A 15 -5.44 -2.23 3.29
N LYS A 16 -6.33 -2.93 4.04
CA LYS A 16 -7.01 -2.40 5.26
C LYS A 16 -6.00 -1.91 6.32
N PHE A 17 -5.00 -2.78 6.59
CA PHE A 17 -3.94 -2.54 7.59
C PHE A 17 -3.14 -1.30 7.21
N ILE A 18 -2.69 -1.30 5.95
CA ILE A 18 -1.81 -0.28 5.39
C ILE A 18 -2.49 1.10 5.39
N LYS A 19 -3.76 1.18 4.90
CA LYS A 19 -4.51 2.44 4.86
C LYS A 19 -4.94 2.89 6.27
N HIS A 20 -4.99 1.92 7.22
CA HIS A 20 -5.22 2.21 8.66
C HIS A 20 -3.94 2.83 9.28
N PHE A 21 -2.78 2.40 8.76
CA PHE A 21 -1.46 2.87 9.23
C PHE A 21 -1.05 4.21 8.58
N THR A 22 -1.45 4.41 7.30
CA THR A 22 -1.06 5.59 6.50
C THR A 22 -2.14 6.69 6.59
N GLY A 23 -3.40 6.26 6.70
CA GLY A 23 -4.55 7.16 6.61
C GLY A 23 -5.22 7.05 5.24
N PRO A 24 -6.21 7.95 4.92
CA PRO A 24 -6.88 7.94 3.60
C PRO A 24 -5.89 8.32 2.47
N VAL A 25 -5.27 7.29 1.87
CA VAL A 25 -4.32 7.42 0.75
C VAL A 25 -4.94 8.16 -0.45
N THR A 26 -6.14 7.70 -0.88
CA THR A 26 -6.95 8.27 -1.99
C THR A 26 -6.09 8.60 -3.23
N PHE A 27 -5.60 7.56 -3.91
CA PHE A 27 -4.72 7.70 -5.09
C PHE A 27 -5.51 8.22 -6.32
N SER A 28 -5.02 9.31 -6.95
CA SER A 28 -5.56 9.88 -8.20
C SER A 28 -5.41 8.86 -9.38
N PRO A 29 -6.21 8.95 -10.50
CA PRO A 29 -6.16 7.99 -11.66
C PRO A 29 -4.73 7.62 -12.15
N GLU A 30 -3.80 8.61 -12.17
CA GLU A 30 -2.39 8.37 -12.50
C GLU A 30 -1.70 7.60 -11.35
N CYS A 31 -1.90 8.11 -10.13
CA CYS A 31 -1.28 7.60 -8.89
C CYS A 31 -1.78 6.18 -8.53
N SER A 32 -2.99 5.83 -9.02
CA SER A 32 -3.63 4.53 -8.76
C SER A 32 -3.10 3.48 -9.73
N LYS A 33 -2.70 3.94 -10.95
CA LYS A 33 -1.91 3.12 -11.88
C LYS A 33 -0.59 2.74 -11.19
N HIS A 34 0.14 3.80 -10.73
CA HIS A 34 1.41 3.64 -10.00
C HIS A 34 1.23 2.78 -8.75
N PHE A 35 0.01 2.84 -8.15
CA PHE A 35 -0.38 1.99 -7.01
C PHE A 35 -0.34 0.52 -7.42
N HIS A 36 -1.07 0.17 -8.50
CA HIS A 36 -1.15 -1.23 -8.98
C HIS A 36 0.25 -1.76 -9.34
N ARG A 37 1.11 -0.85 -9.85
CA ARG A 37 2.51 -1.17 -10.20
C ARG A 37 3.31 -1.55 -8.94
N LEU A 38 3.51 -0.58 -8.02
CA LEU A 38 4.42 -0.73 -6.86
C LEU A 38 3.83 -1.68 -5.78
N TYR A 39 2.51 -1.91 -5.84
CA TYR A 39 1.82 -2.82 -4.90
C TYR A 39 1.97 -4.27 -5.38
N TYR A 40 1.67 -4.52 -6.67
CA TYR A 40 1.70 -5.88 -7.22
C TYR A 40 3.07 -6.26 -7.83
N ASN A 41 4.06 -5.32 -7.83
CA ASN A 41 5.41 -5.63 -8.39
C ASN A 41 6.51 -5.68 -7.31
N THR A 42 6.34 -5.02 -6.16
CA THR A 42 7.42 -4.95 -5.14
C THR A 42 7.27 -6.07 -4.13
N ARG A 43 8.43 -6.54 -3.60
CA ARG A 43 8.48 -7.51 -2.49
C ARG A 43 8.00 -6.85 -1.18
N GLU A 44 7.98 -5.51 -1.15
CA GLU A 44 7.49 -4.74 0.02
C GLU A 44 5.98 -4.97 0.20
N CYS A 45 5.25 -4.86 -0.92
CA CYS A 45 3.77 -4.97 -0.94
C CYS A 45 3.32 -6.37 -1.39
N SER A 46 4.28 -7.25 -1.74
CA SER A 46 4.00 -8.69 -1.96
C SER A 46 4.08 -9.42 -0.62
N THR A 47 5.13 -9.11 0.14
CA THR A 47 5.39 -9.72 1.44
C THR A 47 4.55 -9.03 2.55
N PRO A 48 3.70 -9.80 3.31
CA PRO A 48 2.94 -9.26 4.46
C PRO A 48 3.88 -8.86 5.61
N ALA A 49 5.03 -9.54 5.72
CA ALA A 49 6.05 -9.23 6.74
C ALA A 49 6.69 -7.84 6.51
N TYR A 50 6.59 -7.32 5.28
CA TYR A 50 7.13 -5.98 4.92
C TYR A 50 5.99 -4.93 4.83
N TYR A 51 4.94 -5.08 5.68
CA TYR A 51 3.84 -4.09 5.82
C TYR A 51 4.36 -2.67 6.04
N LYS A 52 5.43 -2.57 6.84
CA LYS A 52 6.10 -1.30 7.16
C LYS A 52 6.65 -0.62 5.89
N ARG A 53 7.37 -1.40 5.05
CA ARG A 53 7.99 -0.89 3.81
C ARG A 53 6.90 -0.49 2.80
N CYS A 54 5.85 -1.33 2.75
CA CYS A 54 4.71 -1.15 1.84
C CYS A 54 3.91 0.10 2.23
N ALA A 55 3.75 0.34 3.54
CA ALA A 55 3.03 1.50 4.07
C ALA A 55 3.77 2.80 3.73
N ARG A 56 5.10 2.76 3.90
CA ARG A 56 5.99 3.89 3.62
C ARG A 56 6.03 4.24 2.13
N LEU A 57 6.04 3.21 1.27
CA LEU A 57 6.17 3.38 -0.19
C LEU A 57 4.83 3.86 -0.80
N LEU A 58 3.70 3.43 -0.19
CA LEU A 58 2.34 3.88 -0.57
C LEU A 58 2.07 5.30 -0.06
N THR A 59 2.68 5.64 1.08
CA THR A 59 2.68 7.01 1.63
C THR A 59 3.46 7.93 0.68
N ARG A 60 4.66 7.49 0.27
CA ARG A 60 5.54 8.25 -0.63
C ARG A 60 4.85 8.51 -1.97
N LEU A 61 4.10 7.50 -2.44
CA LEU A 61 3.28 7.61 -3.64
C LEU A 61 2.13 8.62 -3.45
N ALA A 62 1.43 8.51 -2.29
CA ALA A 62 0.25 9.34 -1.97
C ALA A 62 0.61 10.84 -1.80
N VAL A 63 1.85 11.12 -1.40
CA VAL A 63 2.34 12.51 -1.18
C VAL A 63 3.02 13.09 -2.44
N SER A 64 3.16 12.27 -3.50
CA SER A 64 3.75 12.69 -4.77
C SER A 64 2.79 13.66 -5.53
N PRO A 65 3.32 14.61 -6.37
CA PRO A 65 2.48 15.58 -7.16
C PRO A 65 1.55 14.90 -8.20
N LEU A 66 1.87 13.65 -8.60
CA LEU A 66 1.00 12.85 -9.50
C LEU A 66 -0.25 12.34 -8.75
N CYS A 67 -0.14 12.30 -7.42
CA CYS A 67 -1.23 11.89 -6.51
C CYS A 67 -2.01 13.11 -6.02
N SER A 68 -1.39 14.29 -6.13
CA SER A 68 -2.04 15.57 -5.82
C SER A 68 -2.75 16.16 -7.06
N GLN A 69 -2.57 15.48 -8.22
CA GLN A 69 -3.27 15.81 -9.48
C GLN A 69 -4.77 15.46 -9.32
N THR A 70 -5.61 16.50 -9.13
CA THR A 70 -7.04 16.34 -8.76
C THR A 70 -7.86 17.49 -9.40
N SER A 1 4.28 -18.64 2.15
CA SER A 1 3.46 -19.06 3.32
C SER A 1 2.42 -17.99 3.71
N ARG A 2 2.66 -16.72 3.27
CA ARG A 2 1.90 -15.53 3.69
C ARG A 2 1.91 -15.39 5.23
N SER A 3 3.10 -15.05 5.78
CA SER A 3 3.31 -14.95 7.24
C SER A 3 2.81 -13.58 7.76
N ALA A 4 1.69 -13.62 8.50
CA ALA A 4 1.07 -12.43 9.11
C ALA A 4 0.24 -12.85 10.33
N GLU A 5 0.57 -12.29 11.51
CA GLU A 5 -0.13 -12.60 12.78
C GLU A 5 -1.41 -11.75 12.93
N ILE A 6 -2.42 -12.09 12.12
CA ILE A 6 -3.72 -11.35 12.06
C ILE A 6 -4.90 -12.34 12.02
N PHE A 7 -6.08 -11.90 12.50
CA PHE A 7 -7.28 -12.77 12.60
C PHE A 7 -7.92 -13.02 11.21
N PRO A 8 -8.29 -11.97 10.37
CA PRO A 8 -8.73 -12.18 8.97
C PRO A 8 -7.51 -12.36 8.05
N ARG A 9 -7.35 -13.56 7.47
CA ARG A 9 -6.17 -13.91 6.63
C ARG A 9 -6.42 -13.53 5.15
N ASP A 10 -7.06 -12.36 4.94
CA ASP A 10 -7.54 -11.88 3.62
C ASP A 10 -6.66 -10.75 3.08
N SER A 11 -6.85 -10.41 1.80
CA SER A 11 -6.17 -9.30 1.14
C SER A 11 -6.83 -7.95 1.50
N ASN A 12 -8.14 -8.00 1.84
CA ASN A 12 -8.90 -6.83 2.35
C ASN A 12 -8.33 -6.40 3.71
N LEU A 13 -7.79 -7.36 4.48
CA LEU A 13 -7.11 -7.08 5.75
C LEU A 13 -5.77 -6.40 5.47
N LYS A 14 -5.02 -6.89 4.45
CA LYS A 14 -3.74 -6.29 4.04
C LYS A 14 -3.94 -4.80 3.69
N ASP A 15 -4.99 -4.52 2.88
CA ASP A 15 -5.37 -3.15 2.49
C ASP A 15 -5.77 -2.32 3.73
N LYS A 16 -6.61 -2.91 4.61
CA LYS A 16 -7.07 -2.26 5.86
C LYS A 16 -5.88 -1.80 6.76
N PHE A 17 -4.96 -2.75 6.99
CA PHE A 17 -3.80 -2.60 7.87
C PHE A 17 -2.90 -1.48 7.34
N ILE A 18 -2.46 -1.67 6.09
CA ILE A 18 -1.58 -0.75 5.38
C ILE A 18 -2.20 0.65 5.30
N LYS A 19 -3.49 0.72 4.94
CA LYS A 19 -4.22 1.99 4.76
C LYS A 19 -4.47 2.70 6.10
N HIS A 20 -4.47 1.93 7.20
CA HIS A 20 -4.52 2.46 8.57
C HIS A 20 -3.17 3.14 8.91
N PHE A 21 -2.07 2.54 8.39
CA PHE A 21 -0.70 3.10 8.52
C PHE A 21 -0.47 4.32 7.58
N THR A 22 -1.08 4.29 6.39
CA THR A 22 -0.84 5.30 5.34
C THR A 22 -1.87 6.43 5.39
N GLY A 23 -2.99 6.18 6.10
CA GLY A 23 -4.11 7.12 6.15
C GLY A 23 -4.99 7.00 4.91
N PRO A 24 -5.99 7.92 4.72
CA PRO A 24 -6.79 7.97 3.48
C PRO A 24 -5.90 8.32 2.25
N VAL A 25 -5.36 7.26 1.62
CA VAL A 25 -4.52 7.37 0.41
C VAL A 25 -5.33 7.95 -0.76
N THR A 26 -6.44 7.26 -1.12
CA THR A 26 -7.32 7.59 -2.26
C THR A 26 -6.52 7.98 -3.52
N PHE A 27 -5.85 6.98 -4.12
CA PHE A 27 -4.92 7.21 -5.25
C PHE A 27 -5.69 7.60 -6.52
N SER A 28 -5.48 8.85 -6.98
CA SER A 28 -6.06 9.42 -8.21
C SER A 28 -5.56 8.66 -9.47
N PRO A 29 -6.21 8.83 -10.71
CA PRO A 29 -5.89 8.08 -11.97
C PRO A 29 -4.40 7.66 -12.17
N GLU A 30 -3.49 8.65 -12.15
CA GLU A 30 -2.04 8.43 -12.34
C GLU A 30 -1.46 7.66 -11.15
N CYS A 31 -1.83 8.09 -9.93
CA CYS A 31 -1.41 7.44 -8.67
C CYS A 31 -1.86 5.97 -8.61
N SER A 32 -3.01 5.67 -9.23
CA SER A 32 -3.64 4.33 -9.21
C SER A 32 -2.86 3.36 -10.09
N LYS A 33 -2.37 3.88 -11.23
CA LYS A 33 -1.44 3.17 -12.13
C LYS A 33 -0.16 2.81 -11.35
N HIS A 34 0.47 3.86 -10.78
CA HIS A 34 1.70 3.74 -9.98
C HIS A 34 1.49 2.83 -8.76
N PHE A 35 0.24 2.82 -8.23
CA PHE A 35 -0.15 1.99 -7.09
C PHE A 35 -0.05 0.52 -7.48
N HIS A 36 -0.69 0.15 -8.58
CA HIS A 36 -0.68 -1.24 -9.07
C HIS A 36 0.76 -1.72 -9.32
N ARG A 37 1.60 -0.81 -9.86
CA ARG A 37 3.02 -1.10 -10.14
C ARG A 37 3.80 -1.41 -8.85
N LEU A 38 3.90 -0.43 -7.95
CA LEU A 38 4.76 -0.51 -6.75
C LEU A 38 4.17 -1.48 -5.69
N TYR A 39 2.88 -1.85 -5.84
CA TYR A 39 2.20 -2.79 -4.95
C TYR A 39 2.54 -4.24 -5.37
N TYR A 40 2.17 -4.61 -6.61
CA TYR A 40 2.24 -6.00 -7.08
C TYR A 40 3.63 -6.40 -7.60
N ASN A 41 4.45 -5.40 -7.98
CA ASN A 41 5.76 -5.67 -8.63
C ASN A 41 6.91 -5.64 -7.59
N THR A 42 6.69 -5.01 -6.42
CA THR A 42 7.71 -4.98 -5.34
C THR A 42 7.50 -6.14 -4.38
N ARG A 43 8.60 -6.62 -3.76
CA ARG A 43 8.55 -7.63 -2.70
C ARG A 43 7.95 -7.04 -1.41
N GLU A 44 7.96 -5.70 -1.32
CA GLU A 44 7.53 -4.93 -0.15
C GLU A 44 6.02 -5.06 0.11
N CYS A 45 5.21 -4.90 -0.95
CA CYS A 45 3.74 -4.89 -0.84
C CYS A 45 3.11 -6.27 -1.13
N SER A 46 3.90 -7.21 -1.68
CA SER A 46 3.45 -8.60 -1.90
C SER A 46 3.64 -9.43 -0.61
N THR A 47 4.78 -9.20 0.06
CA THR A 47 5.12 -9.87 1.33
C THR A 47 4.38 -9.20 2.52
N PRO A 48 3.58 -10.00 3.32
CA PRO A 48 2.89 -9.49 4.53
C PRO A 48 3.85 -9.18 5.70
N ALA A 49 5.09 -9.69 5.64
CA ALA A 49 6.14 -9.37 6.64
C ALA A 49 6.69 -7.94 6.40
N TYR A 50 6.60 -7.48 5.14
CA TYR A 50 7.07 -6.13 4.74
C TYR A 50 5.90 -5.12 4.64
N TYR A 51 4.85 -5.31 5.50
CA TYR A 51 3.75 -4.33 5.67
C TYR A 51 4.29 -2.90 5.91
N LYS A 52 5.36 -2.82 6.73
CA LYS A 52 6.05 -1.55 7.08
C LYS A 52 6.54 -0.83 5.82
N ARG A 53 7.36 -1.57 5.04
CA ARG A 53 7.93 -1.11 3.76
C ARG A 53 6.83 -0.57 2.84
N CYS A 54 5.81 -1.42 2.65
CA CYS A 54 4.65 -1.15 1.81
C CYS A 54 3.91 0.14 2.23
N ALA A 55 3.77 0.32 3.55
CA ALA A 55 3.10 1.49 4.11
C ALA A 55 3.85 2.78 3.77
N ARG A 56 5.18 2.75 3.95
CA ARG A 56 6.04 3.93 3.74
C ARG A 56 6.09 4.35 2.25
N LEU A 57 6.12 3.35 1.35
CA LEU A 57 6.27 3.59 -0.11
C LEU A 57 4.92 4.05 -0.72
N LEU A 58 3.79 3.57 -0.16
CA LEU A 58 2.42 3.97 -0.57
C LEU A 58 2.11 5.39 -0.08
N THR A 59 2.61 5.71 1.12
CA THR A 59 2.54 7.07 1.68
C THR A 59 3.32 8.05 0.78
N ARG A 60 4.55 7.67 0.40
CA ARG A 60 5.42 8.46 -0.48
C ARG A 60 4.75 8.71 -1.84
N LEU A 61 4.01 7.70 -2.33
CA LEU A 61 3.21 7.82 -3.56
C LEU A 61 2.00 8.78 -3.34
N ALA A 62 1.34 8.68 -2.17
CA ALA A 62 0.12 9.46 -1.85
C ALA A 62 0.42 10.95 -1.60
N VAL A 63 1.67 11.27 -1.23
CA VAL A 63 2.12 12.68 -1.01
C VAL A 63 2.77 13.28 -2.27
N SER A 64 2.88 12.49 -3.35
CA SER A 64 3.46 12.93 -4.63
C SER A 64 2.53 13.94 -5.36
N PRO A 65 3.11 14.86 -6.23
CA PRO A 65 2.33 15.86 -7.01
C PRO A 65 1.25 15.25 -7.93
N LEU A 66 1.45 13.98 -8.35
CA LEU A 66 0.46 13.25 -9.17
C LEU A 66 -0.82 12.90 -8.37
N CYS A 67 -0.70 12.86 -7.03
CA CYS A 67 -1.85 12.65 -6.11
C CYS A 67 -2.38 13.99 -5.59
N SER A 68 -1.52 15.01 -5.61
CA SER A 68 -1.86 16.37 -5.18
C SER A 68 -2.85 17.00 -6.16
N GLN A 69 -3.94 17.57 -5.62
CA GLN A 69 -4.97 18.23 -6.42
C GLN A 69 -4.38 19.49 -7.06
N THR A 70 -4.16 19.40 -8.38
CA THR A 70 -3.52 20.43 -9.20
C THR A 70 -4.44 20.76 -10.39
N SER A 1 3.58 -15.17 1.37
CA SER A 1 2.98 -13.87 1.03
C SER A 1 1.48 -13.80 1.40
N ARG A 2 1.04 -14.66 2.35
CA ARG A 2 -0.36 -14.74 2.79
C ARG A 2 -0.43 -14.81 4.32
N SER A 3 0.28 -15.80 4.91
CA SER A 3 0.37 -15.98 6.36
C SER A 3 1.09 -14.79 7.03
N ALA A 4 0.48 -14.24 8.09
CA ALA A 4 1.01 -13.06 8.79
C ALA A 4 0.64 -13.09 10.28
N GLU A 5 1.09 -12.04 11.01
CA GLU A 5 0.90 -11.91 12.47
C GLU A 5 -0.60 -11.68 12.79
N ILE A 6 -1.31 -11.01 11.87
CA ILE A 6 -2.77 -10.78 11.98
C ILE A 6 -3.53 -12.13 11.99
N PHE A 7 -4.76 -12.11 12.55
CA PHE A 7 -5.58 -13.32 12.70
C PHE A 7 -6.22 -13.76 11.34
N PRO A 8 -6.94 -12.86 10.57
CA PRO A 8 -7.50 -13.23 9.25
C PRO A 8 -6.47 -12.99 8.12
N ARG A 9 -5.65 -14.02 7.87
CA ARG A 9 -4.64 -13.97 6.79
C ARG A 9 -5.35 -13.96 5.42
N ASP A 10 -5.59 -12.74 4.94
CA ASP A 10 -6.32 -12.47 3.71
C ASP A 10 -5.82 -11.15 3.10
N SER A 11 -5.98 -11.00 1.78
CA SER A 11 -5.51 -9.81 1.06
C SER A 11 -6.31 -8.58 1.50
N ASN A 12 -7.66 -8.72 1.58
CA ASN A 12 -8.57 -7.61 1.90
C ASN A 12 -8.33 -7.07 3.33
N LEU A 13 -8.06 -8.00 4.29
CA LEU A 13 -7.64 -7.64 5.67
C LEU A 13 -6.37 -6.81 5.61
N LYS A 14 -5.35 -7.40 4.96
CA LYS A 14 -4.00 -6.83 4.84
C LYS A 14 -4.04 -5.42 4.18
N ASP A 15 -4.92 -5.25 3.18
CA ASP A 15 -5.07 -4.00 2.42
C ASP A 15 -5.69 -2.91 3.28
N LYS A 16 -6.79 -3.23 3.99
CA LYS A 16 -7.50 -2.23 4.85
C LYS A 16 -6.65 -1.88 6.10
N PHE A 17 -5.82 -2.85 6.55
CA PHE A 17 -4.83 -2.67 7.62
C PHE A 17 -3.82 -1.61 7.19
N ILE A 18 -3.26 -1.82 5.98
CA ILE A 18 -2.29 -0.94 5.35
C ILE A 18 -2.88 0.47 5.18
N LYS A 19 -4.16 0.56 4.75
CA LYS A 19 -4.87 1.83 4.58
C LYS A 19 -5.02 2.59 5.93
N HIS A 20 -5.20 1.85 7.03
CA HIS A 20 -5.24 2.43 8.40
C HIS A 20 -3.83 2.93 8.80
N PHE A 21 -2.80 2.14 8.43
CA PHE A 21 -1.39 2.37 8.83
C PHE A 21 -0.75 3.51 7.99
N THR A 22 -1.32 3.76 6.79
CA THR A 22 -0.88 4.86 5.88
C THR A 22 -1.82 6.08 6.01
N GLY A 23 -3.07 5.82 6.44
CA GLY A 23 -4.09 6.87 6.49
C GLY A 23 -4.87 6.96 5.19
N PRO A 24 -5.71 8.03 4.98
CA PRO A 24 -6.48 8.23 3.73
C PRO A 24 -5.57 8.54 2.52
N VAL A 25 -5.00 7.47 1.93
CA VAL A 25 -4.16 7.55 0.72
C VAL A 25 -4.96 8.16 -0.47
N THR A 26 -6.08 7.48 -0.83
CA THR A 26 -6.97 7.82 -1.96
C THR A 26 -6.19 8.33 -3.20
N PHE A 27 -5.52 7.39 -3.90
CA PHE A 27 -4.63 7.70 -5.04
C PHE A 27 -5.46 8.17 -6.25
N SER A 28 -4.99 9.25 -6.91
CA SER A 28 -5.61 9.82 -8.12
C SER A 28 -5.50 8.81 -9.32
N PRO A 29 -6.45 8.84 -10.33
CA PRO A 29 -6.43 7.98 -11.56
C PRO A 29 -5.04 7.47 -12.05
N GLU A 30 -4.10 8.40 -12.32
CA GLU A 30 -2.74 8.03 -12.78
C GLU A 30 -1.94 7.41 -11.62
N CYS A 31 -2.07 8.02 -10.43
CA CYS A 31 -1.35 7.61 -9.22
C CYS A 31 -1.77 6.20 -8.73
N SER A 32 -2.99 5.76 -9.13
CA SER A 32 -3.50 4.43 -8.78
C SER A 32 -2.95 3.37 -9.76
N LYS A 33 -2.54 3.80 -10.97
CA LYS A 33 -1.70 2.98 -11.87
C LYS A 33 -0.35 2.74 -11.21
N HIS A 34 0.26 3.86 -10.74
CA HIS A 34 1.55 3.82 -10.00
C HIS A 34 1.41 3.00 -8.71
N PHE A 35 0.20 3.00 -8.12
CA PHE A 35 -0.15 2.18 -6.96
C PHE A 35 -0.11 0.69 -7.32
N HIS A 36 -0.78 0.34 -8.43
CA HIS A 36 -0.87 -1.05 -8.92
C HIS A 36 0.55 -1.60 -9.21
N ARG A 37 1.39 -0.73 -9.81
CA ARG A 37 2.79 -1.05 -10.13
C ARG A 37 3.58 -1.33 -8.85
N LEU A 38 3.72 -0.30 -8.01
CA LEU A 38 4.62 -0.28 -6.86
C LEU A 38 4.12 -1.24 -5.74
N TYR A 39 2.85 -1.67 -5.84
CA TYR A 39 2.28 -2.65 -4.92
C TYR A 39 2.68 -4.07 -5.36
N TYR A 40 2.30 -4.44 -6.59
CA TYR A 40 2.36 -5.84 -7.06
C TYR A 40 3.74 -6.27 -7.60
N ASN A 41 4.45 -5.37 -8.33
CA ASN A 41 5.77 -5.74 -8.92
C ASN A 41 6.89 -5.68 -7.86
N THR A 42 6.59 -5.12 -6.68
CA THR A 42 7.52 -5.10 -5.54
C THR A 42 7.17 -6.23 -4.56
N ARG A 43 8.19 -6.82 -3.93
CA ARG A 43 7.99 -7.82 -2.86
C ARG A 43 7.44 -7.13 -1.60
N GLU A 44 7.78 -5.85 -1.43
CA GLU A 44 7.48 -5.05 -0.22
C GLU A 44 5.97 -5.01 0.11
N CYS A 45 5.15 -4.73 -0.90
CA CYS A 45 3.69 -4.65 -0.76
C CYS A 45 3.01 -5.99 -1.09
N SER A 46 3.77 -6.94 -1.65
CA SER A 46 3.31 -8.33 -1.88
C SER A 46 3.58 -9.21 -0.64
N THR A 47 4.36 -8.66 0.31
CA THR A 47 4.76 -9.36 1.55
C THR A 47 4.14 -8.65 2.77
N PRO A 48 3.26 -9.36 3.57
CA PRO A 48 2.69 -8.82 4.82
C PRO A 48 3.75 -8.56 5.92
N ALA A 49 4.89 -9.29 5.87
CA ALA A 49 6.01 -9.05 6.82
C ALA A 49 6.66 -7.68 6.59
N TYR A 50 6.53 -7.15 5.35
CA TYR A 50 7.09 -5.85 4.95
C TYR A 50 6.01 -4.75 5.00
N TYR A 51 5.07 -4.81 5.98
CA TYR A 51 4.04 -3.75 6.21
C TYR A 51 4.65 -2.33 6.28
N LYS A 52 5.87 -2.24 6.83
CA LYS A 52 6.58 -0.96 7.06
C LYS A 52 7.13 -0.41 5.74
N ARG A 53 7.77 -1.31 4.94
CA ARG A 53 8.28 -0.98 3.58
C ARG A 53 7.12 -0.47 2.71
N CYS A 54 6.07 -1.30 2.67
CA CYS A 54 4.85 -1.06 1.91
C CYS A 54 4.20 0.28 2.31
N ALA A 55 4.13 0.53 3.62
CA ALA A 55 3.53 1.75 4.16
C ALA A 55 4.25 3.01 3.66
N ARG A 56 5.59 2.99 3.79
CA ARG A 56 6.44 4.14 3.46
C ARG A 56 6.46 4.45 1.96
N LEU A 57 6.42 3.39 1.11
CA LEU A 57 6.52 3.55 -0.36
C LEU A 57 5.16 4.01 -0.94
N LEU A 58 4.03 3.55 -0.31
CA LEU A 58 2.66 4.00 -0.66
C LEU A 58 2.44 5.45 -0.25
N THR A 59 3.01 5.81 0.92
CA THR A 59 2.98 7.17 1.46
C THR A 59 3.78 8.12 0.55
N ARG A 60 4.99 7.67 0.16
CA ARG A 60 5.89 8.43 -0.70
C ARG A 60 5.21 8.72 -2.05
N LEU A 61 4.45 7.74 -2.55
CA LEU A 61 3.63 7.89 -3.76
C LEU A 61 2.48 8.90 -3.54
N ALA A 62 1.78 8.75 -2.40
CA ALA A 62 0.57 9.54 -2.08
C ALA A 62 0.87 11.04 -1.86
N VAL A 63 2.10 11.34 -1.41
CA VAL A 63 2.53 12.74 -1.17
C VAL A 63 3.13 13.37 -2.46
N SER A 64 3.41 12.54 -3.49
CA SER A 64 3.90 13.04 -4.79
C SER A 64 2.76 13.78 -5.54
N PRO A 65 3.09 14.85 -6.36
CA PRO A 65 2.07 15.71 -7.05
C PRO A 65 1.05 14.96 -7.95
N LEU A 66 1.42 13.74 -8.43
CA LEU A 66 0.50 12.89 -9.23
C LEU A 66 -0.71 12.40 -8.40
N CYS A 67 -0.53 12.37 -7.07
CA CYS A 67 -1.56 11.96 -6.09
C CYS A 67 -2.09 13.20 -5.36
N SER A 68 -1.14 13.92 -4.74
CA SER A 68 -1.39 15.22 -4.11
C SER A 68 -1.68 16.26 -5.22
N GLN A 69 -2.96 16.29 -5.64
CA GLN A 69 -3.44 17.12 -6.76
C GLN A 69 -3.25 18.60 -6.43
N THR A 70 -2.44 19.28 -7.26
CA THR A 70 -2.02 20.67 -7.05
C THR A 70 -2.19 21.49 -8.36
N SER A 1 11.63 -13.23 6.68
CA SER A 1 10.46 -12.40 6.95
C SER A 1 9.50 -12.44 5.74
N ARG A 2 8.56 -13.43 5.74
CA ARG A 2 7.59 -13.64 4.63
C ARG A 2 6.16 -13.90 5.16
N SER A 3 6.05 -14.53 6.34
CA SER A 3 4.77 -15.00 6.90
C SER A 3 3.82 -13.82 7.20
N ALA A 4 2.52 -14.10 7.10
CA ALA A 4 1.46 -13.13 7.36
C ALA A 4 1.36 -12.85 8.86
N GLU A 5 1.82 -11.65 9.26
CA GLU A 5 1.83 -11.18 10.65
C GLU A 5 0.40 -11.12 11.22
N ILE A 6 -0.51 -10.64 10.37
CA ILE A 6 -1.96 -10.58 10.64
C ILE A 6 -2.58 -11.99 10.66
N PHE A 7 -3.82 -12.07 11.20
CA PHE A 7 -4.53 -13.34 11.40
C PHE A 7 -5.41 -13.70 10.15
N PRO A 8 -6.27 -12.76 9.58
CA PRO A 8 -6.97 -13.03 8.30
C PRO A 8 -6.01 -12.87 7.10
N ARG A 9 -5.92 -13.92 6.27
CA ARG A 9 -5.07 -13.93 5.07
C ARG A 9 -5.74 -13.20 3.89
N ASP A 10 -6.99 -12.70 4.11
CA ASP A 10 -7.82 -12.04 3.10
C ASP A 10 -7.07 -10.88 2.40
N SER A 11 -7.35 -10.67 1.11
CA SER A 11 -6.65 -9.68 0.28
C SER A 11 -6.97 -8.25 0.73
N ASN A 12 -8.26 -8.00 1.01
CA ASN A 12 -8.77 -6.68 1.45
C ASN A 12 -8.24 -6.33 2.85
N LEU A 13 -7.80 -7.37 3.62
CA LEU A 13 -7.16 -7.19 4.93
C LEU A 13 -5.85 -6.40 4.75
N LYS A 14 -5.04 -6.78 3.73
CA LYS A 14 -3.74 -6.12 3.47
C LYS A 14 -3.95 -4.60 3.25
N ASP A 15 -4.94 -4.27 2.40
CA ASP A 15 -5.30 -2.86 2.10
C ASP A 15 -5.82 -2.14 3.36
N LYS A 16 -6.68 -2.85 4.13
CA LYS A 16 -7.30 -2.37 5.39
C LYS A 16 -6.23 -1.92 6.39
N PHE A 17 -5.29 -2.85 6.65
CA PHE A 17 -4.18 -2.68 7.61
C PHE A 17 -3.32 -1.49 7.18
N ILE A 18 -2.87 -1.53 5.92
CA ILE A 18 -1.92 -0.55 5.36
C ILE A 18 -2.51 0.88 5.38
N LYS A 19 -3.77 1.05 4.92
CA LYS A 19 -4.41 2.40 4.89
C LYS A 19 -4.75 2.88 6.31
N HIS A 20 -4.90 1.93 7.26
CA HIS A 20 -5.05 2.26 8.70
C HIS A 20 -3.70 2.74 9.27
N PHE A 21 -2.61 2.14 8.76
CA PHE A 21 -1.24 2.36 9.22
C PHE A 21 -0.62 3.63 8.56
N THR A 22 -1.10 3.99 7.36
CA THR A 22 -0.58 5.13 6.57
C THR A 22 -1.49 6.36 6.69
N GLY A 23 -2.80 6.11 6.76
CA GLY A 23 -3.81 7.15 6.67
C GLY A 23 -4.61 7.05 5.37
N PRO A 24 -5.61 7.96 5.13
CA PRO A 24 -6.36 8.00 3.85
C PRO A 24 -5.44 8.30 2.65
N VAL A 25 -4.90 7.23 2.04
CA VAL A 25 -4.02 7.33 0.85
C VAL A 25 -4.75 7.99 -0.34
N THR A 26 -5.97 7.46 -0.65
CA THR A 26 -6.85 7.95 -1.73
C THR A 26 -6.07 8.33 -3.02
N PHE A 27 -5.56 7.29 -3.69
CA PHE A 27 -4.73 7.44 -4.89
C PHE A 27 -5.57 7.92 -6.09
N SER A 28 -5.07 8.96 -6.78
CA SER A 28 -5.68 9.57 -8.00
C SER A 28 -5.83 8.55 -9.17
N PRO A 29 -6.65 8.88 -10.22
CA PRO A 29 -6.74 8.11 -11.50
C PRO A 29 -5.37 7.56 -12.04
N GLU A 30 -4.34 8.44 -12.10
CA GLU A 30 -2.99 8.05 -12.58
C GLU A 30 -2.26 7.22 -11.49
N CYS A 31 -2.39 7.68 -10.23
CA CYS A 31 -1.82 7.01 -9.05
C CYS A 31 -2.37 5.58 -8.87
N SER A 32 -3.54 5.29 -9.49
CA SER A 32 -4.14 3.96 -9.49
C SER A 32 -3.21 2.96 -10.21
N LYS A 33 -2.69 3.38 -11.40
CA LYS A 33 -1.66 2.63 -12.13
C LYS A 33 -0.42 2.49 -11.27
N HIS A 34 0.12 3.66 -10.81
CA HIS A 34 1.39 3.70 -10.02
C HIS A 34 1.29 2.83 -8.76
N PHE A 35 0.06 2.74 -8.21
CA PHE A 35 -0.27 1.90 -7.06
C PHE A 35 -0.12 0.43 -7.44
N HIS A 36 -0.77 0.03 -8.54
CA HIS A 36 -0.70 -1.38 -9.04
C HIS A 36 0.77 -1.78 -9.33
N ARG A 37 1.58 -0.81 -9.82
CA ARG A 37 2.99 -1.04 -10.15
C ARG A 37 3.77 -1.40 -8.88
N LEU A 38 3.85 -0.48 -7.91
CA LEU A 38 4.72 -0.63 -6.72
C LEU A 38 4.10 -1.63 -5.70
N TYR A 39 2.80 -1.93 -5.83
CA TYR A 39 2.08 -2.85 -4.92
C TYR A 39 2.31 -4.32 -5.35
N TYR A 40 2.26 -4.57 -6.67
CA TYR A 40 2.42 -5.93 -7.23
C TYR A 40 3.89 -6.26 -7.59
N ASN A 41 4.73 -5.22 -7.85
CA ASN A 41 6.12 -5.45 -8.35
C ASN A 41 7.14 -5.51 -7.20
N THR A 42 6.84 -4.87 -6.06
CA THR A 42 7.81 -4.82 -4.95
C THR A 42 7.56 -5.96 -3.99
N ARG A 43 8.64 -6.50 -3.41
CA ARG A 43 8.56 -7.54 -2.37
C ARG A 43 8.07 -6.93 -1.04
N GLU A 44 8.04 -5.59 -0.99
CA GLU A 44 7.57 -4.81 0.18
C GLU A 44 6.06 -4.93 0.34
N CYS A 45 5.33 -4.75 -0.76
CA CYS A 45 3.85 -4.81 -0.78
C CYS A 45 3.35 -6.21 -1.13
N SER A 46 4.25 -7.06 -1.70
CA SER A 46 3.96 -8.47 -1.96
C SER A 46 3.96 -9.26 -0.64
N THR A 47 5.03 -9.06 0.16
CA THR A 47 5.20 -9.71 1.46
C THR A 47 4.32 -9.03 2.54
N PRO A 48 3.42 -9.82 3.24
CA PRO A 48 2.59 -9.30 4.36
C PRO A 48 3.39 -9.03 5.65
N ALA A 49 4.65 -9.49 5.68
CA ALA A 49 5.59 -9.19 6.76
C ALA A 49 6.26 -7.80 6.55
N TYR A 50 6.26 -7.33 5.29
CA TYR A 50 6.93 -6.08 4.89
C TYR A 50 5.92 -4.91 4.78
N TYR A 51 4.88 -4.96 5.63
CA TYR A 51 3.84 -3.89 5.71
C TYR A 51 4.43 -2.50 6.01
N LYS A 52 5.57 -2.48 6.71
CA LYS A 52 6.24 -1.23 7.12
C LYS A 52 6.83 -0.54 5.89
N ARG A 53 7.55 -1.35 5.07
CA ARG A 53 8.18 -0.91 3.82
C ARG A 53 7.11 -0.44 2.83
N CYS A 54 6.06 -1.27 2.71
CA CYS A 54 4.90 -1.02 1.84
C CYS A 54 4.17 0.27 2.26
N ALA A 55 4.12 0.51 3.58
CA ALA A 55 3.50 1.71 4.14
C ALA A 55 4.23 2.99 3.70
N ARG A 56 5.56 2.99 3.92
CA ARG A 56 6.45 4.13 3.59
C ARG A 56 6.36 4.48 2.10
N LEU A 57 6.38 3.44 1.25
CA LEU A 57 6.46 3.57 -0.22
C LEU A 57 5.11 4.05 -0.83
N LEU A 58 3.97 3.56 -0.24
CA LEU A 58 2.59 3.96 -0.65
C LEU A 58 2.30 5.39 -0.22
N THR A 59 2.80 5.75 0.97
CA THR A 59 2.71 7.09 1.52
C THR A 59 3.47 8.10 0.63
N ARG A 60 4.70 7.70 0.22
CA ARG A 60 5.56 8.53 -0.62
C ARG A 60 4.94 8.73 -2.02
N LEU A 61 4.25 7.68 -2.50
CA LEU A 61 3.45 7.78 -3.74
C LEU A 61 2.27 8.76 -3.57
N ALA A 62 1.60 8.67 -2.40
CA ALA A 62 0.41 9.48 -2.08
C ALA A 62 0.75 10.98 -1.89
N VAL A 63 1.99 11.28 -1.46
CA VAL A 63 2.44 12.68 -1.28
C VAL A 63 3.06 13.26 -2.58
N SER A 64 3.34 12.38 -3.57
CA SER A 64 3.80 12.80 -4.91
C SER A 64 2.71 13.64 -5.62
N PRO A 65 3.07 14.69 -6.44
CA PRO A 65 2.08 15.65 -7.04
C PRO A 65 1.06 15.00 -8.00
N LEU A 66 1.34 13.78 -8.47
CA LEU A 66 0.41 13.00 -9.30
C LEU A 66 -0.81 12.51 -8.48
N CYS A 67 -0.63 12.41 -7.15
CA CYS A 67 -1.72 12.10 -6.19
C CYS A 67 -2.18 13.38 -5.48
N SER A 68 -1.19 14.22 -5.14
CA SER A 68 -1.40 15.48 -4.42
C SER A 68 -1.90 16.55 -5.40
N GLN A 69 -3.21 16.54 -5.63
CA GLN A 69 -3.88 17.44 -6.56
C GLN A 69 -3.94 18.86 -5.96
N THR A 70 -3.08 19.74 -6.50
CA THR A 70 -2.97 21.14 -6.10
C THR A 70 -2.36 21.93 -7.29
N SER A 1 7.55 -19.43 7.93
CA SER A 1 7.94 -18.23 7.14
C SER A 1 7.28 -16.98 7.75
N ARG A 2 7.73 -15.80 7.33
CA ARG A 2 7.15 -14.52 7.76
C ARG A 2 5.96 -14.17 6.86
N SER A 3 4.77 -14.61 7.30
CA SER A 3 3.50 -14.34 6.61
C SER A 3 3.01 -12.92 6.95
N ALA A 4 2.35 -12.78 8.11
CA ALA A 4 1.77 -11.51 8.60
C ALA A 4 1.42 -11.64 10.08
N GLU A 5 1.59 -10.55 10.85
CA GLU A 5 1.32 -10.55 12.31
C GLU A 5 -0.17 -10.20 12.55
N ILE A 6 -1.05 -11.10 12.08
CA ILE A 6 -2.51 -11.00 12.22
C ILE A 6 -3.13 -12.39 12.41
N PHE A 7 -4.42 -12.45 12.77
CA PHE A 7 -5.18 -13.72 12.88
C PHE A 7 -6.06 -14.03 11.61
N PRO A 8 -6.79 -13.05 10.93
CA PRO A 8 -7.66 -13.36 9.77
C PRO A 8 -6.88 -13.29 8.43
N ARG A 9 -6.73 -14.45 7.75
CA ARG A 9 -5.96 -14.54 6.49
C ARG A 9 -6.85 -14.13 5.29
N ASP A 10 -7.20 -12.85 5.23
CA ASP A 10 -8.04 -12.28 4.16
C ASP A 10 -7.22 -11.31 3.31
N SER A 11 -7.57 -11.22 2.03
CA SER A 11 -6.98 -10.25 1.08
C SER A 11 -7.31 -8.81 1.51
N ASN A 12 -8.58 -8.60 1.91
CA ASN A 12 -9.10 -7.29 2.37
C ASN A 12 -8.56 -6.92 3.76
N LEU A 13 -8.05 -7.92 4.51
CA LEU A 13 -7.41 -7.68 5.82
C LEU A 13 -6.05 -7.01 5.59
N LYS A 14 -5.26 -7.54 4.63
CA LYS A 14 -3.95 -6.99 4.26
C LYS A 14 -4.09 -5.52 3.83
N ASP A 15 -5.06 -5.27 2.95
CA ASP A 15 -5.35 -3.93 2.41
C ASP A 15 -5.89 -2.98 3.49
N LYS A 16 -6.83 -3.43 4.35
CA LYS A 16 -7.45 -2.54 5.38
C LYS A 16 -6.40 -2.14 6.43
N PHE A 17 -5.48 -3.08 6.74
CA PHE A 17 -4.37 -2.88 7.66
C PHE A 17 -3.45 -1.77 7.12
N ILE A 18 -3.01 -1.97 5.87
CA ILE A 18 -2.11 -1.05 5.16
C ILE A 18 -2.71 0.38 5.11
N LYS A 19 -3.98 0.50 4.68
CA LYS A 19 -4.66 1.82 4.52
C LYS A 19 -4.88 2.52 5.87
N HIS A 20 -5.15 1.71 6.92
CA HIS A 20 -5.29 2.20 8.31
C HIS A 20 -3.95 2.75 8.84
N PHE A 21 -2.85 2.07 8.49
CA PHE A 21 -1.49 2.43 8.95
C PHE A 21 -0.91 3.61 8.15
N THR A 22 -1.25 3.69 6.85
CA THR A 22 -0.78 4.78 5.96
C THR A 22 -1.58 6.07 6.23
N GLY A 23 -2.87 5.90 6.55
CA GLY A 23 -3.79 7.01 6.69
C GLY A 23 -4.46 7.36 5.35
N PRO A 24 -4.89 8.65 5.12
CA PRO A 24 -5.62 9.04 3.90
C PRO A 24 -4.71 9.08 2.66
N VAL A 25 -4.55 7.92 2.01
CA VAL A 25 -3.77 7.80 0.76
C VAL A 25 -4.49 8.49 -0.43
N THR A 26 -5.74 8.03 -0.70
CA THR A 26 -6.61 8.52 -1.80
C THR A 26 -5.85 8.74 -3.14
N PHE A 27 -5.45 7.63 -3.78
CA PHE A 27 -4.69 7.68 -5.06
C PHE A 27 -5.63 8.09 -6.24
N SER A 28 -5.27 9.18 -6.96
CA SER A 28 -5.92 9.58 -8.23
C SER A 28 -5.59 8.55 -9.35
N PRO A 29 -6.51 8.34 -10.37
CA PRO A 29 -6.35 7.31 -11.47
C PRO A 29 -4.90 7.04 -11.98
N GLU A 30 -4.10 8.12 -12.09
CA GLU A 30 -2.68 8.05 -12.52
C GLU A 30 -1.83 7.39 -11.42
N CYS A 31 -1.97 7.93 -10.22
CA CYS A 31 -1.31 7.41 -9.01
C CYS A 31 -1.82 6.01 -8.62
N SER A 32 -3.02 5.63 -9.13
CA SER A 32 -3.62 4.29 -8.93
C SER A 32 -2.95 3.27 -9.85
N LYS A 33 -2.54 3.72 -11.04
CA LYS A 33 -1.68 2.94 -11.95
C LYS A 33 -0.31 2.72 -11.28
N HIS A 34 0.31 3.84 -10.84
CA HIS A 34 1.60 3.83 -10.11
C HIS A 34 1.49 2.99 -8.82
N PHE A 35 0.26 2.95 -8.25
CA PHE A 35 -0.08 2.09 -7.11
C PHE A 35 0.05 0.62 -7.51
N HIS A 36 -0.53 0.25 -8.66
CA HIS A 36 -0.46 -1.14 -9.16
C HIS A 36 0.99 -1.58 -9.40
N ARG A 37 1.83 -0.64 -9.89
CA ARG A 37 3.26 -0.89 -10.14
C ARG A 37 3.97 -1.25 -8.83
N LEU A 38 3.98 -0.30 -7.88
CA LEU A 38 4.79 -0.40 -6.64
C LEU A 38 4.14 -1.36 -5.61
N TYR A 39 2.86 -1.72 -5.82
CA TYR A 39 2.15 -2.68 -4.95
C TYR A 39 2.48 -4.13 -5.37
N TYR A 40 2.13 -4.46 -6.63
CA TYR A 40 2.13 -5.85 -7.13
C TYR A 40 3.49 -6.31 -7.68
N ASN A 41 4.38 -5.35 -8.07
CA ASN A 41 5.70 -5.70 -8.65
C ASN A 41 6.83 -5.72 -7.61
N THR A 42 6.62 -5.05 -6.46
CA THR A 42 7.67 -4.94 -5.41
C THR A 42 7.52 -6.06 -4.38
N ARG A 43 8.61 -6.36 -3.67
CA ARG A 43 8.58 -7.23 -2.48
C ARG A 43 7.86 -6.52 -1.32
N GLU A 44 7.96 -5.18 -1.27
CA GLU A 44 7.51 -4.38 -0.10
C GLU A 44 5.99 -4.53 0.14
N CYS A 45 5.18 -4.42 -0.92
CA CYS A 45 3.70 -4.42 -0.81
C CYS A 45 3.07 -5.77 -1.16
N SER A 46 3.83 -6.67 -1.79
CA SER A 46 3.37 -8.05 -2.07
C SER A 46 3.63 -8.96 -0.84
N THR A 47 4.76 -8.73 -0.15
CA THR A 47 5.10 -9.42 1.10
C THR A 47 4.42 -8.73 2.30
N PRO A 48 3.58 -9.47 3.10
CA PRO A 48 2.87 -8.92 4.27
C PRO A 48 3.78 -8.85 5.54
N ALA A 49 4.98 -9.43 5.46
CA ALA A 49 6.05 -9.20 6.45
C ALA A 49 6.64 -7.79 6.28
N TYR A 50 6.53 -7.25 5.05
CA TYR A 50 7.03 -5.92 4.69
C TYR A 50 5.91 -4.86 4.75
N TYR A 51 4.93 -5.04 5.67
CA TYR A 51 3.87 -4.03 5.96
C TYR A 51 4.43 -2.61 6.17
N LYS A 52 5.56 -2.54 6.92
CA LYS A 52 6.30 -1.30 7.20
C LYS A 52 6.74 -0.61 5.90
N ARG A 53 7.52 -1.35 5.08
CA ARG A 53 8.09 -0.85 3.81
C ARG A 53 6.99 -0.43 2.82
N CYS A 54 5.91 -1.24 2.80
CA CYS A 54 4.72 -1.01 1.96
C CYS A 54 4.07 0.32 2.33
N ALA A 55 3.93 0.54 3.64
CA ALA A 55 3.29 1.74 4.18
C ALA A 55 4.06 3.01 3.80
N ARG A 56 5.40 2.94 3.95
CA ARG A 56 6.32 4.07 3.68
C ARG A 56 6.28 4.46 2.18
N LEU A 57 6.31 3.44 1.30
CA LEU A 57 6.42 3.64 -0.17
C LEU A 57 5.07 4.10 -0.79
N LEU A 58 3.95 3.63 -0.19
CA LEU A 58 2.58 4.03 -0.61
C LEU A 58 2.27 5.47 -0.17
N THR A 59 2.77 5.82 1.03
CA THR A 59 2.66 7.17 1.58
C THR A 59 3.45 8.16 0.71
N ARG A 60 4.69 7.77 0.33
CA ARG A 60 5.56 8.61 -0.51
C ARG A 60 4.94 8.78 -1.92
N LEU A 61 4.22 7.74 -2.39
CA LEU A 61 3.45 7.84 -3.63
C LEU A 61 2.27 8.81 -3.47
N ALA A 62 1.58 8.73 -2.32
CA ALA A 62 0.34 9.51 -2.04
C ALA A 62 0.63 11.02 -1.91
N VAL A 63 1.84 11.36 -1.40
CA VAL A 63 2.24 12.78 -1.23
C VAL A 63 2.82 13.39 -2.52
N SER A 64 3.05 12.54 -3.56
CA SER A 64 3.58 12.97 -4.87
C SER A 64 2.54 13.85 -5.61
N PRO A 65 2.98 14.78 -6.54
CA PRO A 65 2.04 15.67 -7.27
C PRO A 65 1.17 14.92 -8.31
N LEU A 66 1.59 13.68 -8.69
CA LEU A 66 0.78 12.80 -9.56
C LEU A 66 -0.41 12.16 -8.80
N CYS A 67 -0.42 12.34 -7.47
CA CYS A 67 -1.41 11.69 -6.57
C CYS A 67 -2.29 12.74 -5.89
N SER A 68 -1.65 13.83 -5.46
CA SER A 68 -2.31 14.96 -4.80
C SER A 68 -3.01 15.86 -5.84
N GLN A 69 -3.85 16.78 -5.35
CA GLN A 69 -4.67 17.69 -6.18
C GLN A 69 -3.78 18.63 -7.04
N THR A 70 -4.03 18.62 -8.37
CA THR A 70 -3.28 19.41 -9.37
C THR A 70 -4.24 19.85 -10.52
N SER A 1 -2.57 -15.60 11.29
CA SER A 1 -1.31 -15.74 12.05
C SER A 1 -0.21 -16.43 11.22
N ARG A 2 -0.54 -16.95 10.02
CA ARG A 2 0.43 -17.63 9.13
C ARG A 2 1.34 -16.62 8.40
N SER A 3 0.73 -15.51 7.96
CA SER A 3 1.38 -14.49 7.12
C SER A 3 2.02 -13.40 8.00
N ALA A 4 1.22 -12.87 8.92
CA ALA A 4 1.65 -11.88 9.94
C ALA A 4 0.82 -12.10 11.22
N GLU A 5 0.96 -11.19 12.22
CA GLU A 5 0.25 -11.33 13.53
C GLU A 5 -1.29 -11.18 13.38
N ILE A 6 -1.73 -10.57 12.26
CA ILE A 6 -3.16 -10.52 11.86
C ILE A 6 -3.72 -11.94 11.58
N PHE A 7 -5.05 -12.12 11.76
CA PHE A 7 -5.70 -13.44 11.65
C PHE A 7 -5.93 -13.85 10.16
N PRO A 8 -6.64 -13.03 9.28
CA PRO A 8 -6.84 -13.40 7.86
C PRO A 8 -5.57 -13.24 7.01
N ARG A 9 -5.64 -13.66 5.75
CA ARG A 9 -4.53 -13.62 4.78
C ARG A 9 -4.93 -12.75 3.56
N ASP A 10 -6.23 -12.41 3.50
CA ASP A 10 -6.91 -11.81 2.33
C ASP A 10 -6.24 -10.52 1.83
N SER A 11 -6.45 -10.25 0.53
CA SER A 11 -6.09 -8.97 -0.10
C SER A 11 -6.94 -7.82 0.49
N ASN A 12 -8.15 -8.20 0.98
CA ASN A 12 -9.06 -7.30 1.72
C ASN A 12 -8.42 -6.84 3.04
N LEU A 13 -7.85 -7.82 3.77
CA LEU A 13 -7.18 -7.60 5.06
C LEU A 13 -5.95 -6.72 4.83
N LYS A 14 -5.12 -7.11 3.84
CA LYS A 14 -3.86 -6.41 3.53
C LYS A 14 -4.11 -4.93 3.22
N ASP A 15 -5.15 -4.68 2.42
CA ASP A 15 -5.52 -3.32 1.98
C ASP A 15 -6.04 -2.46 3.15
N LYS A 16 -6.93 -3.05 4.01
CA LYS A 16 -7.54 -2.31 5.14
C LYS A 16 -6.49 -1.98 6.24
N PHE A 17 -5.54 -2.91 6.45
CA PHE A 17 -4.46 -2.79 7.44
C PHE A 17 -3.49 -1.67 7.02
N ILE A 18 -3.04 -1.77 5.75
CA ILE A 18 -2.12 -0.83 5.11
C ILE A 18 -2.69 0.60 5.16
N LYS A 19 -3.96 0.76 4.72
CA LYS A 19 -4.63 2.08 4.68
C LYS A 19 -4.96 2.60 6.09
N HIS A 20 -5.12 1.67 7.06
CA HIS A 20 -5.28 2.03 8.48
C HIS A 20 -3.98 2.69 9.00
N PHE A 21 -2.84 2.09 8.62
CA PHE A 21 -1.51 2.53 9.07
C PHE A 21 -1.06 3.82 8.35
N THR A 22 -1.35 3.92 7.05
CA THR A 22 -0.96 5.07 6.21
C THR A 22 -1.90 6.26 6.43
N GLY A 23 -3.18 5.96 6.67
CA GLY A 23 -4.23 6.96 6.72
C GLY A 23 -4.91 7.15 5.37
N PRO A 24 -5.69 8.25 5.16
CA PRO A 24 -6.27 8.56 3.84
C PRO A 24 -5.17 8.82 2.77
N VAL A 25 -4.86 7.76 2.01
CA VAL A 25 -3.91 7.83 0.87
C VAL A 25 -4.52 8.62 -0.32
N THR A 26 -5.76 8.26 -0.66
CA THR A 26 -6.52 8.80 -1.82
C THR A 26 -5.67 8.81 -3.11
N PHE A 27 -5.36 7.59 -3.62
CA PHE A 27 -4.59 7.44 -4.87
C PHE A 27 -5.49 7.85 -6.06
N SER A 28 -5.17 8.99 -6.67
CA SER A 28 -5.87 9.54 -7.85
C SER A 28 -5.75 8.57 -9.06
N PRO A 29 -6.67 8.62 -10.10
CA PRO A 29 -6.66 7.66 -11.28
C PRO A 29 -5.26 7.33 -11.86
N GLU A 30 -4.39 8.36 -11.96
CA GLU A 30 -3.00 8.21 -12.41
C GLU A 30 -2.17 7.44 -11.36
N CYS A 31 -2.22 7.95 -10.12
CA CYS A 31 -1.55 7.38 -8.95
C CYS A 31 -2.03 5.96 -8.61
N SER A 32 -3.21 5.60 -9.14
CA SER A 32 -3.81 4.26 -8.98
C SER A 32 -3.07 3.26 -9.87
N LYS A 33 -2.68 3.70 -11.09
CA LYS A 33 -1.79 2.92 -11.98
C LYS A 33 -0.46 2.73 -11.26
N HIS A 34 0.11 3.84 -10.77
CA HIS A 34 1.37 3.84 -10.00
C HIS A 34 1.27 2.96 -8.73
N PHE A 35 0.04 2.86 -8.18
CA PHE A 35 -0.28 2.00 -7.03
C PHE A 35 -0.13 0.54 -7.42
N HIS A 36 -0.82 0.11 -8.49
CA HIS A 36 -0.80 -1.31 -8.91
C HIS A 36 0.60 -1.75 -9.35
N ARG A 37 1.37 -0.79 -9.88
CA ARG A 37 2.78 -0.99 -10.25
C ARG A 37 3.64 -1.29 -9.01
N LEU A 38 3.74 -0.32 -8.08
CA LEU A 38 4.64 -0.42 -6.89
C LEU A 38 4.10 -1.44 -5.84
N TYR A 39 2.81 -1.82 -5.97
CA TYR A 39 2.16 -2.77 -5.05
C TYR A 39 2.50 -4.21 -5.47
N TYR A 40 2.15 -4.55 -6.72
CA TYR A 40 2.24 -5.93 -7.22
C TYR A 40 3.62 -6.26 -7.83
N ASN A 41 4.45 -5.23 -8.13
CA ASN A 41 5.82 -5.46 -8.69
C ASN A 41 6.87 -5.58 -7.57
N THR A 42 6.59 -5.00 -6.38
CA THR A 42 7.57 -5.02 -5.26
C THR A 42 7.31 -6.20 -4.32
N ARG A 43 8.37 -6.66 -3.67
CA ARG A 43 8.28 -7.70 -2.64
C ARG A 43 7.55 -7.15 -1.40
N GLU A 44 7.72 -5.84 -1.13
CA GLU A 44 7.31 -5.20 0.12
C GLU A 44 5.78 -5.23 0.31
N CYS A 45 5.06 -4.84 -0.75
CA CYS A 45 3.59 -4.79 -0.76
C CYS A 45 2.95 -6.15 -1.10
N SER A 46 3.79 -7.20 -1.16
CA SER A 46 3.35 -8.60 -1.29
C SER A 46 3.82 -9.42 -0.05
N THR A 47 4.78 -8.86 0.72
CA THR A 47 5.35 -9.51 1.91
C THR A 47 4.77 -8.87 3.18
N PRO A 48 4.04 -9.66 4.03
CA PRO A 48 3.43 -9.17 5.29
C PRO A 48 4.46 -8.71 6.36
N ALA A 49 5.68 -9.27 6.31
CA ALA A 49 6.80 -8.82 7.17
C ALA A 49 7.27 -7.40 6.76
N TYR A 50 7.04 -7.05 5.49
CA TYR A 50 7.41 -5.74 4.91
C TYR A 50 6.18 -4.80 4.77
N TYR A 51 5.12 -5.01 5.60
CA TYR A 51 3.96 -4.07 5.68
C TYR A 51 4.41 -2.63 6.00
N LYS A 52 5.53 -2.52 6.74
CA LYS A 52 6.17 -1.24 7.11
C LYS A 52 6.71 -0.52 5.85
N ARG A 53 7.62 -1.23 5.13
CA ARG A 53 8.26 -0.72 3.89
C ARG A 53 7.22 -0.36 2.83
N CYS A 54 6.18 -1.23 2.74
CA CYS A 54 5.05 -1.06 1.83
C CYS A 54 4.30 0.24 2.15
N ALA A 55 3.97 0.42 3.44
CA ALA A 55 3.23 1.59 3.92
C ALA A 55 3.97 2.90 3.61
N ARG A 56 5.31 2.86 3.78
CA ARG A 56 6.20 4.00 3.52
C ARG A 56 6.28 4.36 2.03
N LEU A 57 6.34 3.33 1.17
CA LEU A 57 6.49 3.50 -0.29
C LEU A 57 5.14 3.96 -0.92
N LEU A 58 4.02 3.55 -0.28
CA LEU A 58 2.63 3.95 -0.63
C LEU A 58 2.33 5.38 -0.18
N THR A 59 2.94 5.76 0.96
CA THR A 59 2.90 7.13 1.47
C THR A 59 3.74 8.05 0.55
N ARG A 60 4.93 7.55 0.16
CA ARG A 60 5.86 8.27 -0.73
C ARG A 60 5.23 8.47 -2.12
N LEU A 61 4.35 7.53 -2.51
CA LEU A 61 3.50 7.67 -3.69
C LEU A 61 2.42 8.75 -3.47
N ALA A 62 1.72 8.67 -2.32
CA ALA A 62 0.55 9.53 -2.00
C ALA A 62 0.93 11.03 -1.87
N VAL A 63 2.18 11.30 -1.46
CA VAL A 63 2.68 12.68 -1.25
C VAL A 63 3.18 13.32 -2.57
N SER A 64 3.34 12.49 -3.63
CA SER A 64 3.81 12.95 -4.95
C SER A 64 2.66 13.70 -5.68
N PRO A 65 2.97 14.72 -6.55
CA PRO A 65 1.92 15.60 -7.19
C PRO A 65 0.93 14.82 -8.09
N LEU A 66 1.33 13.62 -8.55
CA LEU A 66 0.45 12.74 -9.38
C LEU A 66 -0.68 12.10 -8.54
N CYS A 67 -0.59 12.25 -7.20
CA CYS A 67 -1.48 11.60 -6.22
C CYS A 67 -2.13 12.64 -5.30
N SER A 68 -1.34 13.66 -4.94
CA SER A 68 -1.75 14.76 -4.07
C SER A 68 -2.45 15.86 -4.90
N GLN A 69 -3.23 16.69 -4.19
CA GLN A 69 -4.05 17.77 -4.79
C GLN A 69 -3.14 18.89 -5.33
N THR A 70 -3.33 19.22 -6.63
CA THR A 70 -2.56 20.25 -7.33
C THR A 70 -3.50 21.09 -8.24
N SER A 1 -5.25 -16.76 -0.85
CA SER A 1 -4.76 -16.29 0.46
C SER A 1 -3.23 -16.50 0.58
N ARG A 2 -2.58 -15.68 1.42
CA ARG A 2 -1.16 -15.85 1.78
C ARG A 2 -0.99 -15.67 3.30
N SER A 3 0.10 -16.25 3.85
CA SER A 3 0.41 -16.16 5.27
C SER A 3 0.84 -14.73 5.64
N ALA A 4 -0.15 -13.91 6.03
CA ALA A 4 0.07 -12.54 6.52
C ALA A 4 -0.16 -12.50 8.03
N GLU A 5 0.66 -11.71 8.76
CA GLU A 5 0.53 -11.56 10.22
C GLU A 5 -0.55 -10.50 10.52
N ILE A 6 -1.81 -10.91 10.31
CA ILE A 6 -3.01 -10.12 10.61
C ILE A 6 -3.97 -10.98 11.46
N PHE A 7 -4.95 -10.33 12.09
CA PHE A 7 -5.89 -11.01 13.01
C PHE A 7 -6.97 -11.81 12.20
N PRO A 8 -7.72 -11.20 11.21
CA PRO A 8 -8.64 -11.95 10.31
C PRO A 8 -7.99 -12.29 8.95
N ARG A 9 -8.07 -13.57 8.56
CA ARG A 9 -7.50 -14.06 7.30
C ARG A 9 -8.34 -13.61 6.07
N ASP A 10 -7.80 -12.66 5.27
CA ASP A 10 -8.48 -12.12 4.05
C ASP A 10 -7.52 -11.20 3.24
N SER A 11 -7.83 -10.98 1.94
CA SER A 11 -6.97 -10.20 1.01
C SER A 11 -7.38 -8.71 1.00
N ASN A 12 -8.70 -8.42 1.07
CA ASN A 12 -9.24 -7.04 1.19
C ASN A 12 -8.90 -6.47 2.58
N LEU A 13 -8.71 -7.40 3.54
CA LEU A 13 -8.18 -7.11 4.88
C LEU A 13 -6.79 -6.48 4.74
N LYS A 14 -5.92 -7.13 3.94
CA LYS A 14 -4.53 -6.69 3.71
C LYS A 14 -4.49 -5.23 3.23
N ASP A 15 -5.41 -4.87 2.32
CA ASP A 15 -5.52 -3.50 1.77
C ASP A 15 -6.07 -2.50 2.82
N LYS A 16 -7.11 -2.91 3.59
CA LYS A 16 -7.74 -2.03 4.61
C LYS A 16 -6.76 -1.75 5.76
N PHE A 17 -5.98 -2.80 6.10
CA PHE A 17 -4.98 -2.78 7.18
C PHE A 17 -3.87 -1.80 6.81
N ILE A 18 -3.31 -2.01 5.60
CA ILE A 18 -2.23 -1.19 5.04
C ILE A 18 -2.67 0.29 4.95
N LYS A 19 -3.90 0.53 4.45
CA LYS A 19 -4.45 1.89 4.30
C LYS A 19 -4.74 2.53 5.68
N HIS A 20 -5.13 1.71 6.67
CA HIS A 20 -5.37 2.18 8.05
C HIS A 20 -4.04 2.53 8.74
N PHE A 21 -2.98 1.82 8.31
CA PHE A 21 -1.62 1.97 8.84
C PHE A 21 -0.92 3.20 8.22
N THR A 22 -1.20 3.44 6.91
CA THR A 22 -0.65 4.59 6.16
C THR A 22 -1.49 5.85 6.40
N GLY A 23 -2.77 5.66 6.74
CA GLY A 23 -3.76 6.74 6.76
C GLY A 23 -4.55 6.77 5.45
N PRO A 24 -5.69 7.51 5.36
CA PRO A 24 -6.54 7.55 4.13
C PRO A 24 -5.75 8.06 2.89
N VAL A 25 -5.05 7.13 2.22
CA VAL A 25 -4.22 7.41 1.03
C VAL A 25 -5.10 7.95 -0.12
N THR A 26 -6.03 7.10 -0.61
CA THR A 26 -6.92 7.36 -1.76
C THR A 26 -6.17 8.04 -2.94
N PHE A 27 -5.41 7.21 -3.67
CA PHE A 27 -4.56 7.65 -4.79
C PHE A 27 -5.44 8.03 -5.99
N SER A 28 -5.20 9.21 -6.59
CA SER A 28 -5.90 9.69 -7.82
C SER A 28 -5.75 8.67 -8.98
N PRO A 29 -6.73 8.59 -9.96
CA PRO A 29 -6.74 7.57 -11.07
C PRO A 29 -5.34 7.29 -11.73
N GLU A 30 -4.54 8.34 -11.93
CA GLU A 30 -3.15 8.23 -12.46
C GLU A 30 -2.26 7.50 -11.42
N CYS A 31 -2.29 8.05 -10.20
CA CYS A 31 -1.50 7.58 -9.06
C CYS A 31 -1.91 6.15 -8.61
N SER A 32 -3.14 5.74 -8.93
CA SER A 32 -3.65 4.41 -8.56
C SER A 32 -3.20 3.35 -9.58
N LYS A 33 -2.90 3.79 -10.84
CA LYS A 33 -2.13 2.97 -11.80
C LYS A 33 -0.75 2.69 -11.18
N HIS A 34 -0.10 3.77 -10.73
CA HIS A 34 1.21 3.71 -10.03
C HIS A 34 1.12 2.85 -8.76
N PHE A 35 -0.06 2.88 -8.10
CA PHE A 35 -0.33 2.06 -6.90
C PHE A 35 -0.28 0.58 -7.25
N HIS A 36 -0.96 0.19 -8.34
CA HIS A 36 -1.02 -1.23 -8.77
C HIS A 36 0.38 -1.75 -9.12
N ARG A 37 1.18 -0.87 -9.74
CA ARG A 37 2.57 -1.18 -10.12
C ARG A 37 3.42 -1.46 -8.87
N LEU A 38 3.58 -0.46 -8.00
CA LEU A 38 4.50 -0.52 -6.84
C LEU A 38 3.95 -1.45 -5.72
N TYR A 39 2.65 -1.81 -5.78
CA TYR A 39 2.04 -2.73 -4.81
C TYR A 39 2.37 -4.20 -5.20
N TYR A 40 2.06 -4.56 -6.46
CA TYR A 40 2.11 -5.96 -6.93
C TYR A 40 3.49 -6.34 -7.54
N ASN A 41 4.33 -5.35 -7.85
CA ASN A 41 5.65 -5.61 -8.50
C ASN A 41 6.79 -5.58 -7.45
N THR A 42 6.57 -4.92 -6.29
CA THR A 42 7.59 -4.85 -5.21
C THR A 42 7.36 -5.97 -4.20
N ARG A 43 8.46 -6.44 -3.61
CA ARG A 43 8.45 -7.37 -2.47
C ARG A 43 7.91 -6.70 -1.19
N GLU A 44 7.86 -5.35 -1.19
CA GLU A 44 7.51 -4.54 -0.02
C GLU A 44 6.01 -4.58 0.28
N CYS A 45 5.20 -4.33 -0.76
CA CYS A 45 3.73 -4.36 -0.66
C CYS A 45 3.15 -5.71 -1.09
N SER A 46 4.01 -6.72 -1.17
CA SER A 46 3.63 -8.11 -1.39
C SER A 46 3.78 -8.89 -0.06
N THR A 47 4.94 -8.68 0.58
CA THR A 47 5.35 -9.37 1.82
C THR A 47 4.77 -8.68 3.08
N PRO A 48 4.15 -9.46 4.04
CA PRO A 48 3.64 -8.92 5.32
C PRO A 48 4.76 -8.43 6.27
N ALA A 49 5.95 -9.07 6.19
CA ALA A 49 7.16 -8.65 6.96
C ALA A 49 7.63 -7.25 6.54
N TYR A 50 7.27 -6.85 5.31
CA TYR A 50 7.65 -5.55 4.74
C TYR A 50 6.43 -4.61 4.65
N TYR A 51 5.42 -4.79 5.55
CA TYR A 51 4.30 -3.81 5.71
C TYR A 51 4.83 -2.41 6.10
N LYS A 52 6.02 -2.40 6.75
CA LYS A 52 6.77 -1.18 7.09
C LYS A 52 7.18 -0.45 5.79
N ARG A 53 7.91 -1.19 4.91
CA ARG A 53 8.41 -0.67 3.62
C ARG A 53 7.24 -0.32 2.68
N CYS A 54 6.17 -1.11 2.79
CA CYS A 54 4.93 -0.93 2.02
C CYS A 54 4.25 0.39 2.42
N ALA A 55 4.22 0.64 3.73
CA ALA A 55 3.62 1.83 4.30
C ALA A 55 4.33 3.09 3.81
N ARG A 56 5.67 3.04 3.86
CA ARG A 56 6.53 4.18 3.50
C ARG A 56 6.53 4.46 1.99
N LEU A 57 6.47 3.42 1.15
CA LEU A 57 6.55 3.59 -0.33
C LEU A 57 5.18 4.05 -0.91
N LEU A 58 4.07 3.65 -0.22
CA LEU A 58 2.70 4.09 -0.56
C LEU A 58 2.46 5.54 -0.11
N THR A 59 2.97 5.88 1.08
CA THR A 59 3.00 7.26 1.58
C THR A 59 3.82 8.16 0.62
N ARG A 60 4.97 7.61 0.17
CA ARG A 60 5.90 8.30 -0.74
C ARG A 60 5.24 8.53 -2.12
N LEU A 61 4.40 7.58 -2.54
CA LEU A 61 3.58 7.72 -3.76
C LEU A 61 2.44 8.74 -3.55
N ALA A 62 1.83 8.71 -2.36
CA ALA A 62 0.68 9.58 -2.02
C ALA A 62 1.09 11.08 -1.97
N VAL A 63 2.30 11.34 -1.48
CA VAL A 63 2.84 12.71 -1.34
C VAL A 63 3.46 13.23 -2.68
N SER A 64 3.50 12.36 -3.71
CA SER A 64 3.97 12.73 -5.06
C SER A 64 2.99 13.75 -5.72
N PRO A 65 3.50 14.75 -6.51
CA PRO A 65 2.62 15.70 -7.26
C PRO A 65 1.64 15.00 -8.24
N LEU A 66 1.98 13.80 -8.75
CA LEU A 66 1.07 13.02 -9.66
C LEU A 66 -0.13 12.41 -8.88
N CYS A 67 -0.07 12.47 -7.55
CA CYS A 67 -1.07 11.85 -6.66
C CYS A 67 -1.86 12.95 -5.97
N SER A 68 -1.14 13.74 -5.16
CA SER A 68 -1.67 14.94 -4.50
C SER A 68 -2.06 15.98 -5.55
N GLN A 69 -3.31 16.44 -5.49
CA GLN A 69 -3.82 17.53 -6.34
C GLN A 69 -3.02 18.80 -5.99
N THR A 70 -2.11 19.18 -6.90
CA THR A 70 -1.17 20.29 -6.72
C THR A 70 -1.18 21.16 -8.00
N SER A 1 10.84 -13.63 2.64
CA SER A 1 10.27 -13.43 3.99
C SER A 1 8.76 -13.74 3.98
N ARG A 2 8.27 -14.39 5.05
CA ARG A 2 6.84 -14.69 5.27
C ARG A 2 6.55 -14.68 6.79
N SER A 3 5.74 -13.71 7.23
CA SER A 3 5.30 -13.61 8.63
C SER A 3 3.96 -12.86 8.66
N ALA A 4 2.92 -13.55 9.13
CA ALA A 4 1.60 -12.96 9.33
C ALA A 4 1.59 -12.12 10.61
N GLU A 5 1.96 -10.83 10.47
CA GLU A 5 1.99 -9.85 11.58
C GLU A 5 0.58 -9.62 12.17
N ILE A 6 -0.41 -9.81 11.31
CA ILE A 6 -1.85 -9.71 11.62
C ILE A 6 -2.38 -10.98 12.30
N PHE A 7 -3.69 -10.99 12.58
CA PHE A 7 -4.40 -12.13 13.18
C PHE A 7 -5.14 -12.98 12.09
N PRO A 8 -5.98 -12.39 11.16
CA PRO A 8 -6.61 -13.14 10.05
C PRO A 8 -5.88 -12.99 8.70
N ARG A 9 -5.73 -14.10 7.96
CA ARG A 9 -5.15 -14.09 6.62
C ARG A 9 -6.25 -13.84 5.57
N ASP A 10 -5.99 -12.90 4.64
CA ASP A 10 -6.93 -12.50 3.58
C ASP A 10 -6.25 -11.47 2.66
N SER A 11 -6.74 -11.39 1.40
CA SER A 11 -6.23 -10.46 0.38
C SER A 11 -6.39 -8.99 0.84
N ASN A 12 -7.66 -8.59 1.04
CA ASN A 12 -8.02 -7.18 1.35
C ASN A 12 -7.83 -6.84 2.85
N LEU A 13 -7.45 -7.85 3.65
CA LEU A 13 -7.03 -7.64 5.06
C LEU A 13 -5.76 -6.78 5.07
N LYS A 14 -4.77 -7.18 4.22
CA LYS A 14 -3.51 -6.45 4.07
C LYS A 14 -3.77 -5.02 3.55
N ASP A 15 -4.67 -4.91 2.55
CA ASP A 15 -5.05 -3.62 1.94
C ASP A 15 -5.66 -2.65 2.98
N LYS A 16 -6.56 -3.17 3.84
CA LYS A 16 -7.27 -2.32 4.82
C LYS A 16 -6.36 -1.95 6.00
N PHE A 17 -5.47 -2.91 6.38
CA PHE A 17 -4.45 -2.71 7.43
C PHE A 17 -3.55 -1.54 7.03
N ILE A 18 -2.98 -1.69 5.83
CA ILE A 18 -2.03 -0.76 5.24
C ILE A 18 -2.68 0.63 5.04
N LYS A 19 -3.91 0.66 4.52
CA LYS A 19 -4.64 1.91 4.26
C LYS A 19 -4.89 2.70 5.56
N HIS A 20 -5.19 1.96 6.65
CA HIS A 20 -5.33 2.54 8.01
C HIS A 20 -3.96 3.03 8.53
N PHE A 21 -2.92 2.23 8.25
CA PHE A 21 -1.55 2.44 8.75
C PHE A 21 -0.85 3.61 8.01
N THR A 22 -1.28 3.89 6.76
CA THR A 22 -0.76 4.99 5.93
C THR A 22 -1.63 6.25 6.12
N GLY A 23 -2.94 6.01 6.37
CA GLY A 23 -3.92 7.08 6.51
C GLY A 23 -4.74 7.28 5.24
N PRO A 24 -5.44 8.45 5.08
CA PRO A 24 -6.21 8.77 3.85
C PRO A 24 -5.25 8.99 2.65
N VAL A 25 -4.84 7.86 2.02
CA VAL A 25 -3.98 7.86 0.83
C VAL A 25 -4.65 8.61 -0.34
N THR A 26 -5.86 8.12 -0.71
CA THR A 26 -6.71 8.66 -1.81
C THR A 26 -5.89 9.03 -3.06
N PHE A 27 -5.41 7.99 -3.77
CA PHE A 27 -4.59 8.16 -4.97
C PHE A 27 -5.46 8.65 -6.15
N SER A 28 -4.97 9.69 -6.85
CA SER A 28 -5.58 10.20 -8.09
C SER A 28 -5.60 9.09 -9.20
N PRO A 29 -6.50 9.18 -10.24
CA PRO A 29 -6.62 8.17 -11.35
C PRO A 29 -5.28 7.58 -11.89
N GLU A 30 -4.32 8.46 -12.25
CA GLU A 30 -2.98 8.04 -12.75
C GLU A 30 -2.19 7.34 -11.62
N CYS A 31 -2.28 7.90 -10.41
CA CYS A 31 -1.57 7.38 -9.24
C CYS A 31 -2.13 6.01 -8.79
N SER A 32 -3.37 5.68 -9.21
CA SER A 32 -3.98 4.36 -8.96
C SER A 32 -3.26 3.29 -9.82
N LYS A 33 -2.84 3.70 -11.04
CA LYS A 33 -1.98 2.87 -11.91
C LYS A 33 -0.63 2.65 -11.23
N HIS A 34 -0.02 3.77 -10.77
CA HIS A 34 1.27 3.74 -10.03
C HIS A 34 1.16 2.88 -8.75
N PHE A 35 -0.06 2.86 -8.16
CA PHE A 35 -0.38 2.02 -7.00
C PHE A 35 -0.32 0.54 -7.39
N HIS A 36 -0.94 0.17 -8.53
CA HIS A 36 -0.92 -1.22 -9.03
C HIS A 36 0.53 -1.70 -9.26
N ARG A 37 1.35 -0.80 -9.85
CA ARG A 37 2.74 -1.08 -10.20
C ARG A 37 3.56 -1.40 -8.93
N LEU A 38 3.66 -0.43 -8.01
CA LEU A 38 4.54 -0.52 -6.83
C LEU A 38 3.96 -1.50 -5.77
N TYR A 39 2.66 -1.85 -5.86
CA TYR A 39 2.06 -2.83 -4.94
C TYR A 39 2.39 -4.27 -5.38
N TYR A 40 2.08 -4.60 -6.64
CA TYR A 40 2.14 -5.98 -7.15
C TYR A 40 3.55 -6.36 -7.66
N ASN A 41 4.41 -5.36 -8.01
CA ASN A 41 5.77 -5.64 -8.57
C ASN A 41 6.83 -5.71 -7.44
N THR A 42 6.55 -5.07 -6.29
CA THR A 42 7.51 -5.03 -5.17
C THR A 42 7.20 -6.16 -4.20
N ARG A 43 8.27 -6.67 -3.57
CA ARG A 43 8.19 -7.69 -2.52
C ARG A 43 7.76 -7.04 -1.18
N GLU A 44 7.85 -5.70 -1.12
CA GLU A 44 7.46 -4.88 0.06
C GLU A 44 5.95 -4.95 0.30
N CYS A 45 5.17 -4.73 -0.77
CA CYS A 45 3.69 -4.75 -0.72
C CYS A 45 3.12 -6.14 -1.06
N SER A 46 4.02 -7.09 -1.38
CA SER A 46 3.65 -8.50 -1.58
C SER A 46 3.71 -9.24 -0.23
N THR A 47 4.77 -8.96 0.54
CA THR A 47 5.07 -9.66 1.81
C THR A 47 4.31 -9.02 3.00
N PRO A 48 3.58 -9.84 3.84
CA PRO A 48 2.88 -9.35 5.06
C PRO A 48 3.86 -8.96 6.20
N ALA A 49 5.11 -9.43 6.08
CA ALA A 49 6.19 -9.10 7.02
C ALA A 49 6.90 -7.77 6.65
N TYR A 50 6.49 -7.16 5.52
CA TYR A 50 7.04 -5.86 5.04
C TYR A 50 5.95 -4.77 5.03
N TYR A 51 4.99 -4.86 5.98
CA TYR A 51 3.95 -3.81 6.19
C TYR A 51 4.57 -2.40 6.34
N LYS A 52 5.73 -2.35 7.03
CA LYS A 52 6.55 -1.14 7.22
C LYS A 52 6.95 -0.51 5.87
N ARG A 53 7.61 -1.33 5.02
CA ARG A 53 8.19 -0.88 3.74
C ARG A 53 7.09 -0.48 2.75
N CYS A 54 6.00 -1.28 2.75
CA CYS A 54 4.83 -1.04 1.91
C CYS A 54 4.13 0.27 2.32
N ALA A 55 4.08 0.52 3.64
CA ALA A 55 3.49 1.73 4.20
C ALA A 55 4.26 2.97 3.73
N ARG A 56 5.60 2.92 3.86
CA ARG A 56 6.51 4.02 3.50
C ARG A 56 6.41 4.36 2.00
N LEU A 57 6.37 3.31 1.16
CA LEU A 57 6.42 3.46 -0.30
C LEU A 57 5.06 3.96 -0.86
N LEU A 58 3.95 3.55 -0.19
CA LEU A 58 2.56 4.00 -0.53
C LEU A 58 2.30 5.41 -0.01
N THR A 59 2.97 5.77 1.09
CA THR A 59 2.94 7.11 1.65
C THR A 59 3.73 8.08 0.76
N ARG A 60 4.90 7.61 0.29
CA ARG A 60 5.78 8.39 -0.60
C ARG A 60 5.11 8.58 -1.96
N LEU A 61 4.32 7.59 -2.39
CA LEU A 61 3.46 7.71 -3.56
C LEU A 61 2.35 8.74 -3.29
N ALA A 62 1.65 8.58 -2.14
CA ALA A 62 0.48 9.42 -1.77
C ALA A 62 0.81 10.93 -1.75
N VAL A 63 2.03 11.27 -1.30
CA VAL A 63 2.49 12.67 -1.16
C VAL A 63 3.01 13.25 -2.49
N SER A 64 3.18 12.39 -3.52
CA SER A 64 3.62 12.82 -4.86
C SER A 64 2.53 13.69 -5.53
N PRO A 65 2.91 14.68 -6.42
CA PRO A 65 1.93 15.57 -7.09
C PRO A 65 0.92 14.81 -7.97
N LEU A 66 1.30 13.62 -8.47
CA LEU A 66 0.41 12.77 -9.30
C LEU A 66 -0.66 12.02 -8.46
N CYS A 67 -0.56 12.11 -7.11
CA CYS A 67 -1.52 11.47 -6.18
C CYS A 67 -2.29 12.53 -5.38
N SER A 68 -1.57 13.61 -5.01
CA SER A 68 -2.17 14.75 -4.30
C SER A 68 -2.77 15.73 -5.31
N GLN A 69 -3.71 16.58 -4.86
CA GLN A 69 -4.35 17.61 -5.70
C GLN A 69 -3.33 18.67 -6.12
N THR A 70 -3.40 19.08 -7.39
CA THR A 70 -2.48 20.04 -8.01
C THR A 70 -3.26 21.29 -8.49
N SER A 1 4.75 -15.31 0.96
CA SER A 1 4.37 -15.84 2.26
C SER A 1 3.09 -15.16 2.77
N ARG A 2 2.29 -15.91 3.55
CA ARG A 2 1.14 -15.40 4.34
C ARG A 2 1.58 -15.22 5.81
N SER A 3 2.70 -15.91 6.16
CA SER A 3 3.22 -15.97 7.54
C SER A 3 3.78 -14.60 7.99
N ALA A 4 2.95 -13.85 8.73
CA ALA A 4 3.30 -12.51 9.24
C ALA A 4 2.61 -12.26 10.60
N GLU A 5 2.75 -11.02 11.10
CA GLU A 5 2.36 -10.63 12.47
C GLU A 5 0.87 -10.25 12.60
N ILE A 6 0.00 -10.85 11.78
CA ILE A 6 -1.46 -10.67 11.88
C ILE A 6 -2.16 -12.04 11.91
N PHE A 7 -3.36 -12.08 12.51
CA PHE A 7 -4.12 -13.32 12.70
C PHE A 7 -4.84 -13.75 11.39
N PRO A 8 -5.64 -12.86 10.68
CA PRO A 8 -6.13 -13.17 9.32
C PRO A 8 -5.01 -12.95 8.28
N ARG A 9 -4.63 -14.01 7.59
CA ARG A 9 -3.47 -14.02 6.66
C ARG A 9 -3.83 -13.45 5.27
N ASP A 10 -5.05 -12.91 5.15
CA ASP A 10 -5.70 -12.62 3.87
C ASP A 10 -5.19 -11.32 3.23
N SER A 11 -5.44 -11.20 1.91
CA SER A 11 -5.00 -10.08 1.06
C SER A 11 -5.69 -8.78 1.48
N ASN A 12 -7.00 -8.86 1.82
CA ASN A 12 -7.79 -7.68 2.19
C ASN A 12 -7.52 -7.23 3.62
N LEU A 13 -6.88 -8.11 4.42
CA LEU A 13 -6.33 -7.73 5.74
C LEU A 13 -5.16 -6.77 5.49
N LYS A 14 -4.28 -7.13 4.53
CA LYS A 14 -3.13 -6.29 4.12
C LYS A 14 -3.62 -4.89 3.71
N ASP A 15 -4.67 -4.87 2.87
CA ASP A 15 -5.26 -3.61 2.37
C ASP A 15 -5.77 -2.74 3.53
N LYS A 16 -6.62 -3.32 4.42
CA LYS A 16 -7.28 -2.55 5.51
C LYS A 16 -6.25 -2.05 6.55
N PHE A 17 -5.23 -2.90 6.83
CA PHE A 17 -4.11 -2.59 7.75
C PHE A 17 -3.36 -1.35 7.25
N ILE A 18 -2.95 -1.45 5.98
CA ILE A 18 -2.14 -0.43 5.29
C ILE A 18 -2.88 0.90 5.24
N LYS A 19 -4.15 0.91 4.78
CA LYS A 19 -4.97 2.15 4.68
C LYS A 19 -5.15 2.79 6.07
N HIS A 20 -5.34 1.93 7.08
CA HIS A 20 -5.48 2.35 8.49
C HIS A 20 -4.17 3.00 9.00
N PHE A 21 -3.03 2.47 8.54
CA PHE A 21 -1.69 2.91 8.98
C PHE A 21 -1.26 4.20 8.24
N THR A 22 -1.56 4.25 6.93
CA THR A 22 -1.08 5.32 6.03
C THR A 22 -1.98 6.55 6.10
N GLY A 23 -3.27 6.32 6.42
CA GLY A 23 -4.25 7.39 6.51
C GLY A 23 -4.87 7.73 5.16
N PRO A 24 -5.11 9.05 4.84
CA PRO A 24 -5.76 9.46 3.58
C PRO A 24 -4.81 9.32 2.36
N VAL A 25 -4.66 8.09 1.86
CA VAL A 25 -3.87 7.79 0.65
C VAL A 25 -4.45 8.50 -0.59
N THR A 26 -5.76 8.26 -0.85
CA THR A 26 -6.54 8.88 -1.94
C THR A 26 -5.77 8.85 -3.30
N PHE A 27 -5.50 7.63 -3.81
CA PHE A 27 -4.72 7.45 -5.04
C PHE A 27 -5.56 7.89 -6.27
N SER A 28 -5.13 8.98 -6.91
CA SER A 28 -5.80 9.58 -8.09
C SER A 28 -5.52 8.75 -9.38
N PRO A 29 -6.33 8.91 -10.51
CA PRO A 29 -6.22 8.07 -11.74
C PRO A 29 -4.80 7.65 -12.20
N GLU A 30 -3.85 8.62 -12.27
CA GLU A 30 -2.45 8.32 -12.64
C GLU A 30 -1.74 7.57 -11.50
N CYS A 31 -1.91 8.08 -10.28
CA CYS A 31 -1.34 7.48 -9.05
C CYS A 31 -1.87 6.05 -8.80
N SER A 32 -3.02 5.73 -9.41
CA SER A 32 -3.63 4.40 -9.34
C SER A 32 -2.82 3.42 -10.19
N LYS A 33 -2.32 3.90 -11.36
CA LYS A 33 -1.35 3.17 -12.20
C LYS A 33 -0.08 2.89 -11.39
N HIS A 34 0.47 3.97 -10.82
CA HIS A 34 1.69 3.89 -9.98
C HIS A 34 1.47 2.97 -8.75
N PHE A 35 0.21 2.92 -8.26
CA PHE A 35 -0.21 2.03 -7.17
C PHE A 35 -0.10 0.56 -7.61
N HIS A 36 -0.64 0.27 -8.81
CA HIS A 36 -0.63 -1.10 -9.37
C HIS A 36 0.80 -1.62 -9.49
N ARG A 37 1.67 -0.73 -10.01
CA ARG A 37 3.09 -1.03 -10.22
C ARG A 37 3.78 -1.39 -8.89
N LEU A 38 3.83 -0.44 -7.95
CA LEU A 38 4.65 -0.57 -6.73
C LEU A 38 4.01 -1.55 -5.70
N TYR A 39 2.71 -1.85 -5.86
CA TYR A 39 2.01 -2.79 -4.95
C TYR A 39 2.23 -4.24 -5.40
N TYR A 40 1.92 -4.51 -6.67
CA TYR A 40 1.88 -5.90 -7.19
C TYR A 40 3.23 -6.37 -7.77
N ASN A 41 4.15 -5.43 -8.08
CA ASN A 41 5.47 -5.78 -8.68
C ASN A 41 6.59 -5.79 -7.62
N THR A 42 6.40 -5.15 -6.44
CA THR A 42 7.42 -5.16 -5.36
C THR A 42 7.10 -6.27 -4.35
N ARG A 43 8.16 -6.94 -3.87
CA ARG A 43 8.07 -7.90 -2.75
C ARG A 43 7.69 -7.18 -1.44
N GLU A 44 7.92 -5.86 -1.41
CA GLU A 44 7.63 -4.97 -0.28
C GLU A 44 6.12 -4.91 0.02
N CYS A 45 5.30 -4.82 -1.04
CA CYS A 45 3.84 -4.81 -0.93
C CYS A 45 3.20 -6.17 -1.23
N SER A 46 4.00 -7.10 -1.79
CA SER A 46 3.54 -8.49 -2.03
C SER A 46 3.62 -9.32 -0.73
N THR A 47 4.58 -8.97 0.15
CA THR A 47 4.76 -9.64 1.45
C THR A 47 4.02 -8.86 2.56
N PRO A 48 3.07 -9.53 3.31
CA PRO A 48 2.41 -8.92 4.50
C PRO A 48 3.36 -8.71 5.71
N ALA A 49 4.52 -9.41 5.73
CA ALA A 49 5.57 -9.16 6.76
C ALA A 49 6.39 -7.90 6.44
N TYR A 50 6.25 -7.39 5.20
CA TYR A 50 6.89 -6.14 4.77
C TYR A 50 5.86 -4.98 4.79
N TYR A 51 4.89 -5.04 5.73
CA TYR A 51 3.90 -3.94 5.97
C TYR A 51 4.59 -2.57 6.12
N LYS A 52 5.73 -2.55 6.82
CA LYS A 52 6.52 -1.33 7.05
C LYS A 52 6.98 -0.71 5.70
N ARG A 53 7.52 -1.56 4.81
CA ARG A 53 8.05 -1.16 3.50
C ARG A 53 6.91 -0.62 2.62
N CYS A 54 5.86 -1.44 2.55
CA CYS A 54 4.65 -1.16 1.77
C CYS A 54 3.97 0.12 2.21
N ALA A 55 3.89 0.34 3.53
CA ALA A 55 3.24 1.51 4.12
C ALA A 55 4.00 2.79 3.75
N ARG A 56 5.33 2.73 3.88
CA ARG A 56 6.22 3.85 3.56
C ARG A 56 6.12 4.24 2.07
N LEU A 57 6.14 3.24 1.20
CA LEU A 57 6.22 3.47 -0.26
C LEU A 57 4.84 3.91 -0.83
N LEU A 58 3.74 3.47 -0.18
CA LEU A 58 2.35 3.86 -0.54
C LEU A 58 2.01 5.26 -0.06
N THR A 59 2.51 5.61 1.14
CA THR A 59 2.40 6.96 1.70
C THR A 59 3.24 7.94 0.85
N ARG A 60 4.46 7.52 0.50
CA ARG A 60 5.40 8.32 -0.32
C ARG A 60 4.81 8.52 -1.73
N LEU A 61 4.05 7.53 -2.20
CA LEU A 61 3.26 7.65 -3.43
C LEU A 61 2.12 8.67 -3.26
N ALA A 62 1.40 8.55 -2.13
CA ALA A 62 0.19 9.34 -1.85
C ALA A 62 0.49 10.85 -1.73
N VAL A 63 1.67 11.19 -1.18
CA VAL A 63 2.08 12.59 -0.94
C VAL A 63 2.62 13.26 -2.23
N SER A 64 2.86 12.44 -3.28
CA SER A 64 3.42 12.92 -4.57
C SER A 64 2.39 13.81 -5.32
N PRO A 65 2.86 14.80 -6.16
CA PRO A 65 1.98 15.69 -6.97
C PRO A 65 1.04 14.94 -7.92
N LEU A 66 1.47 13.74 -8.38
CA LEU A 66 0.67 12.89 -9.29
C LEU A 66 -0.48 12.16 -8.56
N CYS A 67 -0.53 12.28 -7.22
CA CYS A 67 -1.48 11.54 -6.37
C CYS A 67 -2.39 12.48 -5.58
N SER A 68 -1.89 13.69 -5.34
CA SER A 68 -2.68 14.76 -4.70
C SER A 68 -3.32 15.67 -5.78
N GLN A 69 -3.33 15.17 -7.04
CA GLN A 69 -3.83 15.92 -8.22
C GLN A 69 -5.37 16.04 -8.17
N THR A 70 -5.89 17.15 -8.72
CA THR A 70 -7.34 17.46 -8.70
C THR A 70 -7.72 18.37 -9.90
N SER A 1 1.29 -20.74 2.43
CA SER A 1 0.94 -20.46 3.84
C SER A 1 1.12 -18.97 4.17
N ARG A 2 2.36 -18.43 3.94
CA ARG A 2 2.73 -17.06 4.34
C ARG A 2 2.03 -15.99 3.47
N SER A 3 0.84 -15.58 3.95
CA SER A 3 -0.07 -14.66 3.23
C SER A 3 -0.32 -13.39 4.07
N ALA A 4 -0.57 -13.58 5.38
CA ALA A 4 -0.95 -12.51 6.30
C ALA A 4 -0.64 -12.96 7.75
N GLU A 5 -1.42 -13.97 8.21
CA GLU A 5 -1.34 -14.56 9.58
C GLU A 5 -1.70 -13.53 10.67
N ILE A 6 -2.53 -12.54 10.28
CA ILE A 6 -2.99 -11.49 11.19
C ILE A 6 -4.23 -12.01 11.99
N PHE A 7 -4.64 -11.26 13.04
CA PHE A 7 -5.68 -11.69 14.00
C PHE A 7 -7.05 -12.02 13.31
N PRO A 8 -7.60 -11.13 12.39
CA PRO A 8 -8.74 -11.52 11.53
C PRO A 8 -8.26 -12.17 10.21
N ARG A 9 -9.20 -12.74 9.43
CA ARG A 9 -8.88 -13.36 8.13
C ARG A 9 -9.65 -12.64 7.01
N ASP A 10 -8.95 -11.75 6.30
CA ASP A 10 -9.50 -10.99 5.16
C ASP A 10 -8.52 -11.14 3.99
N SER A 11 -9.06 -11.37 2.79
CA SER A 11 -8.24 -11.48 1.55
C SER A 11 -7.64 -10.12 1.18
N ASN A 12 -8.32 -9.04 1.61
CA ASN A 12 -7.86 -7.65 1.45
C ASN A 12 -7.23 -7.10 2.74
N LEU A 13 -6.88 -7.97 3.72
CA LEU A 13 -6.33 -7.53 5.04
C LEU A 13 -5.08 -6.66 4.83
N LYS A 14 -4.22 -7.05 3.87
CA LYS A 14 -3.00 -6.29 3.53
C LYS A 14 -3.35 -4.82 3.24
N ASP A 15 -4.35 -4.63 2.37
CA ASP A 15 -4.83 -3.31 1.95
C ASP A 15 -5.47 -2.56 3.15
N LYS A 16 -6.39 -3.25 3.86
CA LYS A 16 -7.12 -2.71 5.04
C LYS A 16 -6.15 -2.13 6.09
N PHE A 17 -5.18 -2.97 6.47
CA PHE A 17 -4.18 -2.68 7.49
C PHE A 17 -3.32 -1.48 7.06
N ILE A 18 -2.73 -1.61 5.86
CA ILE A 18 -1.78 -0.64 5.31
C ILE A 18 -2.44 0.72 5.05
N LYS A 19 -3.66 0.73 4.49
CA LYS A 19 -4.37 1.99 4.16
C LYS A 19 -4.79 2.72 5.45
N HIS A 20 -5.16 1.94 6.48
CA HIS A 20 -5.43 2.49 7.83
C HIS A 20 -4.14 3.07 8.44
N PHE A 21 -3.04 2.34 8.26
CA PHE A 21 -1.72 2.65 8.85
C PHE A 21 -1.11 3.91 8.20
N THR A 22 -1.31 4.04 6.89
CA THR A 22 -0.80 5.17 6.08
C THR A 22 -1.73 6.38 6.21
N GLY A 23 -3.01 6.13 6.53
CA GLY A 23 -4.02 7.18 6.65
C GLY A 23 -4.71 7.41 5.32
N PRO A 24 -5.16 8.67 4.99
CA PRO A 24 -5.86 8.92 3.72
C PRO A 24 -4.92 8.84 2.49
N VAL A 25 -4.72 7.60 1.98
CA VAL A 25 -3.97 7.36 0.74
C VAL A 25 -4.75 7.92 -0.47
N THR A 26 -5.92 7.30 -0.78
CA THR A 26 -6.83 7.68 -1.87
C THR A 26 -6.07 8.06 -3.17
N PHE A 27 -5.51 7.03 -3.84
CA PHE A 27 -4.67 7.24 -5.04
C PHE A 27 -5.52 7.65 -6.26
N SER A 28 -5.28 8.89 -6.72
CA SER A 28 -5.94 9.50 -7.89
C SER A 28 -5.65 8.70 -9.21
N PRO A 29 -6.44 8.88 -10.34
CA PRO A 29 -6.36 8.03 -11.59
C PRO A 29 -4.93 7.56 -12.03
N GLU A 30 -4.01 8.52 -12.26
CA GLU A 30 -2.61 8.21 -12.66
C GLU A 30 -1.82 7.61 -11.48
N CYS A 31 -2.06 8.15 -10.29
CA CYS A 31 -1.40 7.73 -9.04
C CYS A 31 -1.77 6.28 -8.63
N SER A 32 -2.96 5.82 -9.07
CA SER A 32 -3.45 4.47 -8.79
C SER A 32 -2.88 3.45 -9.80
N LYS A 33 -2.39 3.96 -10.95
CA LYS A 33 -1.57 3.17 -11.88
C LYS A 33 -0.22 2.90 -11.23
N HIS A 34 0.43 3.98 -10.77
CA HIS A 34 1.70 3.92 -10.03
C HIS A 34 1.55 3.02 -8.79
N PHE A 35 0.34 3.06 -8.18
CA PHE A 35 -0.02 2.19 -7.05
C PHE A 35 0.00 0.72 -7.49
N HIS A 36 -0.71 0.41 -8.57
CA HIS A 36 -0.83 -0.97 -9.11
C HIS A 36 0.57 -1.57 -9.38
N ARG A 37 1.48 -0.71 -9.89
CA ARG A 37 2.86 -1.08 -10.21
C ARG A 37 3.67 -1.42 -8.92
N LEU A 38 3.85 -0.43 -8.04
CA LEU A 38 4.73 -0.54 -6.85
C LEU A 38 4.10 -1.46 -5.76
N TYR A 39 2.79 -1.75 -5.90
CA TYR A 39 2.09 -2.66 -4.98
C TYR A 39 2.31 -4.12 -5.40
N TYR A 40 1.87 -4.47 -6.62
CA TYR A 40 1.80 -5.87 -7.08
C TYR A 40 3.14 -6.39 -7.62
N ASN A 41 4.03 -5.49 -8.07
CA ASN A 41 5.31 -5.89 -8.70
C ASN A 41 6.44 -6.06 -7.65
N THR A 42 6.30 -5.42 -6.47
CA THR A 42 7.33 -5.45 -5.40
C THR A 42 7.08 -6.65 -4.47
N ARG A 43 8.09 -6.96 -3.64
CA ARG A 43 7.96 -7.93 -2.53
C ARG A 43 7.22 -7.27 -1.36
N GLU A 44 7.51 -5.97 -1.19
CA GLU A 44 7.19 -5.19 0.02
C GLU A 44 5.67 -5.10 0.25
N CYS A 45 4.95 -4.79 -0.83
CA CYS A 45 3.48 -4.69 -0.84
C CYS A 45 2.82 -6.00 -1.28
N SER A 46 3.58 -7.11 -1.18
CA SER A 46 3.09 -8.47 -1.42
C SER A 46 3.49 -9.40 -0.23
N THR A 47 4.27 -8.86 0.72
CA THR A 47 4.79 -9.59 1.89
C THR A 47 4.21 -8.98 3.19
N PRO A 48 3.53 -9.80 4.07
CA PRO A 48 2.97 -9.31 5.36
C PRO A 48 4.06 -8.87 6.37
N ALA A 49 5.30 -9.37 6.20
CA ALA A 49 6.45 -8.94 7.03
C ALA A 49 6.91 -7.52 6.68
N TYR A 50 6.71 -7.11 5.41
CA TYR A 50 7.18 -5.81 4.89
C TYR A 50 6.02 -4.80 4.76
N TYR A 51 5.04 -4.89 5.69
CA TYR A 51 3.98 -3.86 5.85
C TYR A 51 4.59 -2.47 6.09
N LYS A 52 5.76 -2.45 6.75
CA LYS A 52 6.50 -1.21 7.10
C LYS A 52 6.99 -0.51 5.82
N ARG A 53 7.71 -1.28 4.98
CA ARG A 53 8.35 -0.80 3.74
C ARG A 53 7.26 -0.38 2.74
N CYS A 54 6.19 -1.21 2.70
CA CYS A 54 5.02 -0.97 1.86
C CYS A 54 4.30 0.32 2.27
N ALA A 55 4.20 0.55 3.58
CA ALA A 55 3.52 1.72 4.13
C ALA A 55 4.23 3.01 3.72
N ARG A 56 5.56 3.00 3.88
CA ARG A 56 6.43 4.15 3.56
C ARG A 56 6.42 4.48 2.06
N LEU A 57 6.44 3.43 1.23
CA LEU A 57 6.51 3.59 -0.25
C LEU A 57 5.14 4.04 -0.84
N LEU A 58 4.03 3.56 -0.23
CA LEU A 58 2.64 3.94 -0.62
C LEU A 58 2.29 5.37 -0.16
N THR A 59 2.82 5.74 1.01
CA THR A 59 2.67 7.09 1.56
C THR A 59 3.44 8.10 0.69
N ARG A 60 4.69 7.74 0.36
CA ARG A 60 5.58 8.58 -0.47
C ARG A 60 4.96 8.82 -1.86
N LEU A 61 4.26 7.78 -2.37
CA LEU A 61 3.45 7.90 -3.60
C LEU A 61 2.20 8.79 -3.38
N ALA A 62 1.51 8.60 -2.25
CA ALA A 62 0.22 9.28 -1.95
C ALA A 62 0.39 10.79 -1.68
N VAL A 63 1.61 11.20 -1.28
CA VAL A 63 1.94 12.62 -0.98
C VAL A 63 2.58 13.33 -2.21
N SER A 64 2.74 12.58 -3.32
CA SER A 64 3.33 13.09 -4.58
C SER A 64 2.34 14.07 -5.30
N PRO A 65 2.87 15.12 -6.03
CA PRO A 65 2.05 16.04 -6.87
C PRO A 65 1.13 15.33 -7.90
N LEU A 66 1.57 14.16 -8.44
CA LEU A 66 0.76 13.37 -9.41
C LEU A 66 -0.52 12.79 -8.76
N CYS A 67 -0.49 12.71 -7.42
CA CYS A 67 -1.57 12.11 -6.61
C CYS A 67 -2.49 13.21 -6.03
N SER A 68 -2.21 14.49 -6.34
CA SER A 68 -2.88 15.64 -5.70
C SER A 68 -3.62 16.50 -6.74
N GLN A 69 -4.94 16.67 -6.56
CA GLN A 69 -5.78 17.54 -7.42
C GLN A 69 -5.67 18.99 -6.93
N THR A 70 -5.35 19.91 -7.87
CA THR A 70 -5.15 21.33 -7.56
C THR A 70 -5.48 22.19 -8.80
N SER A 1 0.22 -16.31 1.47
CA SER A 1 1.20 -16.08 2.56
C SER A 1 0.63 -16.55 3.92
N ARG A 2 1.20 -17.65 4.46
CA ARG A 2 0.90 -18.19 5.80
C ARG A 2 1.63 -17.36 6.90
N SER A 3 2.70 -16.66 6.49
CA SER A 3 3.51 -15.81 7.38
C SER A 3 2.85 -14.43 7.65
N ALA A 4 1.60 -14.25 7.19
CA ALA A 4 0.80 -13.04 7.49
C ALA A 4 0.48 -12.99 8.99
N GLU A 5 1.24 -12.17 9.73
CA GLU A 5 1.17 -12.05 11.20
C GLU A 5 -0.06 -11.20 11.62
N ILE A 6 -1.24 -11.85 11.54
CA ILE A 6 -2.55 -11.25 11.88
C ILE A 6 -3.56 -12.36 12.20
N PHE A 7 -4.73 -11.95 12.72
CA PHE A 7 -5.80 -12.86 13.15
C PHE A 7 -6.73 -13.25 11.95
N PRO A 8 -7.32 -12.28 11.16
CA PRO A 8 -8.15 -12.61 10.00
C PRO A 8 -7.29 -12.69 8.70
N ARG A 9 -7.09 -13.91 8.21
CA ARG A 9 -6.15 -14.19 7.11
C ARG A 9 -6.82 -13.93 5.75
N ASP A 10 -6.80 -12.66 5.34
CA ASP A 10 -7.34 -12.19 4.04
C ASP A 10 -6.25 -11.38 3.32
N SER A 11 -6.27 -11.40 1.98
CA SER A 11 -5.44 -10.50 1.16
C SER A 11 -5.98 -9.05 1.29
N ASN A 12 -7.32 -8.95 1.50
CA ASN A 12 -8.03 -7.67 1.72
C ASN A 12 -7.63 -7.03 3.06
N LEU A 13 -7.27 -7.90 4.05
CA LEU A 13 -6.79 -7.47 5.38
C LEU A 13 -5.50 -6.66 5.23
N LYS A 14 -4.63 -7.06 4.27
CA LYS A 14 -3.38 -6.34 3.97
C LYS A 14 -3.66 -4.86 3.64
N ASP A 15 -4.62 -4.63 2.71
CA ASP A 15 -5.00 -3.27 2.26
C ASP A 15 -5.65 -2.47 3.41
N LYS A 16 -6.50 -3.15 4.20
CA LYS A 16 -7.16 -2.59 5.41
C LYS A 16 -6.11 -2.09 6.44
N PHE A 17 -5.13 -2.95 6.70
CA PHE A 17 -4.04 -2.73 7.67
C PHE A 17 -3.20 -1.51 7.22
N ILE A 18 -2.88 -1.51 5.93
CA ILE A 18 -2.06 -0.46 5.29
C ILE A 18 -2.79 0.89 5.37
N LYS A 19 -4.11 0.90 5.10
CA LYS A 19 -4.94 2.13 5.18
C LYS A 19 -5.15 2.58 6.62
N HIS A 20 -4.97 1.66 7.59
CA HIS A 20 -4.90 1.99 9.02
C HIS A 20 -3.57 2.73 9.33
N PHE A 21 -2.48 2.22 8.75
CA PHE A 21 -1.10 2.74 8.98
C PHE A 21 -0.89 4.10 8.25
N THR A 22 -1.48 4.23 7.05
CA THR A 22 -1.32 5.40 6.17
C THR A 22 -2.42 6.43 6.43
N GLY A 23 -3.63 5.94 6.72
CA GLY A 23 -4.82 6.78 6.78
C GLY A 23 -5.38 7.03 5.37
N PRO A 24 -5.83 8.29 5.05
CA PRO A 24 -6.29 8.63 3.68
C PRO A 24 -5.09 8.74 2.71
N VAL A 25 -4.91 7.70 1.88
CA VAL A 25 -3.92 7.71 0.78
C VAL A 25 -4.42 8.58 -0.39
N THR A 26 -5.70 8.37 -0.77
CA THR A 26 -6.40 9.06 -1.87
C THR A 26 -5.58 9.07 -3.18
N PHE A 27 -5.40 7.87 -3.79
CA PHE A 27 -4.63 7.71 -5.03
C PHE A 27 -5.40 8.27 -6.25
N SER A 28 -4.85 9.32 -6.87
CA SER A 28 -5.36 9.90 -8.14
C SER A 28 -5.30 8.85 -9.29
N PRO A 29 -6.13 8.96 -10.39
CA PRO A 29 -6.12 8.00 -11.56
C PRO A 29 -4.69 7.62 -12.06
N GLU A 30 -3.82 8.63 -12.16
CA GLU A 30 -2.38 8.46 -12.52
C GLU A 30 -1.67 7.62 -11.44
N CYS A 31 -1.78 8.10 -10.19
CA CYS A 31 -1.20 7.46 -8.99
C CYS A 31 -1.79 6.07 -8.71
N SER A 32 -2.96 5.78 -9.30
CA SER A 32 -3.66 4.51 -9.14
C SER A 32 -3.01 3.46 -10.05
N LYS A 33 -2.55 3.88 -11.25
CA LYS A 33 -1.69 3.05 -12.11
C LYS A 33 -0.38 2.77 -11.37
N HIS A 34 0.25 3.87 -10.87
CA HIS A 34 1.50 3.78 -10.07
C HIS A 34 1.31 2.88 -8.84
N PHE A 35 0.06 2.86 -8.31
CA PHE A 35 -0.32 1.99 -7.19
C PHE A 35 -0.27 0.51 -7.61
N HIS A 36 -0.93 0.17 -8.73
CA HIS A 36 -0.95 -1.22 -9.24
C HIS A 36 0.47 -1.73 -9.52
N ARG A 37 1.31 -0.81 -10.02
CA ARG A 37 2.70 -1.09 -10.34
C ARG A 37 3.48 -1.45 -9.05
N LEU A 38 3.60 -0.50 -8.11
CA LEU A 38 4.48 -0.67 -6.92
C LEU A 38 3.86 -1.64 -5.87
N TYR A 39 2.54 -1.92 -5.98
CA TYR A 39 1.84 -2.82 -5.04
C TYR A 39 2.05 -4.28 -5.48
N TYR A 40 1.86 -4.56 -6.78
CA TYR A 40 1.93 -5.94 -7.30
C TYR A 40 3.36 -6.31 -7.80
N ASN A 41 4.26 -5.32 -7.97
CA ASN A 41 5.64 -5.60 -8.48
C ASN A 41 6.67 -5.69 -7.34
N THR A 42 6.40 -5.07 -6.17
CA THR A 42 7.37 -5.05 -5.06
C THR A 42 7.04 -6.13 -4.04
N ARG A 43 8.09 -6.75 -3.45
CA ARG A 43 7.94 -7.65 -2.29
C ARG A 43 7.65 -6.83 -1.01
N GLU A 44 7.76 -5.51 -1.11
CA GLU A 44 7.35 -4.58 -0.06
C GLU A 44 5.83 -4.71 0.18
N CYS A 45 5.07 -4.74 -0.92
CA CYS A 45 3.59 -4.85 -0.90
C CYS A 45 3.09 -6.27 -1.23
N SER A 46 4.02 -7.20 -1.53
CA SER A 46 3.68 -8.62 -1.78
C SER A 46 3.89 -9.44 -0.49
N THR A 47 5.02 -9.20 0.20
CA THR A 47 5.34 -9.83 1.49
C THR A 47 4.64 -9.08 2.65
N PRO A 48 3.82 -9.79 3.51
CA PRO A 48 3.13 -9.17 4.66
C PRO A 48 4.10 -8.73 5.80
N ALA A 49 5.32 -9.31 5.85
CA ALA A 49 6.35 -8.86 6.83
C ALA A 49 6.83 -7.44 6.52
N TYR A 50 6.72 -7.06 5.24
CA TYR A 50 7.11 -5.73 4.77
C TYR A 50 5.88 -4.82 4.66
N TYR A 51 4.84 -5.06 5.50
CA TYR A 51 3.70 -4.11 5.70
C TYR A 51 4.22 -2.67 5.92
N LYS A 52 5.33 -2.57 6.67
CA LYS A 52 6.00 -1.32 6.97
C LYS A 52 6.51 -0.62 5.67
N ARG A 53 7.22 -1.39 4.80
CA ARG A 53 7.79 -0.86 3.54
C ARG A 53 6.69 -0.49 2.55
N CYS A 54 5.61 -1.30 2.56
CA CYS A 54 4.45 -1.11 1.69
C CYS A 54 3.73 0.20 2.07
N ALA A 55 3.49 0.37 3.37
CA ALA A 55 2.79 1.53 3.89
C ALA A 55 3.57 2.83 3.63
N ARG A 56 4.91 2.76 3.78
CA ARG A 56 5.81 3.91 3.58
C ARG A 56 5.94 4.28 2.09
N LEU A 57 5.95 3.28 1.19
CA LEU A 57 6.13 3.52 -0.26
C LEU A 57 4.80 3.97 -0.92
N LEU A 58 3.67 3.55 -0.30
CA LEU A 58 2.31 3.96 -0.71
C LEU A 58 2.01 5.38 -0.22
N THR A 59 2.56 5.71 0.96
CA THR A 59 2.50 7.06 1.53
C THR A 59 3.36 8.03 0.70
N ARG A 60 4.58 7.59 0.36
CA ARG A 60 5.53 8.38 -0.43
C ARG A 60 5.01 8.58 -1.87
N LEU A 61 4.26 7.57 -2.35
CA LEU A 61 3.50 7.68 -3.61
C LEU A 61 2.38 8.72 -3.45
N ALA A 62 1.62 8.62 -2.33
CA ALA A 62 0.42 9.43 -2.06
C ALA A 62 0.74 10.93 -1.94
N VAL A 63 1.92 11.24 -1.39
CA VAL A 63 2.34 12.64 -1.15
C VAL A 63 2.97 13.30 -2.39
N SER A 64 3.13 12.52 -3.48
CA SER A 64 3.69 13.01 -4.76
C SER A 64 2.65 13.87 -5.53
N PRO A 65 3.09 14.80 -6.46
CA PRO A 65 2.14 15.64 -7.26
C PRO A 65 1.24 14.81 -8.19
N LEU A 66 1.73 13.62 -8.62
CA LEU A 66 0.94 12.70 -9.47
C LEU A 66 -0.24 12.08 -8.68
N CYS A 67 -0.18 12.21 -7.35
CA CYS A 67 -1.17 11.65 -6.42
C CYS A 67 -1.89 12.75 -5.64
N SER A 68 -1.61 14.02 -5.99
CA SER A 68 -2.27 15.20 -5.40
C SER A 68 -3.36 15.72 -6.35
N GLN A 69 -3.37 15.21 -7.61
CA GLN A 69 -4.22 15.72 -8.69
C GLN A 69 -5.71 15.38 -8.43
N THR A 70 -6.58 16.41 -8.50
CA THR A 70 -8.04 16.25 -8.34
C THR A 70 -8.63 15.36 -9.47
N SER A 1 7.71 -17.36 12.01
CA SER A 1 6.37 -16.82 11.74
C SER A 1 6.46 -15.37 11.21
N ARG A 2 5.91 -15.14 10.01
CA ARG A 2 5.77 -13.80 9.42
C ARG A 2 4.35 -13.64 8.89
N SER A 3 3.38 -13.74 9.80
CA SER A 3 1.95 -13.51 9.52
C SER A 3 1.53 -12.10 9.93
N ALA A 4 2.52 -11.24 10.24
CA ALA A 4 2.35 -9.84 10.68
C ALA A 4 1.55 -9.72 12.00
N GLU A 5 1.43 -10.87 12.74
CA GLU A 5 0.67 -10.99 14.01
C GLU A 5 -0.86 -10.91 13.78
N ILE A 6 -1.29 -10.63 12.53
CA ILE A 6 -2.72 -10.45 12.19
C ILE A 6 -3.43 -11.80 11.97
N PHE A 7 -4.68 -11.89 12.43
CA PHE A 7 -5.46 -13.14 12.43
C PHE A 7 -6.05 -13.44 11.03
N PRO A 8 -6.77 -12.47 10.33
CA PRO A 8 -7.21 -12.69 8.94
C PRO A 8 -6.02 -12.66 7.96
N ARG A 9 -5.69 -13.83 7.38
CA ARG A 9 -4.52 -13.99 6.48
C ARG A 9 -4.87 -13.66 5.01
N ASP A 10 -5.91 -12.86 4.81
CA ASP A 10 -6.48 -12.57 3.49
C ASP A 10 -5.91 -11.26 2.91
N SER A 11 -6.04 -11.10 1.59
CA SER A 11 -5.56 -9.93 0.85
C SER A 11 -6.43 -8.69 1.13
N ASN A 12 -7.68 -8.92 1.62
CA ASN A 12 -8.58 -7.83 2.04
C ASN A 12 -8.06 -7.19 3.35
N LEU A 13 -7.37 -8.00 4.18
CA LEU A 13 -6.72 -7.54 5.42
C LEU A 13 -5.43 -6.80 5.05
N LYS A 14 -4.70 -7.27 4.01
CA LYS A 14 -3.49 -6.56 3.52
C LYS A 14 -3.83 -5.10 3.20
N ASP A 15 -4.86 -4.93 2.35
CA ASP A 15 -5.39 -3.60 1.98
C ASP A 15 -5.84 -2.81 3.23
N LYS A 16 -6.73 -3.42 4.06
CA LYS A 16 -7.30 -2.80 5.28
C LYS A 16 -6.22 -2.26 6.24
N PHE A 17 -5.27 -3.13 6.59
CA PHE A 17 -4.18 -2.85 7.53
C PHE A 17 -3.33 -1.70 7.03
N ILE A 18 -2.89 -1.82 5.77
CA ILE A 18 -2.00 -0.86 5.11
C ILE A 18 -2.63 0.54 5.06
N LYS A 19 -3.90 0.63 4.60
CA LYS A 19 -4.61 1.92 4.49
C LYS A 19 -4.97 2.50 5.87
N HIS A 20 -5.07 1.61 6.89
CA HIS A 20 -5.24 2.02 8.29
C HIS A 20 -3.95 2.65 8.84
N PHE A 21 -2.80 2.04 8.47
CA PHE A 21 -1.48 2.45 8.95
C PHE A 21 -0.98 3.71 8.22
N THR A 22 -1.40 3.87 6.94
CA THR A 22 -1.03 5.04 6.12
C THR A 22 -2.04 6.18 6.31
N GLY A 23 -3.32 5.82 6.57
CA GLY A 23 -4.40 6.79 6.72
C GLY A 23 -5.06 7.11 5.37
N PRO A 24 -5.47 8.40 5.12
CA PRO A 24 -6.09 8.79 3.84
C PRO A 24 -5.06 8.93 2.69
N VAL A 25 -4.73 7.79 2.08
CA VAL A 25 -3.87 7.73 0.87
C VAL A 25 -4.53 8.48 -0.31
N THR A 26 -5.77 8.05 -0.65
CA THR A 26 -6.60 8.63 -1.73
C THR A 26 -5.79 8.90 -3.03
N PHE A 27 -5.38 7.80 -3.70
CA PHE A 27 -4.57 7.87 -4.93
C PHE A 27 -5.42 8.36 -6.10
N SER A 28 -4.98 9.46 -6.75
CA SER A 28 -5.64 10.03 -7.96
C SER A 28 -5.65 9.00 -9.13
N PRO A 29 -6.49 9.20 -10.22
CA PRO A 29 -6.63 8.23 -11.34
C PRO A 29 -5.30 7.55 -11.80
N GLU A 30 -4.32 8.37 -12.22
CA GLU A 30 -3.00 7.88 -12.67
C GLU A 30 -2.15 7.37 -11.48
N CYS A 31 -2.30 8.00 -10.30
CA CYS A 31 -1.59 7.57 -9.08
C CYS A 31 -2.03 6.16 -8.64
N SER A 32 -3.24 5.74 -9.09
CA SER A 32 -3.78 4.40 -8.86
C SER A 32 -3.15 3.39 -9.86
N LYS A 33 -2.75 3.87 -11.05
CA LYS A 33 -1.90 3.09 -12.00
C LYS A 33 -0.56 2.79 -11.33
N HIS A 34 0.05 3.87 -10.81
CA HIS A 34 1.32 3.82 -10.09
C HIS A 34 1.19 2.96 -8.82
N PHE A 35 -0.03 2.94 -8.23
CA PHE A 35 -0.36 2.06 -7.10
C PHE A 35 -0.27 0.59 -7.52
N HIS A 36 -0.94 0.23 -8.64
CA HIS A 36 -0.93 -1.16 -9.15
C HIS A 36 0.52 -1.63 -9.41
N ARG A 37 1.33 -0.69 -9.92
CA ARG A 37 2.74 -0.95 -10.23
C ARG A 37 3.54 -1.31 -8.96
N LEU A 38 3.65 -0.36 -8.01
CA LEU A 38 4.53 -0.52 -6.83
C LEU A 38 3.94 -1.51 -5.77
N TYR A 39 2.63 -1.80 -5.90
CA TYR A 39 1.93 -2.72 -4.97
C TYR A 39 2.18 -4.17 -5.38
N TYR A 40 1.96 -4.48 -6.68
CA TYR A 40 2.04 -5.86 -7.17
C TYR A 40 3.46 -6.25 -7.63
N ASN A 41 4.30 -5.26 -8.02
CA ASN A 41 5.65 -5.55 -8.60
C ASN A 41 6.74 -5.58 -7.50
N THR A 42 6.51 -4.95 -6.32
CA THR A 42 7.52 -4.93 -5.22
C THR A 42 7.20 -6.03 -4.20
N ARG A 43 8.26 -6.67 -3.66
CA ARG A 43 8.15 -7.66 -2.58
C ARG A 43 7.70 -7.01 -1.25
N GLU A 44 7.75 -5.67 -1.21
CA GLU A 44 7.38 -4.86 -0.03
C GLU A 44 5.86 -4.93 0.22
N CYS A 45 5.10 -4.70 -0.86
CA CYS A 45 3.63 -4.75 -0.84
C CYS A 45 3.11 -6.16 -1.22
N SER A 46 4.05 -7.12 -1.33
CA SER A 46 3.75 -8.54 -1.60
C SER A 46 4.16 -9.42 -0.39
N THR A 47 4.52 -8.79 0.75
CA THR A 47 4.94 -9.50 1.98
C THR A 47 4.29 -8.83 3.23
N PRO A 48 3.69 -9.65 4.18
CA PRO A 48 3.11 -9.14 5.46
C PRO A 48 4.17 -8.59 6.44
N ALA A 49 5.37 -9.19 6.42
CA ALA A 49 6.51 -8.73 7.23
C ALA A 49 7.01 -7.35 6.75
N TYR A 50 6.81 -7.07 5.45
CA TYR A 50 7.19 -5.80 4.81
C TYR A 50 5.98 -4.86 4.66
N TYR A 51 4.93 -5.05 5.49
CA TYR A 51 3.81 -4.08 5.60
C TYR A 51 4.33 -2.65 5.90
N LYS A 52 5.40 -2.60 6.70
CA LYS A 52 6.12 -1.37 7.05
C LYS A 52 6.71 -0.66 5.81
N ARG A 53 7.37 -1.45 4.93
CA ARG A 53 7.96 -0.96 3.66
C ARG A 53 6.84 -0.45 2.74
N CYS A 54 5.83 -1.31 2.59
CA CYS A 54 4.63 -1.03 1.79
C CYS A 54 3.94 0.25 2.24
N ALA A 55 3.87 0.45 3.56
CA ALA A 55 3.24 1.62 4.17
C ALA A 55 3.98 2.91 3.78
N ARG A 56 5.33 2.85 3.90
CA ARG A 56 6.21 3.97 3.57
C ARG A 56 6.14 4.35 2.08
N LEU A 57 6.11 3.34 1.20
CA LEU A 57 6.22 3.56 -0.26
C LEU A 57 4.87 4.02 -0.86
N LEU A 58 3.74 3.61 -0.22
CA LEU A 58 2.38 4.03 -0.61
C LEU A 58 2.06 5.45 -0.10
N THR A 59 2.56 5.78 1.10
CA THR A 59 2.52 7.14 1.63
C THR A 59 3.34 8.08 0.74
N ARG A 60 4.54 7.60 0.34
CA ARG A 60 5.47 8.33 -0.52
C ARG A 60 4.85 8.59 -1.90
N LEU A 61 4.08 7.61 -2.39
CA LEU A 61 3.31 7.74 -3.64
C LEU A 61 2.14 8.74 -3.46
N ALA A 62 1.47 8.68 -2.31
CA ALA A 62 0.27 9.51 -2.02
C ALA A 62 0.62 11.01 -1.89
N VAL A 63 1.86 11.31 -1.45
CA VAL A 63 2.35 12.70 -1.30
C VAL A 63 3.04 13.21 -2.59
N SER A 64 3.25 12.31 -3.58
CA SER A 64 3.89 12.65 -4.87
C SER A 64 3.05 13.67 -5.69
N PRO A 65 3.71 14.55 -6.53
CA PRO A 65 3.01 15.57 -7.35
C PRO A 65 1.92 14.98 -8.27
N LEU A 66 2.17 13.78 -8.84
CA LEU A 66 1.19 13.10 -9.72
C LEU A 66 -0.09 12.67 -8.96
N CYS A 67 0.01 12.55 -7.63
CA CYS A 67 -1.06 12.02 -6.78
C CYS A 67 -1.95 13.15 -6.23
N SER A 68 -1.35 14.32 -5.91
CA SER A 68 -2.09 15.47 -5.36
C SER A 68 -2.72 16.33 -6.48
N GLN A 69 -1.95 16.54 -7.57
CA GLN A 69 -2.34 17.39 -8.71
C GLN A 69 -3.46 16.71 -9.55
N THR A 70 -4.39 17.53 -10.07
CA THR A 70 -5.51 17.08 -10.92
C THR A 70 -5.30 17.52 -12.39
N SER A 1 -4.69 -15.12 3.20
CA SER A 1 -3.58 -14.41 3.86
C SER A 1 -2.29 -15.26 3.73
N ARG A 2 -1.53 -15.02 2.64
CA ARG A 2 -0.28 -15.75 2.36
C ARG A 2 0.77 -15.34 3.41
N SER A 3 0.87 -16.14 4.49
CA SER A 3 1.88 -16.02 5.56
C SER A 3 1.85 -14.62 6.23
N ALA A 4 0.64 -14.05 6.34
CA ALA A 4 0.43 -12.72 6.94
C ALA A 4 0.61 -12.77 8.46
N GLU A 5 -0.03 -13.79 9.07
CA GLU A 5 0.06 -14.11 10.51
C GLU A 5 -0.42 -12.93 11.38
N ILE A 6 -1.69 -12.57 11.16
CA ILE A 6 -2.37 -11.46 11.90
C ILE A 6 -3.40 -12.08 12.87
N PHE A 7 -4.15 -11.24 13.62
CA PHE A 7 -5.21 -11.69 14.53
C PHE A 7 -6.39 -12.34 13.75
N PRO A 8 -6.96 -11.68 12.66
CA PRO A 8 -7.92 -12.35 11.75
C PRO A 8 -7.26 -12.88 10.45
N ARG A 9 -7.99 -13.75 9.73
CA ARG A 9 -7.60 -14.24 8.40
C ARG A 9 -8.54 -13.62 7.35
N ASP A 10 -7.96 -12.96 6.34
CA ASP A 10 -8.73 -12.20 5.32
C ASP A 10 -7.80 -11.83 4.14
N SER A 11 -8.32 -11.94 2.91
CA SER A 11 -7.59 -11.60 1.68
C SER A 11 -7.33 -10.09 1.60
N ASN A 12 -8.33 -9.30 2.01
CA ASN A 12 -8.28 -7.82 1.98
C ASN A 12 -7.62 -7.25 3.25
N LEU A 13 -7.10 -8.13 4.14
CA LEU A 13 -6.49 -7.74 5.43
C LEU A 13 -5.24 -6.89 5.17
N LYS A 14 -4.41 -7.28 4.18
CA LYS A 14 -3.20 -6.54 3.80
C LYS A 14 -3.54 -5.08 3.48
N ASP A 15 -4.53 -4.89 2.60
CA ASP A 15 -4.98 -3.56 2.15
C ASP A 15 -5.68 -2.79 3.30
N LYS A 16 -6.44 -3.51 4.14
CA LYS A 16 -7.15 -2.96 5.33
C LYS A 16 -6.15 -2.33 6.29
N PHE A 17 -5.17 -3.15 6.69
CA PHE A 17 -4.10 -2.80 7.63
C PHE A 17 -3.33 -1.59 7.12
N ILE A 18 -2.92 -1.68 5.85
CA ILE A 18 -2.09 -0.68 5.18
C ILE A 18 -2.77 0.70 5.13
N LYS A 19 -4.04 0.78 4.63
CA LYS A 19 -4.75 2.07 4.52
C LYS A 19 -5.20 2.60 5.91
N HIS A 20 -5.33 1.68 6.89
CA HIS A 20 -5.56 2.03 8.30
C HIS A 20 -4.28 2.69 8.89
N PHE A 21 -3.11 2.20 8.42
CA PHE A 21 -1.78 2.63 8.88
C PHE A 21 -1.35 3.96 8.18
N THR A 22 -1.68 4.09 6.88
CA THR A 22 -1.26 5.24 6.04
C THR A 22 -2.31 6.37 6.07
N GLY A 23 -3.57 6.01 6.39
CA GLY A 23 -4.68 6.95 6.40
C GLY A 23 -5.42 7.01 5.07
N PRO A 24 -6.25 8.06 4.81
CA PRO A 24 -6.93 8.23 3.50
C PRO A 24 -5.93 8.64 2.40
N VAL A 25 -5.22 7.62 1.86
CA VAL A 25 -4.28 7.77 0.74
C VAL A 25 -4.95 8.47 -0.46
N THR A 26 -6.11 7.88 -0.89
CA THR A 26 -6.94 8.35 -2.03
C THR A 26 -6.09 8.78 -3.24
N PHE A 27 -5.50 7.78 -3.91
CA PHE A 27 -4.57 8.01 -5.03
C PHE A 27 -5.34 8.53 -6.27
N SER A 28 -4.79 9.60 -6.88
CA SER A 28 -5.34 10.25 -8.10
C SER A 28 -5.29 9.31 -9.35
N PRO A 29 -6.01 9.63 -10.50
CA PRO A 29 -6.06 8.77 -11.72
C PRO A 29 -4.74 8.08 -12.12
N GLU A 30 -3.65 8.86 -12.25
CA GLU A 30 -2.32 8.31 -12.58
C GLU A 30 -1.69 7.62 -11.36
N CYS A 31 -1.87 8.23 -10.18
CA CYS A 31 -1.26 7.75 -8.91
C CYS A 31 -1.77 6.35 -8.52
N SER A 32 -3.00 6.02 -8.92
CA SER A 32 -3.64 4.74 -8.63
C SER A 32 -3.17 3.65 -9.62
N LYS A 33 -2.77 4.07 -10.83
CA LYS A 33 -2.05 3.20 -11.77
C LYS A 33 -0.70 2.81 -11.16
N HIS A 34 0.02 3.83 -10.65
CA HIS A 34 1.32 3.64 -9.96
C HIS A 34 1.14 2.85 -8.66
N PHE A 35 -0.07 2.95 -8.05
CA PHE A 35 -0.43 2.13 -6.88
C PHE A 35 -0.45 0.66 -7.27
N HIS A 36 -1.13 0.34 -8.37
CA HIS A 36 -1.22 -1.03 -8.91
C HIS A 36 0.21 -1.58 -9.16
N ARG A 37 1.07 -0.72 -9.77
CA ARG A 37 2.46 -1.07 -10.11
C ARG A 37 3.27 -1.50 -8.87
N LEU A 38 3.44 -0.57 -7.92
CA LEU A 38 4.36 -0.76 -6.76
C LEU A 38 3.74 -1.71 -5.69
N TYR A 39 2.41 -1.90 -5.74
CA TYR A 39 1.69 -2.80 -4.81
C TYR A 39 1.94 -4.27 -5.20
N TYR A 40 1.78 -4.58 -6.50
CA TYR A 40 1.88 -5.98 -6.97
C TYR A 40 3.31 -6.36 -7.43
N ASN A 41 4.16 -5.38 -7.81
CA ASN A 41 5.51 -5.69 -8.36
C ASN A 41 6.61 -5.71 -7.28
N THR A 42 6.43 -4.99 -6.16
CA THR A 42 7.50 -4.90 -5.13
C THR A 42 7.31 -5.99 -4.09
N ARG A 43 8.43 -6.55 -3.61
CA ARG A 43 8.45 -7.53 -2.50
C ARG A 43 7.95 -6.87 -1.20
N GLU A 44 7.95 -5.53 -1.16
CA GLU A 44 7.52 -4.73 -0.01
C GLU A 44 6.00 -4.88 0.23
N CYS A 45 5.24 -4.73 -0.86
CA CYS A 45 3.76 -4.82 -0.82
C CYS A 45 3.27 -6.23 -1.24
N SER A 46 4.22 -7.09 -1.66
CA SER A 46 3.94 -8.52 -1.94
C SER A 46 4.11 -9.35 -0.66
N THR A 47 5.08 -8.94 0.18
CA THR A 47 5.37 -9.61 1.45
C THR A 47 4.64 -8.89 2.61
N PRO A 48 3.78 -9.62 3.38
CA PRO A 48 3.08 -9.04 4.57
C PRO A 48 4.02 -8.75 5.77
N ALA A 49 5.26 -9.29 5.74
CA ALA A 49 6.29 -8.93 6.74
C ALA A 49 6.81 -7.49 6.50
N TYR A 50 6.85 -7.10 5.22
CA TYR A 50 7.34 -5.77 4.80
C TYR A 50 6.17 -4.76 4.69
N TYR A 51 5.13 -4.93 5.55
CA TYR A 51 4.04 -3.92 5.73
C TYR A 51 4.61 -2.51 5.97
N LYS A 52 5.76 -2.45 6.68
CA LYS A 52 6.47 -1.20 6.99
C LYS A 52 6.95 -0.53 5.70
N ARG A 53 7.71 -1.30 4.89
CA ARG A 53 8.33 -0.83 3.63
C ARG A 53 7.23 -0.42 2.62
N CYS A 54 6.14 -1.20 2.64
CA CYS A 54 4.95 -0.99 1.80
C CYS A 54 4.22 0.30 2.19
N ALA A 55 4.01 0.49 3.51
CA ALA A 55 3.27 1.64 4.04
C ALA A 55 3.99 2.96 3.73
N ARG A 56 5.33 2.90 3.84
CA ARG A 56 6.21 4.06 3.59
C ARG A 56 6.27 4.40 2.09
N LEU A 57 6.32 3.37 1.21
CA LEU A 57 6.42 3.58 -0.27
C LEU A 57 5.06 4.07 -0.84
N LEU A 58 3.95 3.67 -0.17
CA LEU A 58 2.58 4.07 -0.54
C LEU A 58 2.28 5.51 -0.06
N THR A 59 2.83 5.87 1.10
CA THR A 59 2.80 7.24 1.61
C THR A 59 3.62 8.17 0.68
N ARG A 60 4.82 7.69 0.30
CA ARG A 60 5.74 8.40 -0.59
C ARG A 60 5.09 8.62 -1.98
N LEU A 61 4.28 7.63 -2.41
CA LEU A 61 3.48 7.73 -3.64
C LEU A 61 2.31 8.74 -3.45
N ALA A 62 1.67 8.68 -2.27
CA ALA A 62 0.48 9.49 -1.95
C ALA A 62 0.81 10.99 -1.79
N VAL A 63 2.07 11.31 -1.51
CA VAL A 63 2.53 12.71 -1.40
C VAL A 63 3.12 13.25 -2.73
N SER A 64 3.40 12.33 -3.69
CA SER A 64 3.98 12.70 -5.00
C SER A 64 3.04 13.63 -5.82
N PRO A 65 3.58 14.44 -6.81
CA PRO A 65 2.74 15.35 -7.67
C PRO A 65 1.61 14.63 -8.43
N LEU A 66 1.86 13.36 -8.81
CA LEU A 66 0.86 12.51 -9.49
C LEU A 66 -0.35 12.16 -8.58
N CYS A 67 -0.18 12.35 -7.25
CA CYS A 67 -1.24 12.16 -6.23
C CYS A 67 -1.74 13.50 -5.68
N SER A 68 -0.87 14.53 -5.73
CA SER A 68 -1.20 15.87 -5.24
C SER A 68 -2.10 16.62 -6.25
N GLN A 69 -2.16 16.10 -7.50
CA GLN A 69 -3.04 16.63 -8.56
C GLN A 69 -4.52 16.47 -8.15
N THR A 70 -5.35 17.45 -8.57
CA THR A 70 -6.76 17.52 -8.22
C THR A 70 -7.57 18.12 -9.41
N SER A 1 6.37 -15.03 8.81
CA SER A 1 5.16 -15.41 8.06
C SER A 1 5.37 -15.20 6.55
N ARG A 2 5.09 -16.25 5.76
CA ARG A 2 5.03 -16.16 4.30
C ARG A 2 3.63 -15.70 3.87
N SER A 3 2.61 -16.14 4.65
CA SER A 3 1.20 -15.85 4.39
C SER A 3 0.78 -14.55 5.09
N ALA A 4 -0.20 -13.88 4.49
CA ALA A 4 -0.78 -12.64 5.00
C ALA A 4 -2.03 -12.95 5.86
N GLU A 5 -2.01 -14.11 6.54
CA GLU A 5 -3.01 -14.47 7.56
C GLU A 5 -2.70 -13.64 8.81
N ILE A 6 -3.49 -12.58 9.05
CA ILE A 6 -3.14 -11.53 10.02
C ILE A 6 -3.56 -11.91 11.46
N PHE A 7 -4.83 -11.64 11.81
CA PHE A 7 -5.37 -11.83 13.16
C PHE A 7 -6.93 -11.75 13.11
N PRO A 8 -7.58 -10.61 12.66
CA PRO A 8 -9.06 -10.52 12.65
C PRO A 8 -9.70 -10.96 11.30
N ARG A 9 -8.85 -11.19 10.27
CA ARG A 9 -9.24 -11.62 8.90
C ARG A 9 -7.91 -11.73 8.08
N ASP A 10 -7.98 -11.84 6.73
CA ASP A 10 -6.74 -11.81 5.89
C ASP A 10 -6.97 -11.17 4.50
N SER A 11 -7.97 -11.66 3.74
CA SER A 11 -8.13 -11.29 2.31
C SER A 11 -8.50 -9.80 2.13
N ASN A 12 -9.58 -9.34 2.80
CA ASN A 12 -9.94 -7.91 2.87
C ASN A 12 -9.02 -7.17 3.86
N LEU A 13 -8.50 -7.92 4.85
CA LEU A 13 -7.68 -7.36 5.94
C LEU A 13 -6.44 -6.66 5.39
N LYS A 14 -5.87 -7.17 4.28
CA LYS A 14 -4.65 -6.59 3.69
C LYS A 14 -4.88 -5.12 3.27
N ASP A 15 -6.02 -4.86 2.59
CA ASP A 15 -6.40 -3.48 2.17
C ASP A 15 -6.77 -2.63 3.39
N LYS A 16 -7.52 -3.22 4.33
CA LYS A 16 -7.96 -2.56 5.58
C LYS A 16 -6.76 -2.10 6.43
N PHE A 17 -5.77 -3.00 6.57
CA PHE A 17 -4.59 -2.85 7.42
C PHE A 17 -3.66 -1.81 6.81
N ILE A 18 -3.33 -2.03 5.51
CA ILE A 18 -2.40 -1.19 4.75
C ILE A 18 -2.91 0.26 4.69
N LYS A 19 -4.21 0.44 4.39
CA LYS A 19 -4.88 1.75 4.33
C LYS A 19 -4.91 2.43 5.73
N HIS A 20 -5.15 1.61 6.78
CA HIS A 20 -5.11 2.04 8.20
C HIS A 20 -3.70 2.51 8.59
N PHE A 21 -2.69 1.77 8.10
CA PHE A 21 -1.28 1.92 8.50
C PHE A 21 -0.66 3.13 7.77
N THR A 22 -1.07 3.34 6.49
CA THR A 22 -0.58 4.45 5.65
C THR A 22 -1.29 5.77 6.00
N GLY A 23 -2.60 5.66 6.32
CA GLY A 23 -3.46 6.82 6.52
C GLY A 23 -4.14 7.27 5.22
N PRO A 24 -4.53 8.59 5.08
CA PRO A 24 -5.22 9.10 3.87
C PRO A 24 -4.31 9.10 2.62
N VAL A 25 -4.33 7.99 1.88
CA VAL A 25 -3.55 7.82 0.64
C VAL A 25 -4.20 8.58 -0.55
N THR A 26 -5.52 8.33 -0.77
CA THR A 26 -6.35 8.97 -1.83
C THR A 26 -5.61 9.06 -3.20
N PHE A 27 -5.33 7.89 -3.77
CA PHE A 27 -4.59 7.78 -5.04
C PHE A 27 -5.46 8.24 -6.23
N SER A 28 -5.07 9.38 -6.84
CA SER A 28 -5.72 9.94 -8.03
C SER A 28 -5.61 8.98 -9.26
N PRO A 29 -6.40 9.18 -10.40
CA PRO A 29 -6.46 8.25 -11.58
C PRO A 29 -5.10 7.61 -12.00
N GLU A 30 -4.05 8.45 -12.13
CA GLU A 30 -2.71 7.98 -12.53
C GLU A 30 -1.99 7.31 -11.35
N CYS A 31 -2.19 7.83 -10.12
CA CYS A 31 -1.62 7.24 -8.89
C CYS A 31 -2.11 5.80 -8.68
N SER A 32 -3.32 5.49 -9.20
CA SER A 32 -3.89 4.16 -9.16
C SER A 32 -3.04 3.19 -10.00
N LYS A 33 -2.62 3.68 -11.20
CA LYS A 33 -1.69 2.96 -12.09
C LYS A 33 -0.37 2.70 -11.36
N HIS A 34 0.24 3.79 -10.85
CA HIS A 34 1.52 3.75 -10.09
C HIS A 34 1.39 2.85 -8.85
N PHE A 35 0.17 2.81 -8.27
CA PHE A 35 -0.13 1.99 -7.10
C PHE A 35 0.00 0.52 -7.47
N HIS A 36 -0.64 0.12 -8.58
CA HIS A 36 -0.60 -1.27 -9.07
C HIS A 36 0.84 -1.69 -9.40
N ARG A 37 1.62 -0.73 -9.98
CA ARG A 37 3.04 -0.95 -10.34
C ARG A 37 3.84 -1.30 -9.07
N LEU A 38 3.94 -0.33 -8.14
CA LEU A 38 4.83 -0.43 -6.95
C LEU A 38 4.29 -1.45 -5.91
N TYR A 39 2.99 -1.81 -6.00
CA TYR A 39 2.38 -2.81 -5.12
C TYR A 39 2.83 -4.23 -5.53
N TYR A 40 2.67 -4.54 -6.83
CA TYR A 40 2.93 -5.91 -7.36
C TYR A 40 4.38 -6.09 -7.87
N ASN A 41 5.12 -4.98 -8.09
CA ASN A 41 6.51 -5.04 -8.61
C ASN A 41 7.51 -5.13 -7.44
N THR A 42 7.10 -4.68 -6.24
CA THR A 42 7.97 -4.71 -5.05
C THR A 42 7.58 -5.89 -4.15
N ARG A 43 8.59 -6.56 -3.59
CA ARG A 43 8.40 -7.55 -2.52
C ARG A 43 7.91 -6.87 -1.23
N GLU A 44 8.15 -5.54 -1.15
CA GLU A 44 7.71 -4.68 -0.03
C GLU A 44 6.18 -4.76 0.17
N CYS A 45 5.42 -4.61 -0.92
CA CYS A 45 3.94 -4.69 -0.91
C CYS A 45 3.43 -6.08 -1.35
N SER A 46 4.34 -7.07 -1.38
CA SER A 46 4.02 -8.47 -1.73
C SER A 46 4.47 -9.44 -0.61
N THR A 47 4.98 -8.88 0.51
CA THR A 47 5.42 -9.66 1.68
C THR A 47 4.69 -9.14 2.95
N PRO A 48 4.06 -10.05 3.79
CA PRO A 48 3.33 -9.65 5.02
C PRO A 48 4.27 -9.09 6.12
N ALA A 49 5.58 -9.39 6.02
CA ALA A 49 6.59 -8.87 6.96
C ALA A 49 6.98 -7.42 6.60
N TYR A 50 6.88 -7.08 5.30
CA TYR A 50 7.32 -5.76 4.77
C TYR A 50 6.14 -4.78 4.63
N TYR A 51 5.05 -4.94 5.42
CA TYR A 51 3.94 -3.95 5.47
C TYR A 51 4.44 -2.54 5.84
N LYS A 52 5.58 -2.48 6.56
CA LYS A 52 6.22 -1.22 6.96
C LYS A 52 6.79 -0.49 5.73
N ARG A 53 7.58 -1.26 4.94
CA ARG A 53 8.17 -0.81 3.66
C ARG A 53 7.07 -0.33 2.70
N CYS A 54 6.05 -1.21 2.60
CA CYS A 54 4.85 -1.00 1.79
C CYS A 54 4.14 0.30 2.20
N ALA A 55 3.99 0.53 3.50
CA ALA A 55 3.26 1.69 4.03
C ALA A 55 3.99 3.00 3.71
N ARG A 56 5.32 2.97 3.84
CA ARG A 56 6.19 4.14 3.58
C ARG A 56 6.20 4.51 2.09
N LEU A 57 6.25 3.48 1.21
CA LEU A 57 6.39 3.68 -0.25
C LEU A 57 5.02 4.10 -0.88
N LEU A 58 3.91 3.61 -0.27
CA LEU A 58 2.54 3.99 -0.68
C LEU A 58 2.24 5.43 -0.25
N THR A 59 2.68 5.79 0.96
CA THR A 59 2.61 7.17 1.47
C THR A 59 3.46 8.11 0.58
N ARG A 60 4.66 7.64 0.20
CA ARG A 60 5.63 8.39 -0.60
C ARG A 60 5.05 8.67 -2.01
N LEU A 61 4.26 7.71 -2.51
CA LEU A 61 3.50 7.86 -3.77
C LEU A 61 2.33 8.86 -3.57
N ALA A 62 1.64 8.75 -2.42
CA ALA A 62 0.43 9.53 -2.12
C ALA A 62 0.72 11.03 -1.86
N VAL A 63 1.94 11.33 -1.39
CA VAL A 63 2.38 12.71 -1.12
C VAL A 63 2.96 13.38 -2.39
N SER A 64 3.08 12.60 -3.49
CA SER A 64 3.59 13.11 -4.78
C SER A 64 2.51 13.96 -5.49
N PRO A 65 2.92 15.00 -6.32
CA PRO A 65 1.99 15.90 -7.05
C PRO A 65 0.95 15.18 -7.95
N LEU A 66 1.30 13.97 -8.44
CA LEU A 66 0.39 13.17 -9.29
C LEU A 66 -0.87 12.68 -8.52
N CYS A 67 -0.81 12.73 -7.17
CA CYS A 67 -1.93 12.34 -6.27
C CYS A 67 -2.67 13.56 -5.69
N SER A 68 -2.53 14.71 -6.37
CA SER A 68 -3.18 15.95 -5.95
C SER A 68 -3.41 16.85 -7.17
N GLN A 69 -4.35 17.80 -7.06
CA GLN A 69 -4.58 18.80 -8.10
C GLN A 69 -3.43 19.84 -8.08
N THR A 70 -2.55 19.75 -9.09
CA THR A 70 -1.30 20.52 -9.19
C THR A 70 -1.13 21.03 -10.64
N SER A 1 1.61 -11.70 0.79
CA SER A 1 0.65 -12.00 -0.28
C SER A 1 0.01 -13.37 -0.04
N ARG A 2 -1.01 -13.68 -0.87
CA ARG A 2 -1.77 -14.94 -0.79
C ARG A 2 -2.58 -15.03 0.53
N SER A 3 -3.06 -16.23 0.88
CA SER A 3 -3.80 -16.46 2.13
C SER A 3 -2.84 -16.42 3.33
N ALA A 4 -2.63 -15.23 3.90
CA ALA A 4 -1.75 -15.02 5.06
C ALA A 4 -2.60 -14.79 6.32
N GLU A 5 -2.53 -15.72 7.29
CA GLU A 5 -3.28 -15.63 8.55
C GLU A 5 -2.53 -14.69 9.53
N ILE A 6 -2.86 -13.38 9.51
CA ILE A 6 -2.31 -12.39 10.47
C ILE A 6 -3.05 -12.56 11.82
N PHE A 7 -4.35 -12.21 11.84
CA PHE A 7 -5.26 -12.38 13.00
C PHE A 7 -6.70 -12.73 12.50
N PRO A 8 -7.39 -11.85 11.65
CA PRO A 8 -8.83 -12.07 11.28
C PRO A 8 -9.08 -12.80 9.92
N ARG A 9 -8.00 -13.08 9.14
CA ARG A 9 -8.07 -13.79 7.82
C ARG A 9 -9.04 -13.06 6.82
N ASP A 10 -8.56 -12.04 6.11
CA ASP A 10 -9.37 -11.32 5.08
C ASP A 10 -8.67 -11.31 3.74
N SER A 11 -9.47 -11.34 2.66
CA SER A 11 -9.00 -11.15 1.28
C SER A 11 -8.53 -9.69 1.08
N ASN A 12 -9.11 -8.78 1.89
CA ASN A 12 -8.75 -7.35 1.90
C ASN A 12 -7.83 -6.99 3.09
N LEU A 13 -7.27 -8.01 3.81
CA LEU A 13 -6.51 -7.80 5.07
C LEU A 13 -5.32 -6.84 4.85
N LYS A 14 -4.47 -7.19 3.88
CA LYS A 14 -3.25 -6.42 3.55
C LYS A 14 -3.61 -4.93 3.32
N ASP A 15 -4.58 -4.68 2.44
CA ASP A 15 -4.95 -3.30 2.01
C ASP A 15 -5.56 -2.48 3.16
N LYS A 16 -6.45 -3.11 3.95
CA LYS A 16 -7.15 -2.41 5.05
C LYS A 16 -6.17 -2.11 6.21
N PHE A 17 -5.25 -3.05 6.45
CA PHE A 17 -4.13 -2.90 7.41
C PHE A 17 -3.29 -1.68 7.03
N ILE A 18 -2.92 -1.63 5.74
CA ILE A 18 -2.04 -0.59 5.19
C ILE A 18 -2.69 0.80 5.29
N LYS A 19 -3.95 0.93 4.81
CA LYS A 19 -4.66 2.22 4.82
C LYS A 19 -5.00 2.66 6.25
N HIS A 20 -5.06 1.69 7.19
CA HIS A 20 -5.14 1.99 8.63
C HIS A 20 -3.81 2.58 9.13
N PHE A 21 -2.71 2.00 8.64
CA PHE A 21 -1.33 2.35 9.03
C PHE A 21 -0.90 3.70 8.41
N THR A 22 -1.42 4.01 7.21
CA THR A 22 -1.03 5.20 6.42
C THR A 22 -2.02 6.35 6.60
N GLY A 23 -3.31 5.99 6.74
CA GLY A 23 -4.42 6.96 6.68
C GLY A 23 -5.13 6.90 5.32
N PRO A 24 -6.22 7.72 5.10
CA PRO A 24 -6.91 7.78 3.78
C PRO A 24 -5.97 8.28 2.66
N VAL A 25 -5.35 7.33 1.95
CA VAL A 25 -4.43 7.61 0.83
C VAL A 25 -5.12 8.43 -0.29
N THR A 26 -6.27 7.93 -0.78
CA THR A 26 -7.06 8.52 -1.89
C THR A 26 -6.16 8.92 -3.09
N PHE A 27 -5.69 7.90 -3.82
CA PHE A 27 -4.81 8.06 -4.98
C PHE A 27 -5.58 8.63 -6.19
N SER A 28 -4.94 9.60 -6.89
CA SER A 28 -5.44 10.16 -8.17
C SER A 28 -5.51 9.06 -9.27
N PRO A 29 -6.34 9.22 -10.37
CA PRO A 29 -6.45 8.21 -11.47
C PRO A 29 -5.09 7.68 -11.98
N GLU A 30 -4.13 8.57 -12.25
CA GLU A 30 -2.77 8.17 -12.68
C GLU A 30 -2.05 7.45 -11.53
N CYS A 31 -2.16 8.01 -10.33
CA CYS A 31 -1.54 7.47 -9.12
C CYS A 31 -2.10 6.09 -8.73
N SER A 32 -3.30 5.76 -9.23
CA SER A 32 -3.93 4.44 -9.03
C SER A 32 -3.25 3.38 -9.92
N LYS A 33 -2.77 3.81 -11.11
CA LYS A 33 -1.91 2.98 -11.98
C LYS A 33 -0.59 2.73 -11.27
N HIS A 34 0.03 3.82 -10.79
CA HIS A 34 1.29 3.77 -10.02
C HIS A 34 1.13 2.88 -8.79
N PHE A 35 -0.09 2.90 -8.21
CA PHE A 35 -0.46 2.05 -7.07
C PHE A 35 -0.40 0.57 -7.46
N HIS A 36 -1.05 0.19 -8.57
CA HIS A 36 -1.07 -1.22 -9.01
C HIS A 36 0.36 -1.72 -9.32
N ARG A 37 1.19 -0.82 -9.85
CA ARG A 37 2.58 -1.13 -10.19
C ARG A 37 3.41 -1.45 -8.93
N LEU A 38 3.56 -0.47 -8.02
CA LEU A 38 4.42 -0.63 -6.83
C LEU A 38 3.79 -1.60 -5.77
N TYR A 39 2.47 -1.87 -5.90
CA TYR A 39 1.77 -2.79 -4.98
C TYR A 39 2.07 -4.25 -5.36
N TYR A 40 1.84 -4.57 -6.65
CA TYR A 40 1.93 -5.96 -7.13
C TYR A 40 3.36 -6.35 -7.59
N ASN A 41 4.26 -5.36 -7.81
CA ASN A 41 5.63 -5.65 -8.33
C ASN A 41 6.71 -5.65 -7.25
N THR A 42 6.51 -4.94 -6.13
CA THR A 42 7.57 -4.81 -5.10
C THR A 42 7.45 -5.91 -4.04
N ARG A 43 8.61 -6.38 -3.55
CA ARG A 43 8.71 -7.21 -2.33
C ARG A 43 8.09 -6.47 -1.13
N GLU A 44 8.13 -5.13 -1.18
CA GLU A 44 7.65 -4.26 -0.10
C GLU A 44 6.13 -4.43 0.12
N CYS A 45 5.35 -4.41 -0.97
CA CYS A 45 3.88 -4.55 -0.91
C CYS A 45 3.40 -5.98 -1.27
N SER A 46 4.35 -6.93 -1.28
CA SER A 46 4.04 -8.35 -1.49
C SER A 46 4.31 -9.12 -0.20
N THR A 47 5.49 -8.91 0.40
CA THR A 47 5.92 -9.60 1.62
C THR A 47 5.15 -9.07 2.87
N PRO A 48 4.48 -10.00 3.64
CA PRO A 48 3.75 -9.65 4.89
C PRO A 48 4.66 -9.00 5.98
N ALA A 49 5.95 -9.37 6.00
CA ALA A 49 6.94 -8.78 6.92
C ALA A 49 7.22 -7.30 6.55
N TYR A 50 7.15 -7.00 5.24
CA TYR A 50 7.48 -5.67 4.70
C TYR A 50 6.23 -4.76 4.62
N TYR A 51 5.19 -5.06 5.43
CA TYR A 51 3.99 -4.19 5.59
C TYR A 51 4.36 -2.72 5.89
N LYS A 52 5.50 -2.54 6.56
CA LYS A 52 6.04 -1.23 6.92
C LYS A 52 6.53 -0.52 5.66
N ARG A 53 7.36 -1.24 4.86
CA ARG A 53 7.94 -0.70 3.61
C ARG A 53 6.82 -0.35 2.61
N CYS A 54 5.79 -1.19 2.59
CA CYS A 54 4.59 -1.00 1.77
C CYS A 54 3.87 0.29 2.17
N ALA A 55 3.69 0.45 3.48
CA ALA A 55 3.02 1.63 4.05
C ALA A 55 3.79 2.92 3.73
N ARG A 56 5.12 2.86 3.82
CA ARG A 56 6.02 4.01 3.58
C ARG A 56 6.03 4.41 2.09
N LEU A 57 6.04 3.40 1.20
CA LEU A 57 6.16 3.65 -0.26
C LEU A 57 4.81 4.10 -0.88
N LEU A 58 3.70 3.69 -0.24
CA LEU A 58 2.32 4.09 -0.64
C LEU A 58 2.01 5.52 -0.14
N THR A 59 2.48 5.83 1.07
CA THR A 59 2.44 7.19 1.62
C THR A 59 3.29 8.13 0.75
N ARG A 60 4.52 7.68 0.43
CA ARG A 60 5.47 8.44 -0.39
C ARG A 60 4.93 8.63 -1.81
N LEU A 61 4.18 7.63 -2.30
CA LEU A 61 3.48 7.71 -3.59
C LEU A 61 2.39 8.80 -3.52
N ALA A 62 1.62 8.78 -2.42
CA ALA A 62 0.47 9.67 -2.19
C ALA A 62 0.91 11.15 -2.02
N VAL A 63 2.14 11.37 -1.53
CA VAL A 63 2.71 12.73 -1.33
C VAL A 63 3.51 13.20 -2.58
N SER A 64 3.78 12.28 -3.52
CA SER A 64 4.40 12.61 -4.82
C SER A 64 3.42 13.47 -5.66
N PRO A 65 3.89 14.46 -6.51
CA PRO A 65 3.01 15.32 -7.33
C PRO A 65 2.08 14.56 -8.31
N LEU A 66 2.40 13.27 -8.59
CA LEU A 66 1.53 12.40 -9.43
C LEU A 66 0.22 12.00 -8.70
N CYS A 67 0.18 12.24 -7.39
CA CYS A 67 -0.91 11.79 -6.51
C CYS A 67 -1.47 12.97 -5.71
N SER A 68 -0.56 13.67 -5.01
CA SER A 68 -0.86 14.88 -4.26
C SER A 68 -1.47 15.94 -5.19
N GLN A 69 -2.51 16.62 -4.67
CA GLN A 69 -3.31 17.59 -5.43
C GLN A 69 -2.44 18.75 -5.94
N THR A 70 -2.44 18.94 -7.27
CA THR A 70 -1.68 19.98 -7.96
C THR A 70 -2.62 20.75 -8.93
N SER A 1 -0.75 -15.06 10.20
CA SER A 1 -0.66 -16.53 10.09
C SER A 1 0.35 -16.89 8.99
N ARG A 2 0.93 -18.11 9.11
CA ARG A 2 1.96 -18.67 8.19
C ARG A 2 3.31 -17.92 8.33
N SER A 3 3.34 -16.66 7.86
CA SER A 3 4.54 -15.80 7.91
C SER A 3 4.12 -14.30 7.96
N ALA A 4 2.89 -14.04 8.41
CA ALA A 4 2.29 -12.68 8.41
C ALA A 4 2.20 -12.08 9.83
N GLU A 5 1.95 -10.77 9.92
CA GLU A 5 1.96 -10.01 11.21
C GLU A 5 0.52 -9.84 11.77
N ILE A 6 -0.44 -10.62 11.25
CA ILE A 6 -1.87 -10.58 11.69
C ILE A 6 -2.41 -12.00 11.80
N PHE A 7 -3.71 -12.12 12.14
CA PHE A 7 -4.39 -13.42 12.31
C PHE A 7 -5.09 -13.87 10.99
N PRO A 8 -6.01 -13.03 10.37
CA PRO A 8 -6.66 -13.39 9.08
C PRO A 8 -5.69 -13.28 7.88
N ARG A 9 -5.86 -14.17 6.91
CA ARG A 9 -4.94 -14.33 5.77
C ARG A 9 -5.64 -13.90 4.46
N ASP A 10 -6.42 -12.82 4.58
CA ASP A 10 -7.13 -12.20 3.47
C ASP A 10 -6.21 -11.21 2.73
N SER A 11 -6.43 -11.03 1.41
CA SER A 11 -5.59 -10.18 0.55
C SER A 11 -5.90 -8.69 0.80
N ASN A 12 -7.20 -8.36 0.93
CA ASN A 12 -7.67 -6.98 1.17
C ASN A 12 -7.51 -6.58 2.64
N LEU A 13 -7.14 -7.56 3.51
CA LEU A 13 -6.69 -7.30 4.88
C LEU A 13 -5.41 -6.43 4.82
N LYS A 14 -4.50 -6.79 3.88
CA LYS A 14 -3.24 -6.08 3.68
C LYS A 14 -3.49 -4.59 3.37
N ASP A 15 -4.42 -4.33 2.42
CA ASP A 15 -4.87 -2.96 2.06
C ASP A 15 -5.46 -2.23 3.27
N LYS A 16 -6.37 -2.93 3.98
CA LYS A 16 -7.07 -2.42 5.18
C LYS A 16 -6.07 -1.93 6.23
N PHE A 17 -5.12 -2.82 6.57
CA PHE A 17 -4.11 -2.61 7.62
C PHE A 17 -3.24 -1.38 7.28
N ILE A 18 -2.72 -1.41 6.05
CA ILE A 18 -1.79 -0.41 5.52
C ILE A 18 -2.43 0.99 5.48
N LYS A 19 -3.64 1.12 4.90
CA LYS A 19 -4.31 2.44 4.77
C LYS A 19 -4.82 2.91 6.15
N HIS A 20 -5.15 1.96 7.04
CA HIS A 20 -5.54 2.27 8.43
C HIS A 20 -4.34 2.89 9.19
N PHE A 21 -3.15 2.37 8.88
CA PHE A 21 -1.89 2.76 9.52
C PHE A 21 -1.35 4.09 8.94
N THR A 22 -1.48 4.30 7.62
CA THR A 22 -0.86 5.44 6.91
C THR A 22 -1.77 6.67 6.90
N GLY A 23 -3.08 6.42 6.74
CA GLY A 23 -4.08 7.48 6.53
C GLY A 23 -4.96 7.19 5.31
N PRO A 24 -5.85 8.15 4.91
CA PRO A 24 -6.92 7.90 3.91
C PRO A 24 -6.42 7.62 2.48
N VAL A 25 -5.10 7.86 2.22
CA VAL A 25 -4.42 7.80 0.90
C VAL A 25 -5.24 8.42 -0.27
N THR A 26 -6.26 7.68 -0.78
CA THR A 26 -7.08 8.04 -1.95
C THR A 26 -6.20 8.42 -3.15
N PHE A 27 -5.66 7.38 -3.80
CA PHE A 27 -4.74 7.55 -4.93
C PHE A 27 -5.53 8.03 -6.16
N SER A 28 -5.05 9.09 -6.82
CA SER A 28 -5.65 9.63 -8.06
C SER A 28 -5.48 8.62 -9.22
N PRO A 29 -6.32 8.67 -10.33
CA PRO A 29 -6.24 7.70 -11.47
C PRO A 29 -4.80 7.35 -11.96
N GLU A 30 -3.93 8.39 -12.08
CA GLU A 30 -2.51 8.23 -12.43
C GLU A 30 -1.75 7.50 -11.29
N CYS A 31 -1.95 8.01 -10.07
CA CYS A 31 -1.34 7.44 -8.85
C CYS A 31 -1.82 6.02 -8.56
N SER A 32 -2.98 5.64 -9.13
CA SER A 32 -3.58 4.30 -8.95
C SER A 32 -2.93 3.32 -9.92
N LYS A 33 -2.48 3.82 -11.08
CA LYS A 33 -1.62 3.06 -12.01
C LYS A 33 -0.31 2.73 -11.30
N HIS A 34 0.32 3.79 -10.75
CA HIS A 34 1.57 3.70 -10.00
C HIS A 34 1.40 2.87 -8.73
N PHE A 35 0.18 2.88 -8.15
CA PHE A 35 -0.20 2.05 -7.00
C PHE A 35 -0.17 0.59 -7.40
N HIS A 36 -0.82 0.27 -8.51
CA HIS A 36 -0.91 -1.09 -9.04
C HIS A 36 0.51 -1.65 -9.32
N ARG A 37 1.38 -0.76 -9.82
CA ARG A 37 2.78 -1.08 -10.13
C ARG A 37 3.56 -1.43 -8.85
N LEU A 38 3.74 -0.45 -7.96
CA LEU A 38 4.66 -0.59 -6.79
C LEU A 38 4.09 -1.54 -5.71
N TYR A 39 2.77 -1.82 -5.78
CA TYR A 39 2.09 -2.73 -4.86
C TYR A 39 2.27 -4.18 -5.35
N TYR A 40 1.86 -4.44 -6.59
CA TYR A 40 1.80 -5.82 -7.13
C TYR A 40 3.11 -6.26 -7.81
N ASN A 41 4.10 -5.36 -7.94
CA ASN A 41 5.39 -5.69 -8.59
C ASN A 41 6.54 -5.80 -7.56
N THR A 42 6.40 -5.19 -6.38
CA THR A 42 7.45 -5.24 -5.33
C THR A 42 7.10 -6.34 -4.33
N ARG A 43 8.12 -7.05 -3.79
CA ARG A 43 7.91 -8.01 -2.68
C ARG A 43 7.58 -7.26 -1.38
N GLU A 44 7.87 -5.95 -1.36
CA GLU A 44 7.64 -5.08 -0.19
C GLU A 44 6.13 -4.87 0.08
N CYS A 45 5.31 -4.97 -0.97
CA CYS A 45 3.84 -4.90 -0.87
C CYS A 45 3.16 -6.24 -1.23
N SER A 46 3.98 -7.25 -1.61
CA SER A 46 3.49 -8.62 -1.87
C SER A 46 3.62 -9.46 -0.57
N THR A 47 4.63 -9.14 0.24
CA THR A 47 4.92 -9.81 1.52
C THR A 47 4.19 -9.08 2.69
N PRO A 48 3.30 -9.81 3.44
CA PRO A 48 2.61 -9.26 4.64
C PRO A 48 3.55 -9.02 5.86
N ALA A 49 4.80 -9.52 5.80
CA ALA A 49 5.83 -9.23 6.82
C ALA A 49 6.60 -7.92 6.48
N TYR A 50 6.35 -7.34 5.29
CA TYR A 50 6.98 -6.07 4.85
C TYR A 50 5.95 -4.93 4.84
N TYR A 51 4.97 -5.01 5.77
CA TYR A 51 3.91 -3.98 5.97
C TYR A 51 4.48 -2.55 6.13
N LYS A 52 5.64 -2.43 6.80
CA LYS A 52 6.29 -1.13 7.07
C LYS A 52 6.85 -0.52 5.78
N ARG A 53 7.53 -1.36 4.96
CA ARG A 53 8.11 -0.96 3.66
C ARG A 53 6.99 -0.46 2.73
N CYS A 54 5.90 -1.26 2.71
CA CYS A 54 4.73 -0.99 1.88
C CYS A 54 4.02 0.30 2.31
N ALA A 55 3.93 0.50 3.62
CA ALA A 55 3.28 1.69 4.22
C ALA A 55 3.98 2.98 3.78
N ARG A 56 5.32 2.96 3.89
CA ARG A 56 6.19 4.11 3.60
C ARG A 56 6.24 4.44 2.11
N LEU A 57 6.25 3.40 1.25
CA LEU A 57 6.37 3.56 -0.22
C LEU A 57 5.02 4.02 -0.82
N LEU A 58 3.90 3.61 -0.17
CA LEU A 58 2.53 4.03 -0.56
C LEU A 58 2.26 5.46 -0.12
N THR A 59 2.83 5.83 1.04
CA THR A 59 2.81 7.20 1.55
C THR A 59 3.64 8.13 0.63
N ARG A 60 4.84 7.65 0.25
CA ARG A 60 5.77 8.38 -0.61
C ARG A 60 5.15 8.59 -2.01
N LEU A 61 4.35 7.60 -2.45
CA LEU A 61 3.55 7.71 -3.66
C LEU A 61 2.40 8.72 -3.47
N ALA A 62 1.73 8.64 -2.31
CA ALA A 62 0.53 9.46 -2.00
C ALA A 62 0.87 10.97 -1.92
N VAL A 63 2.10 11.30 -1.48
CA VAL A 63 2.56 12.70 -1.33
C VAL A 63 3.12 13.28 -2.65
N SER A 64 3.20 12.45 -3.69
CA SER A 64 3.68 12.86 -5.04
C SER A 64 2.61 13.70 -5.77
N PRO A 65 2.98 14.60 -6.74
CA PRO A 65 2.01 15.51 -7.44
C PRO A 65 0.90 14.76 -8.22
N LEU A 66 1.20 13.51 -8.64
CA LEU A 66 0.22 12.66 -9.36
C LEU A 66 -0.85 12.04 -8.44
N CYS A 67 -0.73 12.30 -7.12
CA CYS A 67 -1.57 11.69 -6.08
C CYS A 67 -2.09 12.81 -5.15
N SER A 68 -1.15 13.45 -4.44
CA SER A 68 -1.37 14.71 -3.73
C SER A 68 -1.48 15.83 -4.79
N GLN A 69 -2.73 16.08 -5.20
CA GLN A 69 -3.07 16.98 -6.31
C GLN A 69 -2.70 18.43 -5.94
N THR A 70 -1.77 19.00 -6.71
CA THR A 70 -1.25 20.37 -6.52
C THR A 70 -1.52 21.22 -7.79
#